data_6I5Q
#
_entry.id   6I5Q
#
_cell.length_a   112.004
_cell.length_b   112.004
_cell.length_c   304.820
_cell.angle_alpha   90.00
_cell.angle_beta   90.00
_cell.angle_gamma   120.00
#
_symmetry.space_group_name_H-M   'P 32 2 1'
#
_entity_poly.entity_id   1
_entity_poly.type   'polypeptide(L)'
_entity_poly.pdbx_seq_one_letter_code
;GPAMATNGEIFNTYGHNHQSATVTKITASNESSNGVCYLSETANLGKLICIPMALRAAMELNVFQLISKFGTDAKVSASE
IASKMPNAKNNPEAAMYLDRILRLLGASSILSVSTTKKSINRGGDDVVVHEKLYGLTNSSCCLVPRQEDGVSLVEELLFT
SDKVVVDSFFKLKCVVEEKDSVPFEVAHGAKIFEYAATEPRMNQVFNDGMAVFSIVVFEAVFRVYDGFLDMKELLDVGGG
IGTSVSKIVAKYPLIRGVNFDLPHVISVAPQYPGVEHVAGDMFEEVPKGQNMLLKWVLHDWGDERCVKLLKNCWNSLPVG
GKVLIIEFVLPNELGNNAESFNALIPDLLLMALNPGGKERTISEYDDLGKAAGFIKTIPIPISNGLHVIEFHK
;
_entity_poly.pdbx_strand_id   A,B,C,D
#
# COMPACT_ATOMS: atom_id res chain seq x y z
N CYS A 37 -48.21 7.75 -23.72
CA CYS A 37 -48.30 8.95 -22.85
C CYS A 37 -46.96 9.69 -22.78
N TYR A 38 -46.71 10.56 -23.76
CA TYR A 38 -45.56 11.50 -23.83
C TYR A 38 -44.94 11.71 -22.45
N LEU A 39 -45.58 12.49 -21.58
CA LEU A 39 -45.02 12.99 -20.29
C LEU A 39 -44.44 11.84 -19.42
N SER A 40 -44.74 10.57 -19.74
CA SER A 40 -44.06 9.35 -19.23
C SER A 40 -42.74 9.14 -20.00
N GLU A 41 -42.83 9.00 -21.32
CA GLU A 41 -41.70 8.81 -22.27
C GLU A 41 -40.72 10.01 -22.26
N THR A 42 -40.95 11.08 -21.49
CA THR A 42 -40.00 12.22 -21.39
C THR A 42 -38.97 12.00 -20.28
N ALA A 43 -39.10 10.93 -19.49
CA ALA A 43 -38.16 10.57 -18.42
C ALA A 43 -37.40 9.30 -18.83
N ASN A 44 -38.12 8.26 -19.22
CA ASN A 44 -37.55 7.00 -19.74
C ASN A 44 -36.49 7.32 -20.78
N LEU A 45 -36.82 8.14 -21.79
CA LEU A 45 -35.86 8.53 -22.86
C LEU A 45 -35.03 9.76 -22.42
N GLY A 46 -35.57 10.62 -21.58
CA GLY A 46 -34.85 11.82 -21.11
C GLY A 46 -33.67 11.47 -20.23
N LYS A 47 -33.86 10.59 -19.24
CA LYS A 47 -32.81 10.26 -18.23
C LYS A 47 -31.56 9.70 -18.93
N LEU A 48 -31.77 8.94 -20.03
CA LEU A 48 -30.73 8.20 -20.79
C LEU A 48 -29.43 8.97 -20.99
N ILE A 49 -29.45 10.31 -21.00
CA ILE A 49 -28.21 11.13 -21.15
C ILE A 49 -27.73 11.62 -19.79
N CYS A 50 -28.60 11.86 -18.83
CA CYS A 50 -28.25 12.59 -17.59
C CYS A 50 -27.44 11.65 -16.68
N ILE A 51 -27.96 10.43 -16.49
CA ILE A 51 -27.39 9.36 -15.62
C ILE A 51 -25.89 9.25 -15.93
N PRO A 52 -25.48 8.96 -17.20
CA PRO A 52 -24.07 8.83 -17.54
C PRO A 52 -23.24 10.03 -17.09
N MET A 53 -23.71 11.23 -17.42
CA MET A 53 -22.88 12.44 -17.24
C MET A 53 -22.84 12.70 -15.74
N ALA A 54 -23.83 12.22 -14.99
CA ALA A 54 -23.86 12.34 -13.51
C ALA A 54 -22.81 11.39 -12.90
N LEU A 55 -22.91 10.10 -13.23
CA LEU A 55 -21.94 9.02 -12.86
C LEU A 55 -20.51 9.54 -13.07
N ARG A 56 -20.20 10.02 -14.29
CA ARG A 56 -18.91 10.68 -14.63
C ARG A 56 -18.49 11.63 -13.51
N ALA A 57 -19.30 12.66 -13.27
CA ALA A 57 -18.93 13.77 -12.36
C ALA A 57 -18.72 13.16 -10.98
N ALA A 58 -19.50 12.11 -10.69
CA ALA A 58 -19.44 11.38 -9.42
C ALA A 58 -18.05 10.72 -9.25
N MET A 59 -17.74 9.69 -10.07
CA MET A 59 -16.39 9.11 -10.27
C MET A 59 -15.35 10.24 -10.28
N GLU A 60 -15.57 11.28 -11.07
CA GLU A 60 -14.56 12.37 -11.20
C GLU A 60 -14.40 13.04 -9.82
N LEU A 61 -15.50 13.30 -9.11
CA LEU A 61 -15.43 13.98 -7.78
C LEU A 61 -14.94 12.98 -6.71
N ASN A 62 -14.88 11.69 -7.05
CA ASN A 62 -14.26 10.61 -6.23
C ASN A 62 -15.23 10.25 -5.09
N VAL A 63 -16.48 10.01 -5.44
CA VAL A 63 -17.62 9.91 -4.49
C VAL A 63 -17.69 8.50 -3.91
N PHE A 64 -17.26 7.48 -4.64
CA PHE A 64 -17.56 6.08 -4.25
C PHE A 64 -16.50 5.62 -3.25
N GLN A 65 -15.28 6.15 -3.33
CA GLN A 65 -14.18 5.84 -2.37
C GLN A 65 -14.49 6.51 -1.04
N LEU A 66 -14.99 7.76 -1.06
CA LEU A 66 -15.26 8.56 0.16
C LEU A 66 -16.43 7.96 0.95
N ILE A 67 -17.53 7.60 0.28
CA ILE A 67 -18.67 6.91 0.96
C ILE A 67 -18.13 5.62 1.59
N SER A 68 -17.15 4.96 0.98
CA SER A 68 -16.57 3.70 1.52
C SER A 68 -15.69 4.06 2.72
N LYS A 69 -14.84 5.09 2.56
CA LYS A 69 -13.92 5.58 3.62
C LYS A 69 -14.71 5.99 4.86
N PHE A 70 -16.03 5.76 4.88
CA PHE A 70 -16.88 5.99 6.08
C PHE A 70 -17.12 4.68 6.81
N GLY A 71 -17.54 3.63 6.10
CA GLY A 71 -17.80 2.32 6.74
C GLY A 71 -18.34 1.29 5.77
N THR A 72 -18.76 0.13 6.31
CA THR A 72 -19.22 -1.03 5.52
C THR A 72 -20.55 -0.62 4.89
N ASP A 73 -21.65 -0.68 5.65
CA ASP A 73 -23.01 -0.37 5.12
C ASP A 73 -23.37 1.09 5.43
N ALA A 74 -22.33 1.92 5.62
CA ALA A 74 -22.40 3.38 5.81
C ALA A 74 -23.47 4.00 4.89
N LYS A 75 -24.30 4.87 5.47
CA LYS A 75 -25.23 5.81 4.77
C LYS A 75 -24.74 7.22 5.10
N VAL A 76 -24.04 7.88 4.15
CA VAL A 76 -23.43 9.23 4.34
C VAL A 76 -24.23 10.27 3.53
N SER A 77 -23.97 11.54 3.82
CA SER A 77 -24.70 12.73 3.27
C SER A 77 -23.72 13.72 2.66
N ALA A 78 -24.14 14.32 1.54
CA ALA A 78 -23.43 15.38 0.78
C ALA A 78 -22.59 16.24 1.71
N SER A 79 -23.20 16.82 2.74
CA SER A 79 -22.52 17.77 3.68
C SER A 79 -21.14 17.20 4.06
N GLU A 80 -21.10 15.91 4.38
CA GLU A 80 -19.90 15.19 4.91
C GLU A 80 -18.97 14.83 3.76
N ILE A 81 -19.54 14.18 2.73
CA ILE A 81 -18.84 13.79 1.47
C ILE A 81 -18.06 15.01 0.94
N ALA A 82 -18.73 16.18 0.91
CA ALA A 82 -18.18 17.48 0.49
C ALA A 82 -16.91 17.82 1.29
N SER A 83 -16.98 17.75 2.62
CA SER A 83 -15.89 18.17 3.55
C SER A 83 -14.66 17.29 3.35
N LYS A 84 -14.87 16.09 2.80
CA LYS A 84 -13.81 15.10 2.42
C LYS A 84 -13.16 15.48 1.09
N MET A 85 -13.86 16.19 0.20
CA MET A 85 -13.28 16.79 -1.05
C MET A 85 -12.48 18.02 -0.67
N PRO A 86 -11.13 17.96 -0.70
CA PRO A 86 -10.32 19.09 -0.23
C PRO A 86 -10.45 20.26 -1.21
N ASN A 87 -11.00 20.00 -2.39
CA ASN A 87 -11.11 20.95 -3.51
C ASN A 87 -12.36 21.79 -3.30
N ALA A 88 -13.31 21.27 -2.52
CA ALA A 88 -14.65 21.85 -2.23
C ALA A 88 -14.69 22.45 -0.82
N LYS A 89 -13.52 22.69 -0.21
CA LYS A 89 -13.40 23.30 1.13
C LYS A 89 -13.86 24.76 1.06
N ASN A 90 -13.64 25.42 -0.09
CA ASN A 90 -13.74 26.90 -0.29
C ASN A 90 -14.96 27.29 -1.15
N ASN A 91 -15.80 26.33 -1.56
CA ASN A 91 -17.05 26.55 -2.36
C ASN A 91 -18.28 26.28 -1.51
N PRO A 92 -18.70 27.25 -0.65
CA PRO A 92 -19.81 27.07 0.27
C PRO A 92 -20.90 26.07 -0.14
N GLU A 93 -21.46 26.29 -1.34
CA GLU A 93 -22.66 25.58 -1.86
C GLU A 93 -22.24 24.17 -2.30
N ALA A 94 -20.93 23.92 -2.39
CA ALA A 94 -20.34 22.58 -2.61
C ALA A 94 -21.39 21.49 -2.31
N ALA A 95 -21.68 21.23 -1.03
CA ALA A 95 -22.59 20.15 -0.60
C ALA A 95 -23.88 20.20 -1.43
N MET A 96 -24.57 21.34 -1.45
CA MET A 96 -25.89 21.57 -2.10
C MET A 96 -25.90 20.91 -3.49
N TYR A 97 -24.92 21.27 -4.33
CA TYR A 97 -24.82 20.74 -5.71
C TYR A 97 -24.56 19.21 -5.68
N LEU A 98 -23.57 18.72 -4.90
CA LEU A 98 -23.27 17.27 -4.81
C LEU A 98 -24.59 16.55 -4.55
N ASP A 99 -25.38 17.05 -3.60
CA ASP A 99 -26.69 16.44 -3.24
C ASP A 99 -27.52 16.32 -4.52
N ARG A 100 -27.60 17.42 -5.28
CA ARG A 100 -28.44 17.56 -6.51
C ARG A 100 -28.07 16.47 -7.51
N ILE A 101 -26.77 16.16 -7.61
CA ILE A 101 -26.24 15.12 -8.54
C ILE A 101 -26.58 13.73 -7.99
N LEU A 102 -26.16 13.47 -6.75
CA LEU A 102 -26.22 12.12 -6.11
C LEU A 102 -27.68 11.62 -6.12
N ARG A 103 -28.65 12.51 -5.87
CA ARG A 103 -30.12 12.27 -6.05
C ARG A 103 -30.37 11.48 -7.33
N LEU A 104 -29.88 11.99 -8.45
CA LEU A 104 -30.16 11.45 -9.80
C LEU A 104 -29.63 10.01 -9.83
N LEU A 105 -28.49 9.79 -9.16
CA LEU A 105 -27.82 8.47 -9.06
C LEU A 105 -28.66 7.52 -8.20
N GLY A 106 -29.18 8.00 -7.06
CA GLY A 106 -30.07 7.25 -6.15
C GLY A 106 -31.29 6.71 -6.88
N ALA A 107 -31.93 7.58 -7.65
CA ALA A 107 -33.15 7.25 -8.41
C ALA A 107 -32.88 6.05 -9.33
N SER A 108 -31.69 6.00 -9.91
CA SER A 108 -31.29 4.98 -10.92
C SER A 108 -30.60 3.79 -10.23
N SER A 109 -30.29 3.93 -8.95
CA SER A 109 -29.87 2.84 -8.03
C SER A 109 -28.35 2.62 -8.09
N ILE A 110 -27.60 3.46 -8.81
CA ILE A 110 -26.11 3.50 -8.67
C ILE A 110 -25.83 3.65 -7.16
N LEU A 111 -26.43 4.66 -6.53
CA LEU A 111 -26.41 4.88 -5.06
C LEU A 111 -27.73 4.39 -4.43
N SER A 112 -27.76 4.39 -3.09
CA SER A 112 -28.88 3.96 -2.20
C SER A 112 -29.22 5.12 -1.27
N VAL A 113 -30.50 5.24 -0.91
CA VAL A 113 -31.14 6.51 -0.45
C VAL A 113 -31.90 6.27 0.87
N SER A 114 -31.99 7.32 1.71
CA SER A 114 -32.71 7.30 3.02
C SER A 114 -32.78 8.72 3.61
N THR A 115 -33.67 8.90 4.60
CA THR A 115 -34.10 10.20 5.18
C THR A 115 -33.98 10.17 6.72
N GLU A 131 -33.22 15.58 4.60
CA GLU A 131 -31.81 15.21 4.28
C GLU A 131 -31.82 13.84 3.59
N LYS A 132 -30.98 13.68 2.56
CA LYS A 132 -30.73 12.37 1.88
C LYS A 132 -29.43 11.78 2.46
N LEU A 133 -29.41 10.47 2.71
CA LEU A 133 -28.16 9.70 3.02
C LEU A 133 -27.97 8.59 1.97
N TYR A 134 -26.82 8.60 1.28
CA TYR A 134 -26.52 7.63 0.19
C TYR A 134 -25.45 6.65 0.71
N GLY A 135 -25.37 5.45 0.10
CA GLY A 135 -24.28 4.50 0.36
C GLY A 135 -24.00 3.61 -0.85
N LEU A 136 -22.75 3.10 -0.96
CA LEU A 136 -22.34 2.22 -2.09
C LEU A 136 -23.41 1.12 -2.24
N THR A 137 -23.35 0.35 -3.32
CA THR A 137 -24.25 -0.79 -3.59
C THR A 137 -23.45 -1.79 -4.41
N ASN A 138 -24.05 -2.87 -4.87
CA ASN A 138 -23.34 -3.86 -5.71
C ASN A 138 -22.59 -3.06 -6.80
N SER A 139 -23.31 -2.25 -7.59
CA SER A 139 -22.73 -1.42 -8.68
C SER A 139 -21.84 -0.33 -8.06
N SER A 140 -22.38 0.57 -7.25
CA SER A 140 -21.59 1.67 -6.64
C SER A 140 -20.22 1.10 -6.20
N CYS A 141 -20.18 -0.17 -5.79
CA CYS A 141 -18.99 -0.86 -5.22
C CYS A 141 -17.90 -1.08 -6.28
N CYS A 142 -18.25 -1.66 -7.43
CA CYS A 142 -17.35 -1.84 -8.59
C CYS A 142 -16.72 -0.51 -9.06
N LEU A 143 -17.01 0.64 -8.41
CA LEU A 143 -16.31 1.92 -8.64
C LEU A 143 -15.49 2.30 -7.40
N VAL A 144 -15.04 1.33 -6.61
CA VAL A 144 -14.14 1.64 -5.45
C VAL A 144 -12.85 0.84 -5.52
N PRO A 145 -11.72 1.55 -5.68
CA PRO A 145 -10.42 0.92 -5.89
C PRO A 145 -10.08 -0.11 -4.80
N ARG A 146 -9.72 -1.32 -5.20
CA ARG A 146 -9.47 -2.48 -4.31
C ARG A 146 -8.24 -2.21 -3.44
N GLN A 147 -8.21 -2.79 -2.22
CA GLN A 147 -7.07 -2.72 -1.26
C GLN A 147 -5.78 -3.20 -1.97
N GLU A 148 -5.88 -4.36 -2.66
CA GLU A 148 -4.76 -5.09 -3.30
C GLU A 148 -4.08 -4.20 -4.33
N ASP A 149 -4.83 -3.82 -5.40
CA ASP A 149 -4.24 -3.37 -6.70
C ASP A 149 -4.63 -1.92 -7.04
N GLY A 150 -5.70 -1.41 -6.43
CA GLY A 150 -6.23 -0.07 -6.77
C GLY A 150 -7.13 -0.13 -8.01
N VAL A 151 -7.78 -1.26 -8.23
CA VAL A 151 -8.54 -1.50 -9.46
C VAL A 151 -10.03 -1.38 -9.15
N SER A 152 -10.74 -0.87 -10.16
CA SER A 152 -12.15 -0.42 -10.18
C SER A 152 -12.59 -0.59 -11.64
N LEU A 153 -13.88 -0.51 -11.96
CA LEU A 153 -14.37 -0.21 -13.32
C LEU A 153 -14.15 1.27 -13.71
N VAL A 154 -13.88 2.14 -12.72
CA VAL A 154 -13.69 3.58 -12.96
C VAL A 154 -12.89 3.82 -14.22
N GLU A 155 -11.66 3.34 -14.30
CA GLU A 155 -10.76 3.77 -15.39
C GLU A 155 -11.42 3.42 -16.75
N GLU A 156 -12.14 2.30 -16.83
CA GLU A 156 -12.77 1.81 -18.06
C GLU A 156 -13.99 2.66 -18.43
N LEU A 157 -14.84 2.95 -17.44
CA LEU A 157 -16.09 3.74 -17.62
C LEU A 157 -15.76 5.22 -17.90
N LEU A 158 -14.65 5.73 -17.36
CA LEU A 158 -14.14 7.11 -17.65
C LEU A 158 -13.59 7.22 -19.08
N PHE A 159 -13.38 6.09 -19.76
CA PHE A 159 -12.86 6.03 -21.14
C PHE A 159 -14.04 5.80 -22.10
N THR A 160 -14.86 4.78 -21.88
CA THR A 160 -16.12 4.58 -22.65
C THR A 160 -16.87 5.92 -22.81
N SER A 161 -16.78 6.86 -21.85
CA SER A 161 -17.59 8.10 -21.73
C SER A 161 -16.72 9.35 -21.88
N ASP A 162 -15.41 9.18 -22.01
CA ASP A 162 -14.50 10.32 -22.23
C ASP A 162 -15.02 11.18 -23.38
N LYS A 163 -14.62 12.45 -23.42
CA LYS A 163 -15.14 13.37 -24.45
C LYS A 163 -14.70 12.89 -25.83
N VAL A 164 -13.46 12.45 -26.03
CA VAL A 164 -13.00 12.19 -27.44
C VAL A 164 -13.81 10.99 -27.99
N VAL A 165 -14.54 10.24 -27.14
CA VAL A 165 -15.33 9.04 -27.56
C VAL A 165 -16.75 9.47 -27.87
N VAL A 166 -17.33 10.28 -26.99
CA VAL A 166 -18.73 10.79 -27.15
C VAL A 166 -18.78 11.62 -28.44
N ASP A 167 -17.95 12.66 -28.54
CA ASP A 167 -17.68 13.41 -29.79
C ASP A 167 -17.77 12.45 -30.99
N SER A 168 -17.11 11.29 -30.93
CA SER A 168 -17.12 10.30 -32.04
C SER A 168 -18.52 9.70 -32.12
N PHE A 169 -19.19 9.48 -30.98
CA PHE A 169 -20.57 8.95 -30.99
C PHE A 169 -21.50 9.96 -31.70
N PHE A 170 -21.31 11.24 -31.43
CA PHE A 170 -22.08 12.32 -32.08
C PHE A 170 -21.84 12.29 -33.58
N LYS A 171 -21.22 11.27 -34.17
CA LYS A 171 -21.19 11.14 -35.64
C LYS A 171 -21.47 9.68 -36.01
N LEU A 172 -22.17 8.97 -35.13
CA LEU A 172 -22.45 7.54 -35.38
C LEU A 172 -23.16 7.46 -36.74
N LYS A 173 -23.93 8.49 -37.12
CA LYS A 173 -24.85 8.42 -38.28
C LYS A 173 -24.01 8.37 -39.55
N CYS A 174 -22.92 9.12 -39.58
CA CYS A 174 -21.92 9.06 -40.67
C CYS A 174 -21.67 7.61 -41.11
N VAL A 175 -21.56 6.64 -40.17
CA VAL A 175 -21.28 5.21 -40.51
C VAL A 175 -22.40 4.70 -41.43
N VAL A 176 -23.64 5.17 -41.24
CA VAL A 176 -24.78 4.68 -42.06
C VAL A 176 -24.72 5.38 -43.41
N GLU A 177 -24.59 6.71 -43.41
CA GLU A 177 -24.53 7.57 -44.64
C GLU A 177 -23.16 7.43 -45.31
N GLU A 178 -22.29 8.45 -45.26
CA GLU A 178 -20.99 8.51 -45.99
C GLU A 178 -20.29 7.14 -45.91
N LYS A 179 -20.04 6.52 -47.07
CA LYS A 179 -19.32 5.21 -47.20
C LYS A 179 -17.84 5.39 -46.81
N ASP A 180 -17.30 4.40 -46.10
CA ASP A 180 -15.90 4.37 -45.60
C ASP A 180 -15.68 5.45 -44.52
N SER A 181 -16.76 5.97 -43.91
CA SER A 181 -16.66 7.08 -42.91
C SER A 181 -16.27 6.49 -41.54
N VAL A 182 -15.51 7.25 -40.78
CA VAL A 182 -15.03 6.84 -39.43
C VAL A 182 -15.34 7.97 -38.46
N PRO A 183 -16.39 7.81 -37.66
CA PRO A 183 -16.83 8.87 -36.76
C PRO A 183 -15.69 9.56 -36.02
N PHE A 184 -14.75 8.80 -35.49
CA PHE A 184 -13.58 9.42 -34.81
C PHE A 184 -12.98 10.51 -35.71
N GLU A 185 -12.82 10.23 -37.01
CA GLU A 185 -11.99 11.01 -37.95
C GLU A 185 -12.79 12.24 -38.32
N VAL A 186 -14.07 12.02 -38.63
CA VAL A 186 -15.12 13.06 -38.86
C VAL A 186 -15.09 14.09 -37.74
N ALA A 187 -14.94 13.60 -36.52
CA ALA A 187 -15.08 14.40 -35.29
C ALA A 187 -13.76 15.11 -34.97
N HIS A 188 -12.61 14.63 -35.43
CA HIS A 188 -11.30 15.13 -34.90
C HIS A 188 -10.30 15.53 -35.99
N GLY A 189 -10.45 15.10 -37.24
CA GLY A 189 -9.52 15.45 -38.31
C GLY A 189 -8.48 14.35 -38.47
N ALA A 190 -7.85 13.97 -37.37
CA ALA A 190 -6.82 12.91 -37.35
C ALA A 190 -7.47 11.53 -37.41
N LYS A 191 -6.67 10.52 -37.78
CA LYS A 191 -6.88 9.09 -37.46
C LYS A 191 -6.62 8.93 -35.95
N ILE A 192 -7.21 7.89 -35.35
CA ILE A 192 -7.12 7.57 -33.89
C ILE A 192 -5.67 7.71 -33.43
N PHE A 193 -4.69 7.13 -34.15
CA PHE A 193 -3.29 7.03 -33.67
C PHE A 193 -2.54 8.35 -33.88
N GLU A 194 -2.77 8.99 -35.03
CA GLU A 194 -2.29 10.37 -35.28
C GLU A 194 -2.67 11.20 -34.06
N TYR A 195 -3.96 11.16 -33.72
CA TYR A 195 -4.52 12.03 -32.66
C TYR A 195 -3.81 11.62 -31.37
N ALA A 196 -3.76 10.32 -31.07
CA ALA A 196 -3.31 9.81 -29.76
C ALA A 196 -1.81 10.05 -29.53
N ALA A 197 -1.03 10.28 -30.60
CA ALA A 197 0.43 10.45 -30.52
C ALA A 197 0.74 11.88 -30.12
N THR A 198 -0.20 12.80 -30.31
CA THR A 198 0.01 14.26 -30.09
C THR A 198 -0.92 14.72 -28.97
N GLU A 199 -1.55 13.76 -28.28
CA GLU A 199 -2.65 14.01 -27.29
C GLU A 199 -2.50 13.09 -26.09
N PRO A 200 -1.43 13.25 -25.26
CA PRO A 200 -1.19 12.37 -24.12
C PRO A 200 -2.43 11.99 -23.31
N ARG A 201 -3.20 13.00 -22.86
CA ARG A 201 -4.37 12.85 -21.94
C ARG A 201 -5.29 11.75 -22.47
N MET A 202 -5.59 11.77 -23.77
CA MET A 202 -6.43 10.75 -24.42
C MET A 202 -5.73 9.40 -24.36
N ASN A 203 -4.54 9.34 -24.94
CA ASN A 203 -3.69 8.13 -24.94
C ASN A 203 -3.80 7.44 -23.58
N GLN A 204 -3.58 8.20 -22.49
CA GLN A 204 -3.43 7.61 -21.13
C GLN A 204 -4.76 7.05 -20.65
N VAL A 205 -5.82 7.87 -20.66
CA VAL A 205 -7.23 7.47 -20.43
C VAL A 205 -7.50 6.12 -21.12
N PHE A 206 -7.10 5.96 -22.39
CA PHE A 206 -7.37 4.72 -23.17
C PHE A 206 -6.54 3.58 -22.55
N ASN A 207 -5.31 3.85 -22.14
CA ASN A 207 -4.46 2.77 -21.58
C ASN A 207 -5.04 2.36 -20.24
N ASP A 208 -5.16 3.31 -19.31
CA ASP A 208 -5.69 3.11 -17.93
C ASP A 208 -7.00 2.30 -17.98
N GLY A 209 -7.86 2.53 -18.96
CA GLY A 209 -9.13 1.78 -19.10
C GLY A 209 -8.91 0.38 -19.63
N MET A 210 -8.15 0.22 -20.72
CA MET A 210 -7.88 -1.11 -21.33
C MET A 210 -7.16 -1.92 -20.28
N ALA A 211 -6.27 -1.27 -19.52
CA ALA A 211 -5.51 -1.89 -18.40
C ALA A 211 -6.47 -2.61 -17.42
N VAL A 212 -7.10 -1.82 -16.57
CA VAL A 212 -8.13 -2.24 -15.60
C VAL A 212 -9.03 -3.32 -16.22
N PHE A 213 -9.47 -3.15 -17.46
CA PHE A 213 -10.47 -4.08 -18.04
C PHE A 213 -9.85 -5.47 -18.09
N SER A 214 -8.66 -5.57 -18.69
CA SER A 214 -7.86 -6.81 -18.79
C SER A 214 -7.79 -7.51 -17.43
N ILE A 215 -7.32 -6.80 -16.39
CA ILE A 215 -7.12 -7.35 -15.01
C ILE A 215 -8.38 -8.11 -14.59
N VAL A 216 -9.50 -7.41 -14.47
CA VAL A 216 -10.81 -8.05 -14.14
C VAL A 216 -11.14 -9.13 -15.18
N VAL A 217 -10.80 -8.95 -16.46
CA VAL A 217 -11.21 -9.91 -17.54
C VAL A 217 -10.50 -11.25 -17.30
N PHE A 218 -9.25 -11.20 -16.83
CA PHE A 218 -8.42 -12.41 -16.61
C PHE A 218 -8.87 -13.10 -15.33
N GLU A 219 -8.93 -12.35 -14.22
CA GLU A 219 -9.36 -12.87 -12.90
C GLU A 219 -10.49 -13.89 -13.13
N ALA A 220 -11.47 -13.51 -13.95
CA ALA A 220 -12.55 -14.39 -14.45
C ALA A 220 -11.98 -15.61 -15.19
N VAL A 221 -11.21 -15.40 -16.27
CA VAL A 221 -10.71 -16.49 -17.14
C VAL A 221 -10.14 -17.60 -16.24
N PHE A 222 -9.26 -17.17 -15.34
CA PHE A 222 -8.47 -18.02 -14.41
C PHE A 222 -9.35 -18.68 -13.37
N ARG A 223 -10.48 -18.08 -13.01
CA ARG A 223 -11.42 -18.72 -12.05
C ARG A 223 -12.20 -19.84 -12.76
N VAL A 224 -12.04 -20.06 -14.07
CA VAL A 224 -13.05 -20.87 -14.82
C VAL A 224 -12.40 -21.80 -15.86
N TYR A 225 -11.27 -21.42 -16.45
CA TYR A 225 -10.71 -22.11 -17.63
C TYR A 225 -9.60 -23.06 -17.18
N ASP A 226 -9.74 -24.36 -17.47
CA ASP A 226 -8.83 -25.41 -16.95
C ASP A 226 -7.58 -25.51 -17.83
N GLY A 227 -7.62 -24.98 -19.05
CA GLY A 227 -6.64 -25.27 -20.13
C GLY A 227 -5.18 -24.89 -19.84
N PHE A 228 -4.89 -23.86 -19.04
CA PHE A 228 -3.50 -23.36 -18.88
C PHE A 228 -2.67 -24.43 -18.17
N LEU A 229 -3.16 -24.93 -17.02
CA LEU A 229 -2.59 -26.10 -16.30
C LEU A 229 -2.65 -27.26 -17.29
N ASP A 230 -1.54 -27.57 -17.96
CA ASP A 230 -1.51 -28.56 -19.08
C ASP A 230 -0.87 -27.95 -20.34
N MET A 231 0.09 -27.02 -20.18
CA MET A 231 0.70 -26.24 -21.28
C MET A 231 2.16 -25.98 -20.95
N LYS A 232 3.04 -26.03 -21.95
CA LYS A 232 4.47 -25.65 -21.79
C LYS A 232 4.70 -24.32 -22.54
N GLU A 233 4.35 -24.27 -23.82
CA GLU A 233 4.48 -23.06 -24.67
C GLU A 233 3.13 -22.32 -24.70
N LEU A 234 3.15 -21.00 -24.47
CA LEU A 234 2.03 -20.11 -24.92
C LEU A 234 2.56 -18.88 -25.66
N LEU A 235 2.14 -18.76 -26.92
CA LEU A 235 2.44 -17.65 -27.84
C LEU A 235 1.23 -16.69 -27.86
N ASP A 236 1.39 -15.50 -27.26
CA ASP A 236 0.42 -14.37 -27.29
C ASP A 236 0.61 -13.58 -28.60
N VAL A 237 -0.26 -13.82 -29.60
CA VAL A 237 -0.28 -13.18 -30.94
C VAL A 237 -0.97 -11.83 -30.85
N GLY A 238 -0.23 -10.73 -30.93
CA GLY A 238 -0.80 -9.39 -30.77
C GLY A 238 -0.82 -8.99 -29.31
N GLY A 239 0.21 -9.38 -28.58
CA GLY A 239 0.24 -9.23 -27.13
C GLY A 239 0.64 -7.83 -26.71
N GLY A 240 0.94 -6.96 -27.66
CA GLY A 240 1.52 -5.67 -27.27
C GLY A 240 2.66 -5.91 -26.30
N ILE A 241 2.76 -5.19 -25.20
CA ILE A 241 3.94 -5.31 -24.32
C ILE A 241 3.84 -6.58 -23.47
N GLY A 242 2.92 -7.49 -23.80
CA GLY A 242 2.83 -8.88 -23.28
C GLY A 242 2.46 -8.91 -21.81
N THR A 243 1.77 -7.89 -21.34
CA THR A 243 1.19 -7.85 -19.97
C THR A 243 0.27 -9.07 -19.81
N SER A 244 -0.51 -9.45 -20.84
CA SER A 244 -1.33 -10.70 -20.79
C SER A 244 -0.39 -11.89 -20.51
N VAL A 245 0.50 -12.24 -21.43
CA VAL A 245 1.19 -13.56 -21.38
C VAL A 245 2.08 -13.64 -20.13
N SER A 246 2.45 -12.51 -19.54
CA SER A 246 3.05 -12.43 -18.17
C SER A 246 2.07 -12.98 -17.15
N LYS A 247 0.92 -12.32 -16.96
CA LYS A 247 -0.13 -12.71 -15.98
C LYS A 247 -0.32 -14.23 -16.07
N ILE A 248 -0.41 -14.78 -17.29
CA ILE A 248 -0.62 -16.23 -17.56
C ILE A 248 0.59 -17.03 -17.04
N VAL A 249 1.82 -16.63 -17.37
CA VAL A 249 3.07 -17.37 -17.02
C VAL A 249 3.30 -17.29 -15.50
N ALA A 250 3.07 -16.10 -14.93
CA ALA A 250 3.20 -15.83 -13.47
C ALA A 250 2.34 -16.81 -12.66
N LYS A 251 1.11 -17.12 -13.11
CA LYS A 251 0.14 -18.04 -12.45
C LYS A 251 0.40 -19.50 -12.86
N TYR A 252 1.24 -19.77 -13.87
CA TYR A 252 1.44 -21.12 -14.46
C TYR A 252 2.87 -21.22 -14.99
N PRO A 253 3.86 -21.26 -14.08
CA PRO A 253 5.27 -21.00 -14.40
C PRO A 253 5.93 -22.15 -15.15
N LEU A 254 5.27 -23.31 -15.22
CA LEU A 254 5.70 -24.37 -16.16
C LEU A 254 5.45 -23.90 -17.62
N ILE A 255 4.96 -22.67 -17.87
CA ILE A 255 4.76 -22.16 -19.26
C ILE A 255 5.86 -21.16 -19.62
N ARG A 256 6.65 -21.55 -20.63
CA ARG A 256 7.48 -20.66 -21.48
C ARG A 256 6.53 -19.81 -22.32
N GLY A 257 6.44 -18.52 -22.00
CA GLY A 257 5.63 -17.56 -22.76
C GLY A 257 6.41 -16.96 -23.90
N VAL A 258 5.75 -16.76 -25.03
CA VAL A 258 6.25 -15.91 -26.14
C VAL A 258 5.20 -14.82 -26.40
N ASN A 259 5.61 -13.56 -26.23
CA ASN A 259 4.83 -12.35 -26.61
C ASN A 259 5.22 -11.92 -28.03
N PHE A 260 4.25 -11.78 -28.93
CA PHE A 260 4.52 -11.50 -30.36
C PHE A 260 3.67 -10.37 -30.89
N ASP A 261 4.30 -9.27 -31.30
CA ASP A 261 3.63 -8.09 -31.92
C ASP A 261 4.61 -7.39 -32.85
N LEU A 262 4.29 -6.18 -33.29
CA LEU A 262 5.10 -5.43 -34.27
C LEU A 262 6.28 -4.81 -33.56
N PRO A 263 7.36 -4.60 -34.34
CA PRO A 263 8.60 -4.00 -33.83
C PRO A 263 8.37 -2.79 -32.93
N HIS A 264 7.58 -1.82 -33.38
CA HIS A 264 7.52 -0.50 -32.69
C HIS A 264 6.85 -0.70 -31.34
N VAL A 265 5.90 -1.64 -31.27
CA VAL A 265 5.24 -2.07 -30.00
C VAL A 265 6.28 -2.76 -29.12
N ILE A 266 6.78 -3.89 -29.63
CA ILE A 266 7.72 -4.85 -28.99
C ILE A 266 8.95 -4.06 -28.58
N SER A 267 9.27 -3.03 -29.38
CA SER A 267 10.45 -2.14 -29.26
C SER A 267 10.50 -1.51 -27.87
N VAL A 268 9.40 -1.56 -27.09
CA VAL A 268 9.32 -0.88 -25.75
C VAL A 268 8.89 -1.88 -24.67
N ALA A 269 8.19 -2.96 -25.03
CA ALA A 269 7.69 -3.90 -23.99
C ALA A 269 8.78 -4.08 -22.96
N PRO A 270 8.47 -4.15 -21.65
CA PRO A 270 9.49 -4.43 -20.65
C PRO A 270 9.85 -5.92 -20.72
N GLN A 271 10.65 -6.39 -19.75
CA GLN A 271 11.04 -7.82 -19.61
C GLN A 271 10.29 -8.41 -18.42
N TYR A 272 9.78 -9.62 -18.59
CA TYR A 272 9.07 -10.37 -17.54
C TYR A 272 9.67 -11.77 -17.44
N PRO A 273 9.74 -12.35 -16.22
CA PRO A 273 10.14 -13.75 -16.07
C PRO A 273 9.23 -14.67 -16.90
N GLY A 274 9.82 -15.49 -17.78
CA GLY A 274 9.15 -16.62 -18.46
C GLY A 274 8.57 -16.21 -19.80
N VAL A 275 9.01 -15.06 -20.33
CA VAL A 275 8.45 -14.44 -21.56
C VAL A 275 9.58 -14.05 -22.49
N GLU A 276 9.62 -14.63 -23.68
CA GLU A 276 10.47 -14.15 -24.80
C GLU A 276 9.59 -13.30 -25.73
N HIS A 277 9.95 -12.04 -25.91
CA HIS A 277 9.35 -11.15 -26.95
C HIS A 277 9.88 -11.52 -28.34
N VAL A 278 9.06 -11.26 -29.36
CA VAL A 278 9.32 -11.55 -30.80
C VAL A 278 8.55 -10.52 -31.63
N ALA A 279 9.29 -9.63 -32.29
CA ALA A 279 8.79 -8.60 -33.24
C ALA A 279 8.44 -9.29 -34.55
N GLY A 280 7.48 -8.74 -35.31
CA GLY A 280 6.99 -9.28 -36.59
C GLY A 280 5.57 -8.84 -36.94
N ASP A 281 5.01 -9.38 -38.03
CA ASP A 281 3.74 -8.93 -38.66
C ASP A 281 2.77 -10.10 -38.73
N MET A 282 1.89 -10.26 -37.73
CA MET A 282 1.06 -11.49 -37.66
C MET A 282 0.36 -11.81 -39.00
N PHE A 283 0.06 -10.82 -39.85
CA PHE A 283 -0.71 -11.08 -41.10
C PHE A 283 0.23 -11.58 -42.20
N GLU A 284 1.56 -11.53 -41.99
CA GLU A 284 2.59 -12.19 -42.86
C GLU A 284 2.79 -13.62 -42.34
N GLU A 285 3.69 -13.85 -41.37
CA GLU A 285 3.98 -15.16 -40.71
C GLU A 285 3.76 -15.04 -39.19
N VAL A 286 3.30 -16.11 -38.55
CA VAL A 286 3.29 -16.20 -37.05
C VAL A 286 4.35 -17.20 -36.61
N PRO A 287 5.19 -16.84 -35.61
CA PRO A 287 6.08 -17.80 -34.96
C PRO A 287 5.45 -19.18 -34.70
N LYS A 288 6.25 -20.26 -34.79
CA LYS A 288 5.89 -21.66 -34.41
C LYS A 288 5.64 -21.67 -32.89
N GLY A 289 4.69 -22.48 -32.42
CA GLY A 289 4.35 -22.54 -30.98
C GLY A 289 3.37 -23.66 -30.66
N GLN A 290 3.39 -24.18 -29.42
CA GLN A 290 2.55 -25.33 -29.00
C GLN A 290 1.08 -24.90 -29.03
N ASN A 291 0.82 -23.70 -28.50
CA ASN A 291 -0.52 -23.05 -28.44
C ASN A 291 -0.39 -21.54 -28.66
N MET A 292 -1.42 -20.94 -29.26
CA MET A 292 -1.50 -19.47 -29.40
C MET A 292 -2.72 -18.91 -28.68
N LEU A 293 -2.54 -17.71 -28.11
CA LEU A 293 -3.62 -16.84 -27.56
C LEU A 293 -3.88 -15.66 -28.52
N LEU A 294 -5.14 -15.26 -28.64
CA LEU A 294 -5.61 -14.11 -29.45
C LEU A 294 -6.67 -13.36 -28.65
N LYS A 295 -6.25 -12.48 -27.75
CA LYS A 295 -7.22 -11.79 -26.85
C LYS A 295 -7.56 -10.42 -27.45
N TRP A 296 -8.83 -10.23 -27.85
CA TRP A 296 -9.37 -8.94 -28.35
C TRP A 296 -8.61 -8.53 -29.61
N VAL A 297 -8.53 -9.45 -30.57
CA VAL A 297 -7.76 -9.29 -31.83
C VAL A 297 -8.72 -9.51 -32.99
N LEU A 298 -9.24 -10.74 -33.11
CA LEU A 298 -10.21 -11.07 -34.17
C LEU A 298 -11.20 -9.90 -34.35
N HIS A 299 -11.74 -9.33 -33.25
CA HIS A 299 -12.87 -8.37 -33.27
C HIS A 299 -12.48 -7.01 -33.87
N ASP A 300 -11.19 -6.78 -34.09
CA ASP A 300 -10.63 -5.50 -34.60
C ASP A 300 -10.54 -5.59 -36.14
N TRP A 301 -10.98 -6.71 -36.72
CA TRP A 301 -10.71 -7.05 -38.14
C TRP A 301 -11.93 -7.74 -38.74
N GLY A 302 -12.06 -7.70 -40.06
CA GLY A 302 -13.18 -8.28 -40.82
C GLY A 302 -12.84 -9.67 -41.30
N ASP A 303 -13.82 -10.38 -41.83
CA ASP A 303 -13.79 -11.86 -41.99
C ASP A 303 -12.51 -12.24 -42.78
N GLU A 304 -12.35 -11.80 -44.03
CA GLU A 304 -11.23 -12.20 -44.92
C GLU A 304 -9.89 -12.05 -44.19
N ARG A 305 -9.76 -11.06 -43.31
CA ARG A 305 -8.49 -10.67 -42.67
C ARG A 305 -8.29 -11.44 -41.34
N CYS A 306 -9.37 -11.80 -40.64
CA CYS A 306 -9.33 -12.77 -39.50
C CYS A 306 -8.86 -14.13 -40.02
N VAL A 307 -9.39 -14.57 -41.17
CA VAL A 307 -9.06 -15.90 -41.77
C VAL A 307 -7.55 -15.99 -42.05
N LYS A 308 -6.93 -15.00 -42.70
CA LYS A 308 -5.47 -15.08 -42.98
C LYS A 308 -4.72 -15.17 -41.63
N LEU A 309 -5.04 -14.31 -40.64
CA LEU A 309 -4.38 -14.34 -39.29
C LEU A 309 -4.48 -15.75 -38.71
N LEU A 310 -5.68 -16.34 -38.76
CA LEU A 310 -5.92 -17.71 -38.20
C LEU A 310 -5.25 -18.78 -39.07
N LYS A 311 -5.30 -18.65 -40.40
CA LYS A 311 -4.49 -19.46 -41.33
C LYS A 311 -3.05 -19.41 -40.82
N ASN A 312 -2.36 -18.28 -40.96
CA ASN A 312 -0.94 -18.15 -40.50
C ASN A 312 -0.75 -18.85 -39.15
N CYS A 313 -1.70 -18.70 -38.22
CA CYS A 313 -1.69 -19.39 -36.90
C CYS A 313 -1.65 -20.93 -37.10
N TRP A 314 -2.64 -21.48 -37.81
CA TRP A 314 -2.75 -22.93 -38.14
C TRP A 314 -1.47 -23.42 -38.86
N ASN A 315 -0.73 -22.53 -39.53
CA ASN A 315 0.51 -22.91 -40.27
C ASN A 315 1.70 -23.05 -39.31
N SER A 316 1.66 -22.41 -38.15
CA SER A 316 2.80 -22.45 -37.18
C SER A 316 2.41 -23.29 -35.96
N LEU A 317 1.25 -23.97 -36.01
CA LEU A 317 0.82 -24.89 -34.93
C LEU A 317 1.23 -26.34 -35.25
N PRO A 318 1.61 -27.15 -34.22
CA PRO A 318 1.65 -28.60 -34.36
C PRO A 318 0.23 -29.15 -34.45
N VAL A 319 0.05 -30.43 -34.76
CA VAL A 319 -1.27 -31.14 -34.60
C VAL A 319 -1.54 -31.29 -33.10
N GLY A 320 -2.81 -31.10 -32.70
CA GLY A 320 -3.21 -31.04 -31.29
C GLY A 320 -2.83 -29.72 -30.68
N GLY A 321 -2.21 -28.83 -31.46
CA GLY A 321 -2.10 -27.40 -31.13
C GLY A 321 -3.45 -26.71 -31.25
N LYS A 322 -3.61 -25.56 -30.57
CA LYS A 322 -4.91 -24.84 -30.46
C LYS A 322 -4.68 -23.33 -30.36
N VAL A 323 -5.49 -22.53 -31.08
CA VAL A 323 -5.58 -21.04 -30.94
C VAL A 323 -6.63 -20.78 -29.84
N LEU A 324 -6.27 -20.03 -28.81
CA LEU A 324 -7.24 -19.58 -27.78
C LEU A 324 -7.78 -18.18 -28.15
N ILE A 325 -9.09 -18.05 -28.42
CA ILE A 325 -9.80 -16.77 -28.74
C ILE A 325 -10.51 -16.28 -27.46
N ILE A 326 -10.07 -15.15 -26.88
CA ILE A 326 -10.75 -14.50 -25.72
C ILE A 326 -11.49 -13.26 -26.20
N GLU A 327 -12.81 -13.39 -26.40
CA GLU A 327 -13.71 -12.29 -26.82
C GLU A 327 -15.00 -12.31 -25.98
N PHE A 328 -15.61 -11.15 -25.76
CA PHE A 328 -17.05 -11.04 -25.40
C PHE A 328 -17.84 -11.44 -26.66
N VAL A 329 -18.73 -12.42 -26.52
CA VAL A 329 -19.45 -13.06 -27.68
C VAL A 329 -20.88 -12.50 -27.77
N LEU A 330 -21.31 -12.21 -29.00
CA LEU A 330 -22.63 -11.61 -29.30
C LEU A 330 -23.65 -12.73 -29.19
N PRO A 331 -24.54 -12.70 -28.18
CA PRO A 331 -25.68 -13.61 -28.13
C PRO A 331 -26.41 -13.67 -29.47
N ASN A 332 -27.15 -14.76 -29.68
CA ASN A 332 -27.99 -14.98 -30.89
C ASN A 332 -29.40 -14.45 -30.64
N GLU A 333 -29.76 -14.08 -29.39
CA GLU A 333 -30.98 -13.30 -29.11
C GLU A 333 -30.74 -12.34 -27.94
N LEU A 334 -30.76 -11.02 -28.21
CA LEU A 334 -30.29 -9.96 -27.27
C LEU A 334 -31.41 -9.59 -26.30
N GLY A 335 -31.07 -8.98 -25.17
CA GLY A 335 -32.02 -8.53 -24.13
C GLY A 335 -31.34 -7.61 -23.14
N ASN A 336 -32.02 -7.16 -22.07
CA ASN A 336 -31.47 -6.28 -21.01
C ASN A 336 -30.60 -7.12 -20.04
N ASN A 337 -29.67 -7.86 -20.61
CA ASN A 337 -28.75 -8.83 -19.94
C ASN A 337 -27.32 -8.38 -20.18
N ALA A 338 -26.45 -8.60 -19.19
CA ALA A 338 -25.01 -8.24 -19.24
C ALA A 338 -24.33 -9.01 -20.38
N GLU A 339 -24.87 -10.15 -20.80
CA GLU A 339 -24.24 -10.94 -21.89
C GLU A 339 -24.46 -10.15 -23.18
N SER A 340 -25.56 -9.40 -23.30
CA SER A 340 -25.91 -8.61 -24.50
C SER A 340 -25.04 -7.33 -24.54
N PHE A 341 -25.14 -6.48 -23.52
CA PHE A 341 -24.48 -5.14 -23.54
C PHE A 341 -22.96 -5.33 -23.56
N ASN A 342 -22.45 -6.39 -22.91
CA ASN A 342 -20.98 -6.62 -22.81
C ASN A 342 -20.43 -6.87 -24.21
N ALA A 343 -21.30 -7.19 -25.17
CA ALA A 343 -20.97 -7.35 -26.60
C ALA A 343 -21.35 -6.09 -27.40
N LEU A 344 -22.44 -5.40 -27.02
CA LEU A 344 -22.95 -4.24 -27.80
C LEU A 344 -22.04 -3.02 -27.60
N ILE A 345 -21.79 -2.64 -26.35
CA ILE A 345 -20.86 -1.52 -26.00
C ILE A 345 -19.61 -1.58 -26.89
N PRO A 346 -18.83 -2.68 -26.90
CA PRO A 346 -17.66 -2.73 -27.77
C PRO A 346 -18.03 -2.62 -29.26
N ASP A 347 -19.13 -3.25 -29.69
CA ASP A 347 -19.52 -3.25 -31.13
C ASP A 347 -19.86 -1.81 -31.55
N LEU A 348 -20.36 -1.00 -30.61
CA LEU A 348 -20.58 0.45 -30.85
C LEU A 348 -19.22 1.14 -30.89
N LEU A 349 -18.46 1.12 -29.79
CA LEU A 349 -17.11 1.76 -29.71
C LEU A 349 -16.30 1.50 -30.99
N LEU A 350 -16.44 0.28 -31.52
CA LEU A 350 -15.83 -0.10 -32.82
C LEU A 350 -16.35 0.86 -33.90
N MET A 351 -17.62 0.72 -34.28
CA MET A 351 -18.23 1.63 -35.30
C MET A 351 -17.71 3.07 -35.11
N ALA A 352 -17.59 3.55 -33.88
CA ALA A 352 -17.18 4.93 -33.57
C ALA A 352 -15.70 5.14 -33.88
N LEU A 353 -14.85 4.19 -33.43
CA LEU A 353 -13.37 4.37 -33.28
C LEU A 353 -12.63 3.52 -34.30
N ASN A 354 -13.23 2.39 -34.72
CA ASN A 354 -12.74 1.44 -35.75
C ASN A 354 -13.92 0.63 -36.29
N PRO A 355 -14.49 1.06 -37.43
CA PRO A 355 -15.68 0.42 -37.97
C PRO A 355 -15.38 -0.84 -38.79
N GLY A 356 -14.09 -1.10 -39.06
CA GLY A 356 -13.61 -2.39 -39.59
C GLY A 356 -13.95 -3.54 -38.64
N GLY A 357 -13.68 -3.33 -37.35
CA GLY A 357 -13.99 -4.29 -36.28
C GLY A 357 -15.48 -4.48 -36.11
N LYS A 358 -15.89 -5.70 -35.73
CA LYS A 358 -17.24 -6.02 -35.19
C LYS A 358 -17.12 -7.03 -34.05
N GLU A 359 -18.17 -7.14 -33.23
CA GLU A 359 -18.40 -8.33 -32.38
C GLU A 359 -19.06 -9.42 -33.26
N ARG A 360 -19.04 -10.68 -32.80
CA ARG A 360 -19.43 -11.89 -33.59
C ARG A 360 -20.20 -12.87 -32.71
N THR A 361 -20.93 -13.77 -33.36
CA THR A 361 -21.75 -14.84 -32.75
C THR A 361 -20.93 -16.13 -32.78
N ILE A 362 -21.09 -17.03 -31.79
CA ILE A 362 -20.27 -18.27 -31.68
C ILE A 362 -20.21 -18.95 -33.06
N SER A 363 -21.36 -19.03 -33.74
CA SER A 363 -21.44 -19.63 -35.10
C SER A 363 -20.48 -18.90 -36.07
N GLU A 364 -20.36 -17.57 -35.96
CA GLU A 364 -19.50 -16.80 -36.88
C GLU A 364 -18.02 -17.13 -36.55
N TYR A 365 -17.64 -17.11 -35.26
CA TYR A 365 -16.25 -17.43 -34.81
C TYR A 365 -15.90 -18.82 -35.36
N ASP A 366 -16.85 -19.75 -35.24
CA ASP A 366 -16.67 -21.13 -35.72
C ASP A 366 -16.40 -21.13 -37.23
N ASP A 367 -17.22 -20.43 -38.01
CA ASP A 367 -17.05 -20.34 -39.49
C ASP A 367 -15.62 -19.84 -39.82
N LEU A 368 -15.15 -18.83 -39.11
CA LEU A 368 -13.79 -18.24 -39.28
C LEU A 368 -12.77 -19.37 -39.12
N GLY A 369 -12.80 -20.05 -37.97
CA GLY A 369 -11.83 -21.10 -37.61
C GLY A 369 -11.74 -22.14 -38.72
N LYS A 370 -12.90 -22.67 -39.11
CA LYS A 370 -13.07 -23.74 -40.12
C LYS A 370 -12.46 -23.29 -41.44
N ALA A 371 -12.64 -22.01 -41.82
CA ALA A 371 -12.03 -21.37 -43.02
C ALA A 371 -10.51 -21.46 -42.99
N ALA A 372 -9.90 -21.35 -41.81
CA ALA A 372 -8.43 -21.45 -41.61
C ALA A 372 -8.00 -22.93 -41.61
N GLY A 373 -8.93 -23.85 -41.36
CA GLY A 373 -8.70 -25.31 -41.44
C GLY A 373 -8.33 -25.90 -40.10
N PHE A 374 -8.81 -25.32 -39.00
CA PHE A 374 -8.99 -26.00 -37.69
C PHE A 374 -10.14 -26.97 -37.90
N ILE A 375 -10.44 -27.81 -36.91
CA ILE A 375 -11.37 -28.96 -37.12
C ILE A 375 -12.20 -29.23 -35.86
N LYS A 376 -12.05 -28.40 -34.84
CA LYS A 376 -12.91 -28.53 -33.64
C LYS A 376 -12.99 -27.13 -33.02
N THR A 377 -14.21 -26.69 -32.68
CA THR A 377 -14.48 -25.42 -31.97
C THR A 377 -15.13 -25.80 -30.63
N ILE A 378 -14.49 -25.48 -29.51
CA ILE A 378 -15.05 -25.71 -28.14
C ILE A 378 -15.27 -24.36 -27.47
N PRO A 379 -16.49 -23.83 -27.59
CA PRO A 379 -16.89 -22.61 -26.90
C PRO A 379 -16.88 -22.78 -25.38
N ILE A 380 -16.17 -21.94 -24.64
CA ILE A 380 -16.09 -22.08 -23.15
C ILE A 380 -16.55 -20.80 -22.47
N PRO A 381 -17.84 -20.74 -22.06
CA PRO A 381 -18.37 -19.61 -21.30
C PRO A 381 -17.55 -19.36 -20.03
N ILE A 382 -17.21 -18.11 -19.78
CA ILE A 382 -16.42 -17.66 -18.61
C ILE A 382 -17.37 -16.88 -17.71
N SER A 383 -17.98 -15.80 -18.19
CA SER A 383 -18.81 -14.89 -17.36
C SER A 383 -19.46 -13.80 -18.24
N ASN A 384 -20.74 -13.53 -17.98
CA ASN A 384 -21.58 -12.49 -18.65
C ASN A 384 -21.13 -12.28 -20.10
N GLY A 385 -20.91 -13.34 -20.89
CA GLY A 385 -20.68 -13.26 -22.35
C GLY A 385 -19.23 -13.49 -22.74
N LEU A 386 -18.30 -13.20 -21.82
CA LEU A 386 -16.85 -13.49 -21.97
C LEU A 386 -16.64 -14.97 -22.27
N HIS A 387 -15.81 -15.28 -23.27
CA HIS A 387 -15.52 -16.67 -23.72
C HIS A 387 -14.03 -16.90 -23.96
N VAL A 388 -13.62 -18.14 -23.77
CA VAL A 388 -12.45 -18.78 -24.43
C VAL A 388 -13.01 -19.68 -25.51
N ILE A 389 -12.71 -19.39 -26.77
CA ILE A 389 -13.06 -20.28 -27.90
C ILE A 389 -11.75 -20.94 -28.32
N GLU A 390 -11.70 -22.28 -28.25
CA GLU A 390 -10.50 -23.13 -28.56
C GLU A 390 -10.61 -23.59 -30.02
N PHE A 391 -9.66 -23.20 -30.87
CA PHE A 391 -9.56 -23.80 -32.22
C PHE A 391 -8.52 -24.91 -32.14
N HIS A 392 -8.99 -26.17 -32.11
CA HIS A 392 -8.16 -27.40 -32.11
C HIS A 392 -7.72 -27.71 -33.55
N LYS A 393 -6.40 -27.75 -33.80
CA LYS A 393 -5.83 -28.22 -35.11
C LYS A 393 -5.95 -29.74 -35.24
N CYS B 37 -20.20 -8.90 -9.20
CA CYS B 37 -18.87 -9.02 -9.89
C CYS B 37 -18.78 -8.02 -11.05
N TYR B 38 -17.55 -7.60 -11.37
CA TYR B 38 -17.17 -6.55 -12.37
C TYR B 38 -17.78 -6.77 -13.76
N LEU B 39 -17.64 -7.96 -14.33
CA LEU B 39 -18.11 -8.24 -15.71
C LEU B 39 -19.63 -8.13 -15.75
N SER B 40 -20.27 -7.90 -14.61
CA SER B 40 -21.71 -7.53 -14.53
C SER B 40 -21.86 -6.02 -14.79
N GLU B 41 -21.26 -5.21 -13.90
CA GLU B 41 -21.26 -3.72 -13.93
C GLU B 41 -20.56 -3.18 -15.19
N THR B 42 -19.72 -3.95 -15.88
CA THR B 42 -19.11 -3.45 -17.14
C THR B 42 -20.24 -3.28 -18.15
N ALA B 43 -21.30 -4.09 -18.05
CA ALA B 43 -22.48 -4.02 -18.95
C ALA B 43 -23.47 -3.02 -18.37
N ASN B 44 -23.91 -3.24 -17.13
CA ASN B 44 -24.91 -2.37 -16.45
C ASN B 44 -24.43 -0.93 -16.59
N LEU B 45 -23.24 -0.60 -16.14
CA LEU B 45 -22.79 0.81 -16.14
C LEU B 45 -22.22 1.23 -17.50
N GLY B 46 -21.71 0.29 -18.28
CA GLY B 46 -21.07 0.58 -19.58
C GLY B 46 -22.08 0.86 -20.68
N LYS B 47 -23.31 0.38 -20.54
CA LYS B 47 -24.42 0.67 -21.50
C LYS B 47 -24.88 2.13 -21.33
N LEU B 48 -24.76 2.68 -20.12
CA LEU B 48 -25.41 3.97 -19.77
C LEU B 48 -25.15 5.04 -20.87
N ILE B 49 -23.90 5.41 -21.18
CA ILE B 49 -23.64 6.40 -22.27
C ILE B 49 -24.08 5.86 -23.63
N CYS B 50 -23.96 4.57 -23.89
CA CYS B 50 -24.01 4.01 -25.26
C CYS B 50 -25.41 4.16 -25.88
N ILE B 51 -26.45 4.08 -25.05
CA ILE B 51 -27.87 3.97 -25.47
C ILE B 51 -28.32 5.31 -26.04
N PRO B 52 -28.27 6.41 -25.25
CA PRO B 52 -28.68 7.73 -25.71
C PRO B 52 -28.00 8.10 -27.03
N MET B 53 -26.70 7.92 -27.11
CA MET B 53 -26.00 8.26 -28.35
C MET B 53 -26.57 7.38 -29.48
N ALA B 54 -26.88 6.11 -29.25
CA ALA B 54 -27.43 5.25 -30.32
C ALA B 54 -28.83 5.76 -30.69
N LEU B 55 -29.63 6.05 -29.67
CA LEU B 55 -30.98 6.65 -29.85
C LEU B 55 -30.87 7.90 -30.72
N ARG B 56 -30.09 8.88 -30.25
CA ARG B 56 -29.83 10.18 -30.93
C ARG B 56 -29.58 9.97 -32.42
N ALA B 57 -28.66 9.06 -32.75
CA ALA B 57 -28.26 8.77 -34.14
C ALA B 57 -29.48 8.25 -34.89
N ALA B 58 -30.28 7.45 -34.23
CA ALA B 58 -31.51 6.90 -34.83
C ALA B 58 -32.45 8.07 -35.14
N MET B 59 -32.71 8.93 -34.16
CA MET B 59 -33.57 10.13 -34.32
C MET B 59 -33.01 10.90 -35.53
N GLU B 60 -31.76 11.33 -35.44
CA GLU B 60 -31.07 12.03 -36.54
C GLU B 60 -31.37 11.35 -37.88
N LEU B 61 -31.54 10.03 -37.93
CA LEU B 61 -31.68 9.29 -39.22
C LEU B 61 -33.14 8.96 -39.54
N ASN B 62 -34.08 9.36 -38.69
CA ASN B 62 -35.55 9.38 -38.95
C ASN B 62 -36.17 8.07 -38.43
N VAL B 63 -35.54 6.94 -38.78
CA VAL B 63 -35.76 5.55 -38.24
C VAL B 63 -37.16 5.46 -37.62
N PHE B 64 -37.33 5.88 -36.35
CA PHE B 64 -38.61 5.78 -35.60
C PHE B 64 -39.78 6.11 -36.55
N GLN B 65 -39.67 7.13 -37.42
CA GLN B 65 -40.73 7.54 -38.40
C GLN B 65 -40.79 6.54 -39.55
N LEU B 66 -39.74 6.50 -40.40
CA LEU B 66 -39.66 5.56 -41.55
C LEU B 66 -40.26 4.18 -41.18
N ILE B 67 -40.08 3.69 -39.94
CA ILE B 67 -40.66 2.39 -39.44
C ILE B 67 -42.20 2.49 -39.45
N SER B 68 -42.77 3.55 -38.84
CA SER B 68 -44.23 3.80 -38.68
C SER B 68 -44.88 3.94 -40.06
N LYS B 69 -44.21 4.60 -41.00
CA LYS B 69 -44.67 4.76 -42.42
C LYS B 69 -44.97 3.40 -43.08
N PHE B 70 -44.55 2.27 -42.50
CA PHE B 70 -44.78 0.90 -43.06
C PHE B 70 -46.16 0.36 -42.63
N GLY B 71 -46.55 0.49 -41.35
CA GLY B 71 -47.89 0.08 -40.90
C GLY B 71 -48.16 0.37 -39.43
N THR B 72 -49.30 -0.12 -38.93
CA THR B 72 -49.57 -0.30 -37.47
C THR B 72 -48.87 -1.60 -37.04
N ASP B 73 -48.58 -1.72 -35.74
CA ASP B 73 -47.69 -2.75 -35.12
C ASP B 73 -47.00 -3.62 -36.20
N ALA B 74 -46.23 -2.98 -37.10
CA ALA B 74 -45.39 -3.61 -38.16
C ALA B 74 -44.04 -4.04 -37.58
N LYS B 75 -43.18 -4.68 -38.40
CA LYS B 75 -41.91 -5.32 -37.94
C LYS B 75 -40.94 -5.47 -39.13
N VAL B 76 -39.89 -4.62 -39.18
CA VAL B 76 -39.07 -4.34 -40.40
C VAL B 76 -37.57 -4.66 -40.17
N SER B 77 -36.91 -5.03 -41.28
CA SER B 77 -35.46 -5.29 -41.45
C SER B 77 -34.68 -3.98 -41.55
N ALA B 78 -33.42 -4.01 -41.11
CA ALA B 78 -32.40 -2.96 -41.35
C ALA B 78 -32.32 -2.68 -42.85
N SER B 79 -32.25 -3.71 -43.69
CA SER B 79 -32.03 -3.54 -45.15
C SER B 79 -33.17 -2.69 -45.74
N GLU B 80 -34.40 -2.86 -45.22
CA GLU B 80 -35.62 -2.14 -45.68
C GLU B 80 -35.49 -0.65 -45.32
N ILE B 81 -35.46 -0.35 -44.03
CA ILE B 81 -35.40 1.03 -43.44
C ILE B 81 -34.32 1.84 -44.15
N ALA B 82 -33.15 1.27 -44.44
CA ALA B 82 -32.03 1.96 -45.10
C ALA B 82 -32.37 2.21 -46.58
N SER B 83 -33.28 1.39 -47.15
CA SER B 83 -33.71 1.50 -48.57
C SER B 83 -34.57 2.76 -48.73
N LYS B 84 -35.34 3.10 -47.69
CA LYS B 84 -36.15 4.35 -47.56
C LYS B 84 -35.30 5.45 -46.89
N MET B 85 -34.10 5.70 -47.43
CA MET B 85 -33.08 6.64 -46.87
C MET B 85 -32.24 7.22 -48.01
N PRO B 86 -32.42 8.50 -48.37
CA PRO B 86 -31.80 9.05 -49.58
C PRO B 86 -30.26 8.94 -49.66
N ASN B 87 -29.51 9.48 -48.69
CA ASN B 87 -28.02 9.63 -48.78
C ASN B 87 -27.28 8.34 -48.35
N ALA B 88 -28.04 7.28 -48.04
CA ALA B 88 -27.54 5.90 -47.82
C ALA B 88 -27.29 5.21 -49.17
N LYS B 89 -28.15 5.49 -50.16
CA LYS B 89 -28.10 5.02 -51.58
C LYS B 89 -26.66 4.70 -52.01
N ASN B 90 -25.73 5.63 -51.80
CA ASN B 90 -24.32 5.52 -52.28
C ASN B 90 -23.49 4.59 -51.38
N ASN B 91 -24.00 4.15 -50.21
CA ASN B 91 -23.26 3.30 -49.23
C ASN B 91 -23.86 1.90 -49.20
N PRO B 92 -23.08 0.85 -49.57
CA PRO B 92 -23.53 -0.54 -49.47
C PRO B 92 -23.83 -0.97 -48.03
N GLU B 93 -22.81 -0.79 -47.18
CA GLU B 93 -22.77 -1.21 -45.74
C GLU B 93 -23.84 -0.47 -44.91
N ALA B 94 -24.48 0.57 -45.47
CA ALA B 94 -25.61 1.28 -44.83
C ALA B 94 -26.45 0.27 -44.05
N ALA B 95 -26.82 -0.84 -44.70
CA ALA B 95 -27.62 -1.93 -44.11
C ALA B 95 -27.05 -2.31 -42.74
N MET B 96 -25.82 -2.84 -42.72
CA MET B 96 -25.28 -3.64 -41.57
C MET B 96 -24.96 -2.72 -40.39
N TYR B 97 -24.37 -1.55 -40.65
CA TYR B 97 -24.10 -0.52 -39.62
C TYR B 97 -25.42 -0.12 -38.94
N LEU B 98 -26.52 0.06 -39.69
CA LEU B 98 -27.81 0.49 -39.10
C LEU B 98 -28.30 -0.62 -38.16
N ASP B 99 -28.15 -1.89 -38.58
CA ASP B 99 -28.59 -3.10 -37.83
C ASP B 99 -27.88 -3.16 -36.47
N ARG B 100 -26.66 -2.62 -36.42
CA ARG B 100 -25.78 -2.63 -35.21
C ARG B 100 -26.25 -1.57 -34.21
N ILE B 101 -26.70 -0.41 -34.70
CA ILE B 101 -27.23 0.71 -33.86
C ILE B 101 -28.61 0.30 -33.35
N LEU B 102 -29.35 -0.44 -34.17
CA LEU B 102 -30.77 -0.73 -33.87
C LEU B 102 -30.83 -1.83 -32.80
N ARG B 103 -30.02 -2.89 -32.93
CA ARG B 103 -30.04 -4.05 -32.00
C ARG B 103 -29.79 -3.58 -30.56
N LEU B 104 -28.97 -2.54 -30.41
CA LEU B 104 -28.72 -1.85 -29.11
C LEU B 104 -30.04 -1.27 -28.60
N LEU B 105 -30.76 -0.51 -29.43
CA LEU B 105 -32.06 0.11 -29.06
C LEU B 105 -33.12 -0.97 -28.83
N GLY B 106 -33.06 -2.04 -29.64
CA GLY B 106 -33.69 -3.35 -29.35
C GLY B 106 -33.46 -3.73 -27.90
N ALA B 107 -32.26 -4.22 -27.57
CA ALA B 107 -31.93 -4.79 -26.25
C ALA B 107 -32.36 -3.81 -25.15
N SER B 108 -32.46 -2.52 -25.48
CA SER B 108 -32.80 -1.41 -24.56
C SER B 108 -34.31 -1.34 -24.27
N SER B 109 -35.13 -2.07 -25.05
CA SER B 109 -36.63 -2.06 -25.05
C SER B 109 -37.14 -0.78 -25.72
N ILE B 110 -36.26 0.14 -26.09
CA ILE B 110 -36.62 1.36 -26.87
C ILE B 110 -37.22 0.93 -28.21
N LEU B 111 -36.76 -0.17 -28.81
CA LEU B 111 -37.41 -0.81 -29.99
C LEU B 111 -37.78 -2.27 -29.64
N SER B 112 -38.36 -3.01 -30.60
CA SER B 112 -38.86 -4.40 -30.45
C SER B 112 -38.40 -5.27 -31.62
N VAL B 113 -38.08 -6.53 -31.31
CA VAL B 113 -37.22 -7.42 -32.12
C VAL B 113 -37.94 -8.74 -32.44
N SER B 114 -37.67 -9.26 -33.65
CA SER B 114 -38.14 -10.56 -34.18
C SER B 114 -37.14 -11.05 -35.24
N THR B 115 -37.22 -12.33 -35.60
CA THR B 115 -36.32 -13.01 -36.59
C THR B 115 -37.16 -13.86 -37.56
N GLU B 131 -32.04 -12.60 -40.08
CA GLU B 131 -32.41 -11.16 -40.24
C GLU B 131 -33.29 -10.71 -39.05
N LYS B 132 -32.85 -9.69 -38.31
CA LYS B 132 -33.59 -9.11 -37.16
C LYS B 132 -34.68 -8.17 -37.72
N LEU B 133 -35.81 -8.03 -37.00
CA LEU B 133 -36.92 -7.12 -37.40
C LEU B 133 -37.33 -6.23 -36.21
N TYR B 134 -37.24 -4.91 -36.37
CA TYR B 134 -37.55 -3.91 -35.32
C TYR B 134 -38.94 -3.33 -35.58
N GLY B 135 -39.66 -3.00 -34.49
CA GLY B 135 -41.00 -2.37 -34.55
C GLY B 135 -41.19 -1.38 -33.41
N LEU B 136 -42.00 -0.33 -33.61
CA LEU B 136 -42.21 0.80 -32.65
C LEU B 136 -42.74 0.21 -31.33
N THR B 137 -42.54 0.90 -30.20
CA THR B 137 -42.99 0.48 -28.84
C THR B 137 -43.76 1.63 -28.19
N ASN B 138 -44.34 1.41 -27.00
CA ASN B 138 -45.11 2.46 -26.27
C ASN B 138 -44.25 3.73 -26.24
N SER B 139 -43.19 3.74 -25.43
CA SER B 139 -42.21 4.85 -25.32
C SER B 139 -41.18 4.73 -26.44
N SER B 140 -41.64 4.52 -27.68
CA SER B 140 -40.91 4.73 -28.96
C SER B 140 -41.84 5.35 -30.02
N CYS B 141 -43.07 5.71 -29.62
CA CYS B 141 -44.12 6.25 -30.52
C CYS B 141 -44.05 7.76 -30.44
N CYS B 142 -43.68 8.26 -29.26
CA CYS B 142 -43.36 9.67 -28.95
C CYS B 142 -42.23 10.20 -29.84
N LEU B 143 -41.77 9.41 -30.80
CA LEU B 143 -40.63 9.73 -31.70
C LEU B 143 -41.11 9.77 -33.16
N VAL B 144 -42.36 9.33 -33.41
CA VAL B 144 -43.06 9.48 -34.73
C VAL B 144 -43.80 10.84 -34.69
N PRO B 145 -43.45 11.79 -35.57
CA PRO B 145 -44.15 13.09 -35.60
C PRO B 145 -45.60 12.82 -36.04
N ARG B 146 -46.56 13.37 -35.29
CA ARG B 146 -48.02 13.27 -35.60
C ARG B 146 -48.28 13.83 -37.00
N GLN B 147 -49.23 13.24 -37.74
CA GLN B 147 -49.64 13.75 -39.07
C GLN B 147 -50.44 15.03 -38.86
N GLU B 148 -51.15 15.14 -37.71
CA GLU B 148 -51.93 16.32 -37.24
C GLU B 148 -51.09 17.62 -37.42
N ASP B 149 -50.07 17.82 -36.58
CA ASP B 149 -49.19 19.02 -36.62
C ASP B 149 -47.81 18.64 -37.19
N GLY B 150 -47.16 17.65 -36.56
CA GLY B 150 -45.72 17.32 -36.75
C GLY B 150 -45.04 17.05 -35.40
N VAL B 151 -45.82 17.13 -34.32
CA VAL B 151 -45.36 17.01 -32.92
C VAL B 151 -44.83 15.60 -32.69
N SER B 152 -43.84 15.50 -31.78
CA SER B 152 -43.13 14.30 -31.28
C SER B 152 -42.17 14.76 -30.21
N LEU B 153 -41.74 13.86 -29.32
CA LEU B 153 -40.70 14.17 -28.30
C LEU B 153 -39.34 14.47 -28.98
N VAL B 154 -39.15 14.12 -30.27
CA VAL B 154 -37.83 14.21 -30.96
C VAL B 154 -37.13 15.52 -30.63
N GLU B 155 -37.76 16.65 -30.89
CA GLU B 155 -37.14 18.00 -30.77
C GLU B 155 -36.63 18.23 -29.33
N GLU B 156 -37.36 17.80 -28.29
CA GLU B 156 -36.93 17.92 -26.87
C GLU B 156 -35.62 17.14 -26.67
N LEU B 157 -35.64 15.88 -27.10
CA LEU B 157 -34.60 14.86 -26.78
C LEU B 157 -33.30 15.25 -27.47
N LEU B 158 -33.38 15.72 -28.74
CA LEU B 158 -32.24 16.17 -29.59
C LEU B 158 -31.61 17.41 -28.96
N PHE B 159 -32.33 18.07 -28.05
CA PHE B 159 -31.86 19.26 -27.31
C PHE B 159 -31.19 18.82 -26.01
N THR B 160 -31.86 18.00 -25.17
CA THR B 160 -31.32 17.45 -23.89
C THR B 160 -29.94 16.82 -24.15
N SER B 161 -29.72 16.16 -25.30
CA SER B 161 -28.47 15.45 -25.69
C SER B 161 -27.72 16.18 -26.82
N ASP B 162 -27.77 17.51 -26.88
CA ASP B 162 -27.00 18.28 -27.90
C ASP B 162 -25.58 18.49 -27.41
N LYS B 163 -24.61 18.45 -28.32
CA LYS B 163 -23.15 18.54 -27.98
C LYS B 163 -22.97 19.70 -26.99
N VAL B 164 -23.74 20.79 -27.12
CA VAL B 164 -23.49 21.99 -26.29
C VAL B 164 -24.02 21.71 -24.89
N VAL B 165 -25.14 20.99 -24.79
CA VAL B 165 -25.70 20.54 -23.48
C VAL B 165 -24.71 19.54 -22.84
N VAL B 166 -24.26 18.53 -23.61
CA VAL B 166 -23.37 17.46 -23.07
C VAL B 166 -22.00 18.09 -22.77
N ASP B 167 -21.43 18.85 -23.71
CA ASP B 167 -20.12 19.47 -23.45
C ASP B 167 -20.26 20.21 -22.12
N SER B 168 -21.46 20.68 -21.79
CA SER B 168 -21.70 21.42 -20.52
C SER B 168 -21.67 20.43 -19.35
N PHE B 169 -22.43 19.32 -19.51
CA PHE B 169 -22.45 18.17 -18.57
C PHE B 169 -21.03 17.70 -18.30
N PHE B 170 -20.21 17.65 -19.36
CA PHE B 170 -18.80 17.21 -19.26
C PHE B 170 -18.06 18.09 -18.26
N LYS B 171 -18.67 19.17 -17.76
CA LYS B 171 -18.02 20.05 -16.78
C LYS B 171 -18.88 20.16 -15.52
N LEU B 172 -19.87 19.27 -15.33
CA LEU B 172 -20.82 19.29 -14.15
C LEU B 172 -19.97 19.32 -12.86
N LYS B 173 -18.81 18.66 -12.84
CA LYS B 173 -17.97 18.49 -11.62
C LYS B 173 -17.46 19.84 -11.10
N CYS B 174 -17.88 20.96 -11.68
CA CYS B 174 -17.37 22.33 -11.36
C CYS B 174 -18.32 23.08 -10.43
N VAL B 175 -19.64 22.94 -10.62
CA VAL B 175 -20.63 23.50 -9.65
C VAL B 175 -20.19 23.13 -8.23
N VAL B 176 -19.53 21.99 -8.06
CA VAL B 176 -19.20 21.42 -6.72
C VAL B 176 -17.86 21.98 -6.22
N GLU B 177 -16.83 21.97 -7.06
CA GLU B 177 -15.44 22.32 -6.68
C GLU B 177 -15.33 23.83 -6.52
N GLU B 178 -15.66 24.60 -7.57
CA GLU B 178 -15.50 26.08 -7.64
C GLU B 178 -16.86 26.76 -7.37
N LYS B 179 -16.90 27.68 -6.40
CA LYS B 179 -18.08 28.55 -6.11
C LYS B 179 -18.25 29.53 -7.28
N ASP B 180 -19.49 29.67 -7.78
CA ASP B 180 -19.89 30.60 -8.87
C ASP B 180 -19.39 30.10 -10.24
N SER B 181 -19.19 28.80 -10.44
CA SER B 181 -18.79 28.22 -11.75
C SER B 181 -20.07 27.91 -12.52
N VAL B 182 -20.10 28.23 -13.81
CA VAL B 182 -21.25 27.90 -14.72
C VAL B 182 -20.72 26.87 -15.70
N PRO B 183 -20.97 25.55 -15.48
CA PRO B 183 -20.48 24.51 -16.37
C PRO B 183 -20.42 24.92 -17.86
N PHE B 184 -21.54 25.39 -18.41
CA PHE B 184 -21.65 25.87 -19.82
C PHE B 184 -20.58 26.94 -20.08
N GLU B 185 -20.44 27.90 -19.17
CA GLU B 185 -19.41 28.95 -19.28
C GLU B 185 -18.03 28.26 -19.30
N VAL B 186 -17.77 27.35 -18.35
CA VAL B 186 -16.47 26.63 -18.23
C VAL B 186 -16.25 25.88 -19.55
N ALA B 187 -17.33 25.37 -20.16
CA ALA B 187 -17.25 24.50 -21.35
C ALA B 187 -17.08 25.32 -22.64
N HIS B 188 -17.69 26.51 -22.76
CA HIS B 188 -17.72 27.28 -24.03
C HIS B 188 -17.05 28.67 -23.88
N GLY B 189 -16.79 29.09 -22.64
CA GLY B 189 -16.11 30.35 -22.35
C GLY B 189 -16.91 31.55 -22.84
N ALA B 190 -18.24 31.45 -22.82
CA ALA B 190 -19.19 32.58 -23.01
C ALA B 190 -20.43 32.38 -22.12
N LYS B 191 -20.96 33.49 -21.58
CA LYS B 191 -22.32 33.55 -20.99
C LYS B 191 -23.29 32.94 -22.02
N ILE B 192 -24.19 32.06 -21.58
CA ILE B 192 -25.04 31.25 -22.53
C ILE B 192 -25.72 32.14 -23.58
N PHE B 193 -26.10 33.37 -23.22
CA PHE B 193 -26.97 34.22 -24.07
C PHE B 193 -26.11 34.91 -25.14
N GLU B 194 -24.86 35.24 -24.77
CA GLU B 194 -23.79 35.67 -25.69
C GLU B 194 -23.60 34.57 -26.76
N TYR B 195 -23.38 33.32 -26.33
CA TYR B 195 -23.09 32.18 -27.23
C TYR B 195 -24.23 32.14 -28.24
N ALA B 196 -25.46 32.03 -27.75
CA ALA B 196 -26.67 31.84 -28.56
C ALA B 196 -26.80 32.95 -29.60
N ALA B 197 -26.44 34.17 -29.22
CA ALA B 197 -26.55 35.34 -30.11
C ALA B 197 -25.70 35.09 -31.35
N THR B 198 -24.57 34.38 -31.22
CA THR B 198 -23.59 34.11 -32.32
C THR B 198 -23.63 32.64 -32.79
N GLU B 199 -24.65 31.85 -32.43
CA GLU B 199 -24.67 30.38 -32.67
C GLU B 199 -26.08 29.94 -33.08
N PRO B 200 -26.51 30.22 -34.33
CA PRO B 200 -27.89 30.02 -34.73
C PRO B 200 -28.43 28.62 -34.44
N ARG B 201 -27.61 27.60 -34.74
CA ARG B 201 -27.95 26.15 -34.66
C ARG B 201 -28.33 25.84 -33.22
N MET B 202 -27.50 26.30 -32.29
CA MET B 202 -27.72 26.17 -30.83
C MET B 202 -29.03 26.86 -30.43
N ASN B 203 -29.28 28.06 -30.97
CA ASN B 203 -30.49 28.87 -30.66
C ASN B 203 -31.74 28.09 -31.10
N GLN B 204 -31.78 27.69 -32.37
CA GLN B 204 -32.90 26.88 -32.94
C GLN B 204 -33.24 25.72 -31.99
N VAL B 205 -32.31 24.79 -31.89
CA VAL B 205 -32.39 23.52 -31.11
C VAL B 205 -33.04 23.78 -29.74
N PHE B 206 -32.68 24.87 -29.07
CA PHE B 206 -33.21 25.21 -27.72
C PHE B 206 -34.67 25.64 -27.84
N ASN B 207 -34.97 26.48 -28.84
CA ASN B 207 -36.33 27.06 -29.00
C ASN B 207 -37.24 25.95 -29.49
N ASP B 208 -36.92 25.33 -30.63
CA ASP B 208 -37.67 24.20 -31.22
C ASP B 208 -38.08 23.21 -30.10
N GLY B 209 -37.15 22.95 -29.16
CA GLY B 209 -37.29 21.99 -28.03
C GLY B 209 -38.30 22.44 -26.99
N MET B 210 -38.04 23.56 -26.31
CA MET B 210 -38.91 24.12 -25.22
C MET B 210 -40.27 24.58 -25.78
N ALA B 211 -40.55 24.31 -27.06
CA ALA B 211 -41.82 24.64 -27.74
C ALA B 211 -42.64 23.37 -27.89
N VAL B 212 -42.23 22.53 -28.82
CA VAL B 212 -42.73 21.14 -28.96
C VAL B 212 -42.98 20.58 -27.56
N PHE B 213 -42.13 20.89 -26.57
CA PHE B 213 -42.34 20.44 -25.17
C PHE B 213 -43.58 21.15 -24.65
N SER B 214 -43.49 22.46 -24.51
CA SER B 214 -44.57 23.33 -23.96
C SER B 214 -45.92 22.84 -24.48
N ILE B 215 -46.01 22.49 -25.77
CA ILE B 215 -47.27 21.98 -26.41
C ILE B 215 -47.79 20.78 -25.61
N VAL B 216 -47.04 19.66 -25.63
CA VAL B 216 -47.43 18.40 -24.91
C VAL B 216 -47.73 18.75 -23.44
N VAL B 217 -47.01 19.72 -22.85
CA VAL B 217 -47.25 20.15 -21.44
C VAL B 217 -48.65 20.78 -21.37
N PHE B 218 -49.10 21.48 -22.43
CA PHE B 218 -50.38 22.24 -22.42
C PHE B 218 -51.53 21.29 -22.74
N GLU B 219 -51.42 20.47 -23.79
CA GLU B 219 -52.37 19.35 -24.06
C GLU B 219 -52.69 18.61 -22.73
N ALA B 220 -51.68 18.45 -21.87
CA ALA B 220 -51.81 17.75 -20.58
C ALA B 220 -52.70 18.56 -19.64
N VAL B 221 -52.57 19.89 -19.63
CA VAL B 221 -53.32 20.77 -18.67
C VAL B 221 -54.74 20.96 -19.20
N PHE B 222 -54.92 21.00 -20.54
CA PHE B 222 -56.23 21.08 -21.27
C PHE B 222 -56.94 19.70 -21.27
N ARG B 223 -56.66 18.90 -20.26
CA ARG B 223 -57.19 17.52 -20.09
C ARG B 223 -57.66 17.35 -18.64
N VAL B 224 -56.90 17.89 -17.68
CA VAL B 224 -57.16 17.67 -16.24
C VAL B 224 -57.76 18.94 -15.66
N TYR B 225 -56.91 19.96 -15.43
CA TYR B 225 -57.28 21.33 -14.99
C TYR B 225 -58.59 21.75 -15.66
N ASP B 226 -59.51 22.30 -14.87
CA ASP B 226 -60.80 22.87 -15.33
C ASP B 226 -60.77 24.40 -15.15
N GLY B 227 -60.00 24.90 -14.15
CA GLY B 227 -59.83 26.31 -13.74
C GLY B 227 -59.79 27.34 -14.87
N PHE B 228 -59.69 26.93 -16.15
CA PHE B 228 -59.69 27.84 -17.32
C PHE B 228 -61.11 28.24 -17.70
N LEU B 229 -62.11 27.40 -17.37
CA LEU B 229 -63.55 27.80 -17.40
C LEU B 229 -63.78 28.76 -16.22
N ASP B 230 -64.36 29.95 -16.50
CA ASP B 230 -64.78 30.96 -15.49
C ASP B 230 -63.59 31.87 -15.15
N MET B 231 -62.78 32.22 -16.15
CA MET B 231 -61.73 33.27 -16.06
C MET B 231 -62.14 34.44 -16.97
N LYS B 232 -61.99 35.67 -16.47
CA LYS B 232 -62.17 36.91 -17.25
C LYS B 232 -60.94 37.13 -18.15
N GLU B 233 -59.75 37.21 -17.54
CA GLU B 233 -58.42 37.40 -18.20
C GLU B 233 -57.33 36.61 -17.44
N LEU B 234 -56.37 36.00 -18.17
CA LEU B 234 -55.04 35.58 -17.61
C LEU B 234 -54.00 36.61 -18.08
N LEU B 235 -53.15 37.05 -17.15
CA LEU B 235 -51.87 37.75 -17.44
C LEU B 235 -50.71 36.74 -17.36
N ASP B 236 -50.19 36.27 -18.51
CA ASP B 236 -49.01 35.36 -18.58
C ASP B 236 -47.71 36.15 -18.34
N VAL B 237 -47.07 35.90 -17.19
CA VAL B 237 -45.82 36.57 -16.76
C VAL B 237 -44.63 35.78 -17.31
N GLY B 238 -43.55 36.49 -17.68
CA GLY B 238 -42.48 35.97 -18.56
C GLY B 238 -43.08 35.10 -19.66
N GLY B 239 -44.09 35.63 -20.33
CA GLY B 239 -44.95 34.81 -21.20
C GLY B 239 -44.26 34.48 -22.50
N GLY B 240 -43.04 34.99 -22.70
CA GLY B 240 -42.31 34.79 -23.95
C GLY B 240 -42.98 35.57 -25.05
N ILE B 241 -43.33 34.91 -26.16
CA ILE B 241 -43.88 35.61 -27.35
C ILE B 241 -45.37 35.26 -27.52
N GLY B 242 -45.96 34.65 -26.48
CA GLY B 242 -47.43 34.54 -26.30
C GLY B 242 -48.00 33.18 -26.68
N THR B 243 -47.37 32.41 -27.56
CA THR B 243 -47.82 31.03 -27.95
C THR B 243 -48.56 30.39 -26.74
N SER B 244 -47.87 30.12 -25.62
CA SER B 244 -48.45 29.48 -24.41
C SER B 244 -49.91 29.90 -24.25
N VAL B 245 -50.14 31.20 -24.03
CA VAL B 245 -51.48 31.80 -23.76
C VAL B 245 -52.31 31.78 -25.05
N SER B 246 -51.73 32.14 -26.21
CA SER B 246 -52.41 32.01 -27.52
C SER B 246 -53.28 30.75 -27.44
N LYS B 247 -52.64 29.63 -27.08
CA LYS B 247 -53.23 28.26 -26.92
C LYS B 247 -54.47 28.37 -26.02
N ILE B 248 -54.31 28.97 -24.85
CA ILE B 248 -55.38 29.11 -23.82
C ILE B 248 -56.53 29.92 -24.41
N VAL B 249 -56.26 31.12 -24.94
CA VAL B 249 -57.28 32.05 -25.52
C VAL B 249 -58.18 31.28 -26.50
N ALA B 250 -57.61 30.36 -27.29
CA ALA B 250 -58.29 29.68 -28.41
C ALA B 250 -59.17 28.53 -27.91
N LYS B 251 -58.87 27.94 -26.75
CA LYS B 251 -59.65 26.84 -26.12
C LYS B 251 -60.53 27.40 -24.99
N TYR B 252 -60.40 28.70 -24.69
CA TYR B 252 -61.23 29.42 -23.69
C TYR B 252 -61.43 30.87 -24.13
N PRO B 253 -62.13 31.15 -25.27
CA PRO B 253 -62.39 32.52 -25.71
C PRO B 253 -63.00 33.41 -24.61
N LEU B 254 -63.58 32.78 -23.59
CA LEU B 254 -64.01 33.42 -22.31
C LEU B 254 -62.90 34.35 -21.75
N ILE B 255 -61.63 34.09 -22.11
CA ILE B 255 -60.41 34.75 -21.51
C ILE B 255 -59.93 35.91 -22.38
N ARG B 256 -59.43 36.97 -21.73
CA ARG B 256 -58.66 38.10 -22.34
C ARG B 256 -57.18 37.80 -22.17
N GLY B 257 -56.40 37.83 -23.26
CA GLY B 257 -54.99 37.42 -23.24
C GLY B 257 -54.07 38.60 -23.07
N VAL B 258 -53.25 38.59 -22.02
CA VAL B 258 -52.13 39.55 -21.81
C VAL B 258 -50.80 38.77 -21.75
N ASN B 259 -50.02 38.81 -22.83
CA ASN B 259 -48.59 38.39 -22.77
C ASN B 259 -47.74 39.52 -22.20
N PHE B 260 -46.99 39.24 -21.14
CA PHE B 260 -46.02 40.17 -20.52
C PHE B 260 -44.63 39.54 -20.56
N ASP B 261 -43.65 40.24 -21.13
CA ASP B 261 -42.21 39.84 -21.10
C ASP B 261 -41.35 41.07 -21.42
N LEU B 262 -40.04 40.91 -21.48
CA LEU B 262 -39.10 42.04 -21.70
C LEU B 262 -39.36 42.62 -23.08
N PRO B 263 -39.03 43.92 -23.29
CA PRO B 263 -39.28 44.62 -24.54
C PRO B 263 -38.60 43.98 -25.75
N HIS B 264 -37.40 43.43 -25.55
CA HIS B 264 -36.56 42.89 -26.66
C HIS B 264 -37.22 41.60 -27.19
N VAL B 265 -37.91 40.89 -26.30
CA VAL B 265 -38.78 39.71 -26.61
C VAL B 265 -40.03 40.20 -27.37
N ILE B 266 -40.81 41.06 -26.71
CA ILE B 266 -42.23 41.38 -27.08
C ILE B 266 -42.24 41.89 -28.52
N SER B 267 -41.22 42.68 -28.87
CA SER B 267 -41.07 43.43 -30.15
C SER B 267 -41.19 42.53 -31.37
N VAL B 268 -40.92 41.23 -31.21
CA VAL B 268 -40.87 40.26 -32.33
C VAL B 268 -42.05 39.28 -32.21
N ALA B 269 -42.69 39.20 -31.04
CA ALA B 269 -43.82 38.29 -30.78
C ALA B 269 -44.86 38.38 -31.91
N PRO B 270 -45.33 37.24 -32.47
CA PRO B 270 -46.35 37.27 -33.51
C PRO B 270 -47.64 37.84 -32.92
N GLN B 271 -48.64 38.14 -33.77
CA GLN B 271 -49.97 38.67 -33.32
C GLN B 271 -51.00 37.53 -33.22
N TYR B 272 -51.66 37.42 -32.06
CA TYR B 272 -52.62 36.34 -31.70
C TYR B 272 -53.97 36.97 -31.41
N PRO B 273 -55.07 36.36 -31.89
CA PRO B 273 -56.43 36.71 -31.43
C PRO B 273 -56.66 36.37 -29.94
N GLY B 274 -56.86 37.40 -29.12
CA GLY B 274 -57.12 37.31 -27.68
C GLY B 274 -55.91 37.77 -26.90
N VAL B 275 -54.72 37.52 -27.47
CA VAL B 275 -53.40 37.88 -26.89
C VAL B 275 -53.14 39.37 -27.20
N GLU B 276 -53.07 40.20 -26.16
CA GLU B 276 -52.56 41.59 -26.21
C GLU B 276 -51.20 41.63 -25.48
N HIS B 277 -50.13 42.02 -26.17
CA HIS B 277 -48.73 42.04 -25.63
C HIS B 277 -48.51 43.26 -24.75
N VAL B 278 -47.56 43.17 -23.82
CA VAL B 278 -47.16 44.30 -22.94
C VAL B 278 -45.71 44.07 -22.54
N ALA B 279 -44.81 44.99 -22.86
CA ALA B 279 -43.37 44.93 -22.49
C ALA B 279 -43.20 45.41 -21.04
N GLY B 280 -42.11 45.01 -20.39
CA GLY B 280 -41.73 45.50 -19.03
C GLY B 280 -40.83 44.51 -18.32
N ASP B 281 -40.37 44.87 -17.12
CA ASP B 281 -39.41 44.09 -16.29
C ASP B 281 -40.15 43.45 -15.09
N MET B 282 -40.61 42.22 -15.21
CA MET B 282 -41.47 41.60 -14.16
C MET B 282 -40.79 41.69 -12.79
N PHE B 283 -39.49 41.98 -12.71
CA PHE B 283 -38.80 42.16 -11.40
C PHE B 283 -39.10 43.57 -10.86
N GLU B 284 -39.21 44.59 -11.71
CA GLU B 284 -39.70 45.95 -11.32
C GLU B 284 -41.19 45.85 -10.96
N GLU B 285 -42.09 45.54 -11.90
CA GLU B 285 -43.56 45.59 -11.66
C GLU B 285 -44.35 44.75 -12.70
N VAL B 286 -45.07 43.71 -12.25
CA VAL B 286 -46.00 42.92 -13.13
C VAL B 286 -47.19 43.83 -13.40
N PRO B 287 -47.83 43.78 -14.59
CA PRO B 287 -49.07 44.52 -14.84
C PRO B 287 -50.29 44.05 -14.02
N LYS B 288 -51.29 44.94 -13.90
CA LYS B 288 -52.63 44.69 -13.30
C LYS B 288 -53.30 43.50 -14.01
N GLY B 289 -53.90 42.59 -13.24
CA GLY B 289 -54.76 41.50 -13.74
C GLY B 289 -55.36 40.65 -12.63
N GLN B 290 -56.27 39.73 -13.01
CA GLN B 290 -57.07 38.87 -12.10
C GLN B 290 -56.41 37.49 -11.99
N ASN B 291 -56.26 36.79 -13.13
CA ASN B 291 -55.52 35.50 -13.25
C ASN B 291 -54.18 35.73 -13.96
N MET B 292 -53.10 35.21 -13.36
CA MET B 292 -51.70 35.32 -13.84
C MET B 292 -51.11 33.92 -13.99
N LEU B 293 -50.46 33.59 -15.13
CA LEU B 293 -49.68 32.33 -15.41
C LEU B 293 -48.19 32.53 -15.11
N LEU B 294 -47.52 31.53 -14.51
CA LEU B 294 -46.04 31.46 -14.36
C LEU B 294 -45.51 30.06 -14.73
N LYS B 295 -45.67 29.67 -15.99
CA LYS B 295 -45.16 28.38 -16.54
C LYS B 295 -43.63 28.44 -16.69
N TRP B 296 -42.91 27.69 -15.83
CA TRP B 296 -41.45 27.45 -15.92
C TRP B 296 -40.70 28.77 -15.78
N VAL B 297 -41.07 29.58 -14.79
CA VAL B 297 -40.41 30.89 -14.57
C VAL B 297 -39.67 30.83 -13.24
N LEU B 298 -40.22 30.13 -12.25
CA LEU B 298 -39.65 30.18 -10.89
C LEU B 298 -38.41 29.28 -10.85
N HIS B 299 -38.37 28.22 -11.68
CA HIS B 299 -37.24 27.25 -11.72
C HIS B 299 -35.98 27.92 -12.27
N ASP B 300 -36.10 29.02 -13.00
CA ASP B 300 -34.92 29.75 -13.54
C ASP B 300 -34.25 30.50 -12.37
N TRP B 301 -34.98 30.83 -11.29
CA TRP B 301 -34.56 31.86 -10.32
C TRP B 301 -34.43 31.31 -8.90
N GLY B 302 -33.62 31.98 -8.08
CA GLY B 302 -33.40 31.68 -6.66
C GLY B 302 -34.62 31.99 -5.82
N ASP B 303 -34.41 32.38 -4.56
CA ASP B 303 -35.48 32.48 -3.54
C ASP B 303 -35.83 33.95 -3.32
N GLU B 304 -34.84 34.75 -2.91
CA GLU B 304 -34.98 36.23 -2.84
C GLU B 304 -35.75 36.69 -4.09
N ARG B 305 -35.24 36.36 -5.28
CA ARG B 305 -35.76 36.87 -6.58
C ARG B 305 -37.14 36.26 -6.86
N CYS B 306 -37.37 34.98 -6.55
CA CYS B 306 -38.66 34.29 -6.79
C CYS B 306 -39.78 35.00 -6.02
N VAL B 307 -39.52 35.35 -4.75
CA VAL B 307 -40.42 36.14 -3.87
C VAL B 307 -40.75 37.46 -4.58
N LYS B 308 -39.74 38.32 -4.78
CA LYS B 308 -39.86 39.66 -5.43
C LYS B 308 -40.80 39.57 -6.64
N LEU B 309 -40.76 38.50 -7.44
CA LEU B 309 -41.66 38.35 -8.61
C LEU B 309 -43.05 37.98 -8.09
N LEU B 310 -43.12 37.02 -7.17
CA LEU B 310 -44.41 36.54 -6.59
C LEU B 310 -45.09 37.69 -5.83
N LYS B 311 -44.30 38.62 -5.26
CA LYS B 311 -44.78 39.89 -4.61
C LYS B 311 -45.43 40.80 -5.66
N ASN B 312 -44.63 41.30 -6.60
CA ASN B 312 -45.11 42.04 -7.81
C ASN B 312 -46.39 41.43 -8.39
N CYS B 313 -46.68 40.14 -8.19
CA CYS B 313 -47.91 39.49 -8.71
C CYS B 313 -49.07 39.73 -7.74
N TRP B 314 -48.84 39.54 -6.43
CA TRP B 314 -49.87 39.78 -5.39
C TRP B 314 -50.46 41.18 -5.61
N ASN B 315 -49.58 42.19 -5.61
CA ASN B 315 -49.90 43.63 -5.80
C ASN B 315 -50.89 43.83 -6.97
N SER B 316 -50.50 43.46 -8.19
CA SER B 316 -51.27 43.71 -9.45
C SER B 316 -52.31 42.61 -9.66
N LEU B 317 -52.70 41.90 -8.59
CA LEU B 317 -53.80 40.90 -8.59
C LEU B 317 -54.86 41.35 -7.59
N PRO B 318 -56.17 41.29 -7.96
CA PRO B 318 -57.24 41.53 -6.98
C PRO B 318 -57.30 40.47 -5.86
N VAL B 319 -57.92 40.81 -4.73
CA VAL B 319 -58.45 39.84 -3.74
C VAL B 319 -59.43 38.91 -4.50
N GLY B 320 -59.60 37.68 -4.01
CA GLY B 320 -60.33 36.63 -4.75
C GLY B 320 -59.79 36.51 -6.16
N GLY B 321 -58.58 35.97 -6.28
CA GLY B 321 -57.85 35.80 -7.54
C GLY B 321 -56.52 35.11 -7.30
N LYS B 322 -56.06 34.32 -8.27
CA LYS B 322 -54.90 33.40 -8.10
C LYS B 322 -53.87 33.63 -9.22
N VAL B 323 -52.60 33.34 -8.90
CA VAL B 323 -51.49 33.14 -9.88
C VAL B 323 -51.28 31.62 -10.10
N LEU B 324 -51.72 31.09 -11.25
CA LEU B 324 -51.42 29.70 -11.72
C LEU B 324 -49.90 29.55 -11.97
N ILE B 325 -49.27 28.49 -11.45
CA ILE B 325 -47.79 28.24 -11.58
C ILE B 325 -47.54 26.79 -12.10
N ILE B 326 -47.33 26.68 -13.43
CA ILE B 326 -47.20 25.41 -14.20
C ILE B 326 -45.75 24.92 -14.13
N GLU B 327 -45.50 23.82 -13.40
CA GLU B 327 -44.13 23.32 -13.12
C GLU B 327 -44.12 21.79 -13.12
N PHE B 328 -42.93 21.24 -12.85
CA PHE B 328 -42.67 19.81 -12.50
C PHE B 328 -42.24 19.85 -11.03
N VAL B 329 -43.07 19.28 -10.13
CA VAL B 329 -42.88 19.31 -8.65
C VAL B 329 -41.98 18.10 -8.31
N LEU B 330 -40.90 18.34 -7.56
CA LEU B 330 -39.88 17.33 -7.14
C LEU B 330 -40.41 16.55 -5.95
N PRO B 331 -40.72 15.24 -6.08
CA PRO B 331 -41.17 14.46 -4.92
C PRO B 331 -40.10 14.43 -3.81
N ASN B 332 -40.49 14.13 -2.56
CA ASN B 332 -39.54 13.94 -1.43
C ASN B 332 -39.06 12.48 -1.45
N GLU B 333 -39.93 11.58 -1.94
CA GLU B 333 -39.65 10.15 -2.24
C GLU B 333 -39.22 10.01 -3.70
N LEU B 334 -37.98 10.35 -4.06
CA LEU B 334 -37.49 10.19 -5.45
C LEU B 334 -37.27 8.69 -5.69
N GLY B 335 -37.77 8.17 -6.82
CA GLY B 335 -37.58 6.77 -7.26
C GLY B 335 -37.52 6.63 -8.77
N ASN B 336 -37.35 5.41 -9.29
CA ASN B 336 -37.32 5.11 -10.75
C ASN B 336 -38.74 5.34 -11.31
N ASN B 337 -39.46 6.29 -10.69
CA ASN B 337 -40.73 6.93 -11.11
C ASN B 337 -40.45 8.03 -12.16
N ALA B 338 -41.20 8.09 -13.27
CA ALA B 338 -41.33 9.31 -14.12
C ALA B 338 -41.77 10.53 -13.29
N GLU B 339 -42.60 10.39 -12.27
CA GLU B 339 -42.76 11.48 -11.26
C GLU B 339 -41.34 11.97 -10.92
N SER B 340 -40.47 11.06 -10.44
CA SER B 340 -39.13 11.39 -9.91
C SER B 340 -38.22 11.98 -11.01
N PHE B 341 -38.22 11.42 -12.23
CA PHE B 341 -37.21 11.75 -13.26
C PHE B 341 -37.54 13.07 -13.97
N ASN B 342 -38.84 13.40 -14.13
CA ASN B 342 -39.31 14.67 -14.78
C ASN B 342 -38.82 15.91 -14.00
N ALA B 343 -38.42 15.78 -12.74
CA ALA B 343 -37.90 16.91 -11.95
C ALA B 343 -36.38 16.94 -12.09
N LEU B 344 -35.77 15.77 -12.20
CA LEU B 344 -34.29 15.61 -12.03
C LEU B 344 -33.57 16.07 -13.31
N ILE B 345 -34.07 15.62 -14.46
CA ILE B 345 -33.57 16.02 -15.81
C ILE B 345 -33.37 17.55 -15.81
N PRO B 346 -34.42 18.37 -15.57
CA PRO B 346 -34.24 19.82 -15.52
C PRO B 346 -33.24 20.29 -14.47
N ASP B 347 -33.32 19.76 -13.25
CA ASP B 347 -32.34 20.11 -12.19
C ASP B 347 -30.93 20.04 -12.78
N LEU B 348 -30.60 18.95 -13.49
CA LEU B 348 -29.23 18.74 -14.05
C LEU B 348 -29.01 19.79 -15.14
N LEU B 349 -29.91 19.83 -16.13
CA LEU B 349 -29.94 20.89 -17.18
C LEU B 349 -29.79 22.25 -16.47
N LEU B 350 -30.51 22.45 -15.37
CA LEU B 350 -30.50 23.74 -14.65
C LEU B 350 -29.12 23.93 -14.02
N MET B 351 -28.43 22.85 -13.65
CA MET B 351 -27.09 22.97 -13.04
C MET B 351 -26.06 23.22 -14.14
N ALA B 352 -26.31 22.69 -15.34
CA ALA B 352 -25.35 22.72 -16.46
C ALA B 352 -25.37 24.11 -17.09
N LEU B 353 -26.58 24.64 -17.25
CA LEU B 353 -26.88 25.87 -18.03
C LEU B 353 -27.22 27.06 -17.11
N ASN B 354 -27.75 26.79 -15.92
CA ASN B 354 -28.15 27.82 -14.94
C ASN B 354 -27.76 27.40 -13.52
N PRO B 355 -26.46 27.44 -13.12
CA PRO B 355 -26.16 27.10 -11.72
C PRO B 355 -27.25 27.50 -10.71
N GLY B 356 -27.93 28.64 -10.91
CA GLY B 356 -28.72 29.37 -9.90
C GLY B 356 -30.18 28.90 -9.82
N GLY B 357 -30.74 28.36 -10.90
CA GLY B 357 -32.10 27.80 -10.89
C GLY B 357 -32.13 26.51 -10.10
N LYS B 358 -33.32 25.91 -9.94
CA LYS B 358 -33.55 24.66 -9.19
C LYS B 358 -35.02 24.26 -9.32
N GLU B 359 -35.29 22.99 -9.57
CA GLU B 359 -36.63 22.41 -9.34
C GLU B 359 -36.87 22.32 -7.82
N ARG B 360 -38.13 22.05 -7.43
CA ARG B 360 -38.66 22.27 -6.05
C ARG B 360 -39.75 21.23 -5.70
N THR B 361 -39.85 20.92 -4.38
CA THR B 361 -40.89 20.08 -3.71
C THR B 361 -42.07 20.98 -3.31
N ILE B 362 -43.30 20.44 -3.34
CA ILE B 362 -44.59 21.19 -3.05
C ILE B 362 -44.41 21.95 -1.72
N SER B 363 -43.70 21.36 -0.76
CA SER B 363 -43.31 22.05 0.50
C SER B 363 -42.66 23.41 0.19
N GLU B 364 -41.78 23.49 -0.81
CA GLU B 364 -40.85 24.64 -1.00
C GLU B 364 -41.52 25.77 -1.79
N TYR B 365 -42.30 25.41 -2.82
CA TYR B 365 -43.17 26.36 -3.55
C TYR B 365 -44.06 27.06 -2.52
N ASP B 366 -44.68 26.30 -1.63
CA ASP B 366 -45.64 26.81 -0.60
C ASP B 366 -44.91 27.77 0.34
N ASP B 367 -43.65 27.55 0.64
CA ASP B 367 -42.83 28.47 1.48
C ASP B 367 -42.60 29.77 0.69
N LEU B 368 -42.20 29.64 -0.58
CA LEU B 368 -41.92 30.78 -1.49
C LEU B 368 -43.21 31.57 -1.72
N GLY B 369 -44.26 30.89 -2.21
CA GLY B 369 -45.54 31.51 -2.58
C GLY B 369 -46.38 31.91 -1.38
N LYS B 370 -45.76 32.10 -0.20
CA LYS B 370 -46.44 32.54 1.05
C LYS B 370 -45.68 33.72 1.71
N ALA B 371 -44.34 33.75 1.67
CA ALA B 371 -43.50 34.83 2.22
C ALA B 371 -43.63 36.13 1.40
N ALA B 372 -44.58 36.18 0.46
CA ALA B 372 -44.96 37.39 -0.29
C ALA B 372 -46.37 37.83 0.15
N GLY B 373 -47.17 36.87 0.62
CA GLY B 373 -48.52 37.11 1.15
C GLY B 373 -49.59 36.43 0.31
N PHE B 374 -49.57 35.10 0.29
CA PHE B 374 -50.70 34.23 -0.19
C PHE B 374 -51.13 33.28 0.94
N ILE B 375 -52.06 32.37 0.63
CA ILE B 375 -52.66 31.35 1.56
C ILE B 375 -53.46 30.34 0.73
N LYS B 376 -53.68 29.14 1.27
CA LYS B 376 -54.42 28.05 0.61
C LYS B 376 -53.81 27.78 -0.78
N THR B 377 -52.50 27.52 -0.84
CA THR B 377 -51.77 27.16 -2.10
C THR B 377 -52.26 25.77 -2.54
N ILE B 378 -53.15 25.71 -3.54
CA ILE B 378 -53.92 24.48 -3.91
C ILE B 378 -53.25 23.77 -5.10
N PRO B 379 -52.24 22.90 -4.85
CA PRO B 379 -51.59 22.12 -5.92
C PRO B 379 -52.44 21.07 -6.63
N ILE B 380 -52.41 21.07 -7.97
CA ILE B 380 -53.23 20.13 -8.80
C ILE B 380 -52.30 19.22 -9.61
N PRO B 381 -52.06 17.95 -9.20
CA PRO B 381 -51.50 16.94 -10.10
C PRO B 381 -52.15 16.87 -11.50
N ILE B 382 -51.35 16.87 -12.58
CA ILE B 382 -51.81 16.90 -14.00
C ILE B 382 -51.34 15.64 -14.76
N SER B 383 -50.07 15.24 -14.64
CA SER B 383 -49.44 14.02 -15.25
C SER B 383 -47.98 13.91 -14.81
N ASN B 384 -47.56 12.73 -14.32
CA ASN B 384 -46.14 12.31 -14.11
C ASN B 384 -45.29 13.35 -13.34
N GLY B 385 -45.91 14.30 -12.61
CA GLY B 385 -45.21 15.36 -11.86
C GLY B 385 -45.66 16.77 -12.24
N LEU B 386 -46.23 16.97 -13.45
CA LEU B 386 -46.79 18.28 -13.92
C LEU B 386 -47.92 18.65 -12.95
N HIS B 387 -47.59 19.40 -11.89
CA HIS B 387 -48.55 20.03 -10.94
C HIS B 387 -48.93 21.42 -11.47
N VAL B 388 -50.02 22.00 -10.98
CA VAL B 388 -50.49 23.37 -11.32
C VAL B 388 -50.74 24.10 -9.99
N ILE B 389 -49.66 24.34 -9.22
CA ILE B 389 -49.67 25.00 -7.88
C ILE B 389 -50.35 26.38 -8.00
N GLU B 390 -51.63 26.47 -7.58
CA GLU B 390 -52.48 27.71 -7.52
C GLU B 390 -52.10 28.52 -6.29
N PHE B 391 -51.73 29.81 -6.43
CA PHE B 391 -51.39 30.73 -5.31
C PHE B 391 -52.49 31.81 -5.22
N HIS B 392 -53.35 31.70 -4.19
CA HIS B 392 -54.62 32.46 -4.04
C HIS B 392 -54.39 33.70 -3.15
N LYS B 393 -55.02 34.82 -3.54
CA LYS B 393 -55.06 36.07 -2.73
C LYS B 393 -56.44 36.18 -2.08
N CYS C 37 22.91 -7.27 43.07
CA CYS C 37 24.18 -7.88 43.67
C CYS C 37 25.16 -8.36 42.57
N TYR C 38 26.45 -8.37 42.87
CA TYR C 38 27.57 -8.49 41.89
C TYR C 38 27.45 -9.79 41.07
N LEU C 39 27.08 -10.90 41.72
CA LEU C 39 27.05 -12.22 41.04
C LEU C 39 25.81 -12.33 40.17
N SER C 40 24.82 -11.45 40.38
CA SER C 40 23.57 -11.39 39.57
C SER C 40 23.93 -10.78 38.21
N GLU C 41 24.77 -9.74 38.22
CA GLU C 41 24.95 -8.85 37.05
C GLU C 41 26.03 -9.43 36.16
N THR C 42 26.97 -10.19 36.71
CA THR C 42 27.92 -10.99 35.87
C THR C 42 27.10 -11.71 34.79
N ALA C 43 25.94 -12.26 35.18
CA ALA C 43 25.02 -13.01 34.31
C ALA C 43 24.21 -12.03 33.46
N ASN C 44 23.46 -11.12 34.10
CA ASN C 44 22.57 -10.16 33.41
C ASN C 44 23.41 -9.32 32.42
N LEU C 45 24.28 -8.44 32.89
CA LEU C 45 25.13 -7.64 31.96
C LEU C 45 26.05 -8.58 31.15
N GLY C 46 26.28 -9.82 31.57
CA GLY C 46 27.32 -10.67 30.95
C GLY C 46 26.83 -11.36 29.70
N LYS C 47 25.55 -11.76 29.69
CA LYS C 47 24.90 -12.55 28.62
C LYS C 47 24.87 -11.73 27.32
N LEU C 48 24.92 -10.41 27.44
CA LEU C 48 24.72 -9.44 26.33
C LEU C 48 25.55 -9.80 25.09
N ILE C 49 26.86 -10.05 25.21
CA ILE C 49 27.73 -10.33 24.02
C ILE C 49 27.46 -11.75 23.54
N CYS C 50 27.01 -12.64 24.42
CA CYS C 50 26.91 -14.09 24.11
C CYS C 50 25.74 -14.29 23.15
N ILE C 51 24.56 -13.79 23.55
CA ILE C 51 23.25 -14.15 22.92
C ILE C 51 23.33 -13.86 21.42
N PRO C 52 23.85 -12.69 20.97
CA PRO C 52 23.97 -12.40 19.55
C PRO C 52 24.96 -13.27 18.78
N MET C 53 26.15 -13.47 19.32
CA MET C 53 27.15 -14.38 18.72
C MET C 53 26.62 -15.82 18.72
N ALA C 54 25.79 -16.19 19.71
CA ALA C 54 25.09 -17.49 19.69
C ALA C 54 24.17 -17.55 18.45
N LEU C 55 23.25 -16.60 18.39
CA LEU C 55 22.22 -16.49 17.32
C LEU C 55 22.89 -16.53 15.95
N ARG C 56 24.02 -15.84 15.82
CA ARG C 56 24.71 -15.67 14.52
C ARG C 56 25.07 -17.07 14.03
N ALA C 57 25.84 -17.77 14.86
CA ALA C 57 26.28 -19.17 14.66
C ALA C 57 25.08 -20.00 14.22
N ALA C 58 24.00 -19.98 15.01
CA ALA C 58 22.76 -20.72 14.70
C ALA C 58 22.30 -20.34 13.29
N MET C 59 22.16 -19.04 13.00
CA MET C 59 21.77 -18.56 11.65
C MET C 59 22.77 -19.12 10.64
N GLU C 60 24.07 -18.91 10.87
CA GLU C 60 25.14 -19.31 9.92
C GLU C 60 24.99 -20.80 9.58
N LEU C 61 24.50 -21.62 10.51
CA LEU C 61 24.35 -23.09 10.39
C LEU C 61 22.96 -23.49 9.87
N ASN C 62 22.07 -22.52 9.66
CA ASN C 62 20.64 -22.68 9.24
C ASN C 62 19.87 -23.60 10.22
N VAL C 63 20.08 -23.45 11.53
CA VAL C 63 19.34 -24.22 12.58
C VAL C 63 17.84 -24.04 12.38
N PHE C 64 17.39 -22.80 12.18
CA PHE C 64 15.95 -22.42 12.26
C PHE C 64 15.21 -23.05 11.08
N GLN C 65 15.78 -22.92 9.86
CA GLN C 65 15.29 -23.60 8.63
C GLN C 65 15.11 -25.11 8.91
N LEU C 66 16.18 -25.79 9.37
CA LEU C 66 16.26 -27.27 9.58
C LEU C 66 15.24 -27.69 10.65
N ILE C 67 15.02 -26.88 11.69
CA ILE C 67 14.06 -27.23 12.77
C ILE C 67 12.64 -27.14 12.17
N SER C 68 12.43 -26.27 11.18
CA SER C 68 11.06 -26.01 10.62
C SER C 68 10.62 -27.21 9.77
N LYS C 69 11.54 -27.76 8.99
CA LYS C 69 11.33 -28.93 8.09
C LYS C 69 10.88 -30.15 8.93
N PHE C 70 11.27 -30.26 10.20
CA PHE C 70 10.78 -31.38 11.04
C PHE C 70 9.27 -31.26 11.26
N GLY C 71 8.65 -30.12 10.99
CA GLY C 71 7.19 -30.05 11.14
C GLY C 71 6.77 -28.84 11.95
N THR C 72 5.54 -28.86 12.47
CA THR C 72 4.81 -27.66 12.97
C THR C 72 5.29 -27.33 14.37
N ASP C 73 4.80 -28.06 15.38
CA ASP C 73 5.22 -27.86 16.78
C ASP C 73 6.37 -28.85 17.05
N ALA C 74 7.12 -29.17 16.00
CA ALA C 74 8.32 -30.04 16.01
C ALA C 74 9.29 -29.55 17.10
N LYS C 75 9.68 -30.48 17.99
CA LYS C 75 10.76 -30.41 19.01
C LYS C 75 11.76 -31.52 18.69
N VAL C 76 13.03 -31.20 18.40
CA VAL C 76 14.05 -32.18 17.93
C VAL C 76 15.37 -32.00 18.70
N SER C 77 15.97 -33.15 19.07
CA SER C 77 17.37 -33.35 19.52
C SER C 77 18.33 -32.65 18.55
N ALA C 78 19.22 -31.80 19.07
CA ALA C 78 20.38 -31.25 18.32
C ALA C 78 21.02 -32.41 17.55
N SER C 79 21.00 -33.60 18.17
CA SER C 79 21.34 -34.93 17.59
C SER C 79 20.78 -35.01 16.17
N GLU C 80 19.45 -34.96 16.07
CA GLU C 80 18.71 -34.92 14.78
C GLU C 80 19.24 -33.73 13.98
N ILE C 81 19.11 -32.51 14.52
CA ILE C 81 19.42 -31.26 13.79
C ILE C 81 20.83 -31.37 13.18
N ALA C 82 21.77 -32.02 13.87
CA ALA C 82 23.17 -32.10 13.38
C ALA C 82 23.17 -33.07 12.19
N SER C 83 22.33 -34.13 12.27
CA SER C 83 22.16 -35.22 11.26
C SER C 83 21.83 -34.62 9.89
N LYS C 84 21.15 -33.46 9.83
CA LYS C 84 20.79 -32.80 8.55
C LYS C 84 21.81 -31.71 8.19
N MET C 85 23.01 -31.73 8.78
CA MET C 85 24.10 -30.78 8.39
C MET C 85 25.13 -31.50 7.51
N PRO C 86 25.01 -31.36 6.16
CA PRO C 86 26.02 -31.93 5.28
C PRO C 86 27.47 -31.49 5.59
N ASN C 87 27.78 -31.01 6.80
CA ASN C 87 29.17 -30.69 7.26
C ASN C 87 29.36 -31.14 8.73
N ALA C 88 28.32 -31.66 9.38
CA ALA C 88 28.44 -32.43 10.64
C ALA C 88 28.43 -33.94 10.33
N LYS C 89 29.03 -34.30 9.18
CA LYS C 89 29.25 -35.70 8.73
C LYS C 89 30.61 -36.17 9.29
N ASN C 90 31.68 -35.43 9.00
CA ASN C 90 33.08 -35.80 9.36
C ASN C 90 33.53 -35.04 10.61
N ASN C 91 32.66 -34.97 11.65
CA ASN C 91 32.90 -34.39 13.01
C ASN C 91 31.87 -34.94 14.00
N PRO C 92 32.24 -35.91 14.87
CA PRO C 92 31.27 -36.61 15.71
C PRO C 92 30.86 -35.82 16.95
N GLU C 93 31.60 -34.75 17.25
CA GLU C 93 31.37 -33.87 18.43
C GLU C 93 30.14 -32.99 18.15
N ALA C 94 29.87 -32.70 16.87
CA ALA C 94 28.89 -31.72 16.36
C ALA C 94 27.62 -31.68 17.21
N ALA C 95 26.89 -32.78 17.29
CA ALA C 95 25.67 -32.82 18.13
C ALA C 95 25.90 -32.06 19.44
N MET C 96 27.01 -32.32 20.13
CA MET C 96 27.19 -31.91 21.56
C MET C 96 27.53 -30.42 21.58
N TYR C 97 28.54 -30.00 20.80
CA TYR C 97 28.95 -28.57 20.77
C TYR C 97 27.77 -27.75 20.25
N LEU C 98 26.93 -28.31 19.36
CA LEU C 98 25.68 -27.66 18.91
C LEU C 98 24.68 -27.60 20.06
N ASP C 99 24.39 -28.70 20.76
CA ASP C 99 23.44 -28.66 21.91
C ASP C 99 23.84 -27.49 22.83
N ARG C 100 25.13 -27.17 22.90
CA ARG C 100 25.63 -26.11 23.82
C ARG C 100 25.18 -24.74 23.29
N ILE C 101 25.50 -24.40 22.03
CA ILE C 101 24.99 -23.18 21.32
C ILE C 101 23.46 -23.12 21.48
N LEU C 102 22.74 -24.17 21.10
CA LEU C 102 21.26 -24.07 21.03
C LEU C 102 20.70 -23.82 22.42
N ARG C 103 21.27 -24.36 23.49
CA ARG C 103 20.59 -24.23 24.81
C ARG C 103 20.67 -22.79 25.35
N LEU C 104 21.70 -21.98 24.99
CA LEU C 104 21.74 -20.54 25.42
C LEU C 104 20.50 -19.87 24.80
N LEU C 105 20.41 -19.96 23.46
CA LEU C 105 19.28 -19.43 22.65
C LEU C 105 17.96 -19.79 23.33
N GLY C 106 17.79 -21.05 23.75
CA GLY C 106 16.63 -21.51 24.52
C GLY C 106 16.44 -20.72 25.81
N ALA C 107 17.43 -20.69 26.69
CA ALA C 107 17.37 -19.86 27.92
C ALA C 107 17.02 -18.42 27.52
N SER C 108 17.68 -17.92 26.45
CA SER C 108 17.56 -16.57 25.85
C SER C 108 16.18 -16.36 25.21
N SER C 109 15.32 -17.39 25.18
CA SER C 109 13.89 -17.35 24.75
C SER C 109 13.74 -17.33 23.21
N ILE C 110 14.79 -17.62 22.44
CA ILE C 110 14.77 -17.55 20.96
C ILE C 110 14.28 -18.89 20.44
N LEU C 111 14.81 -20.01 20.98
CA LEU C 111 14.18 -21.35 20.82
C LEU C 111 13.36 -21.64 22.08
N SER C 112 12.70 -22.81 22.13
CA SER C 112 12.10 -23.44 23.34
C SER C 112 12.62 -24.87 23.54
N VAL C 113 12.92 -25.26 24.79
CA VAL C 113 13.62 -26.53 25.17
C VAL C 113 12.61 -27.51 25.81
N SER C 114 12.81 -28.82 25.60
CA SER C 114 12.03 -29.95 26.19
C SER C 114 13.01 -31.01 26.71
N THR C 115 12.53 -31.96 27.54
CA THR C 115 13.30 -33.02 28.23
C THR C 115 12.57 -34.37 28.15
N GLU C 131 18.54 -35.52 27.02
CA GLU C 131 18.24 -35.00 25.66
C GLU C 131 17.38 -33.73 25.76
N LYS C 132 17.92 -32.61 25.33
CA LYS C 132 17.16 -31.34 25.16
C LYS C 132 16.56 -31.39 23.75
N LEU C 133 15.28 -30.99 23.64
CA LEU C 133 14.51 -30.95 22.37
C LEU C 133 14.11 -29.50 22.10
N TYR C 134 14.50 -28.95 20.95
CA TYR C 134 14.36 -27.49 20.62
C TYR C 134 13.14 -27.28 19.71
N GLY C 135 12.44 -26.15 19.88
CA GLY C 135 11.37 -25.68 18.99
C GLY C 135 11.59 -24.25 18.48
N LEU C 136 10.85 -23.89 17.41
CA LEU C 136 10.65 -22.50 16.95
C LEU C 136 9.70 -21.80 17.93
N THR C 137 10.05 -20.55 18.29
CA THR C 137 9.22 -19.55 18.98
C THR C 137 8.67 -18.64 17.86
N ASN C 138 7.65 -17.81 18.13
CA ASN C 138 7.23 -16.75 17.18
C ASN C 138 8.49 -16.01 16.67
N SER C 139 9.41 -15.64 17.58
CA SER C 139 10.68 -14.92 17.27
C SER C 139 11.53 -15.75 16.26
N SER C 140 11.61 -17.08 16.44
CA SER C 140 12.51 -17.97 15.70
C SER C 140 11.99 -18.11 14.25
N CYS C 141 10.67 -18.03 14.08
CA CYS C 141 9.97 -18.30 12.79
C CYS C 141 10.35 -17.22 11.76
N CYS C 142 10.47 -15.96 12.19
CA CYS C 142 10.97 -14.86 11.35
C CYS C 142 12.37 -15.14 10.82
N LEU C 143 13.01 -16.22 11.31
CA LEU C 143 14.41 -16.59 10.94
C LEU C 143 14.41 -17.79 9.99
N VAL C 144 13.23 -18.30 9.63
CA VAL C 144 12.99 -19.31 8.56
C VAL C 144 12.61 -18.61 7.27
N PRO C 145 13.32 -18.89 6.14
CA PRO C 145 12.93 -18.32 4.86
C PRO C 145 11.62 -18.96 4.41
N ARG C 146 10.76 -18.20 3.72
CA ARG C 146 9.44 -18.65 3.20
C ARG C 146 9.64 -19.37 1.86
N GLN C 147 8.81 -20.37 1.54
CA GLN C 147 8.93 -21.21 0.29
C GLN C 147 8.64 -20.38 -0.97
N GLU C 148 7.79 -19.35 -0.86
CA GLU C 148 7.44 -18.39 -1.94
C GLU C 148 8.72 -17.74 -2.48
N ASP C 149 9.45 -17.02 -1.62
CA ASP C 149 10.56 -16.13 -2.06
C ASP C 149 11.82 -16.28 -1.21
N GLY C 150 11.81 -17.13 -0.18
CA GLY C 150 12.95 -17.35 0.76
C GLY C 150 13.25 -16.11 1.59
N VAL C 151 12.22 -15.43 2.10
CA VAL C 151 12.35 -14.13 2.80
C VAL C 151 12.31 -14.42 4.30
N SER C 152 13.18 -13.73 5.05
CA SER C 152 13.52 -13.93 6.49
C SER C 152 14.28 -12.69 6.94
N LEU C 153 14.40 -12.47 8.24
CA LEU C 153 15.24 -11.36 8.77
C LEU C 153 16.73 -11.73 8.71
N VAL C 154 17.03 -13.01 8.46
CA VAL C 154 18.40 -13.59 8.53
C VAL C 154 19.40 -12.73 7.76
N GLU C 155 19.05 -12.24 6.58
CA GLU C 155 20.03 -11.49 5.74
C GLU C 155 20.30 -10.15 6.44
N GLU C 156 19.26 -9.59 7.03
CA GLU C 156 19.32 -8.28 7.70
C GLU C 156 20.16 -8.45 8.96
N LEU C 157 19.72 -9.34 9.85
CA LEU C 157 20.35 -9.58 11.17
C LEU C 157 21.84 -9.95 11.02
N LEU C 158 22.20 -10.67 9.94
CA LEU C 158 23.61 -11.06 9.61
C LEU C 158 24.42 -9.84 9.20
N PHE C 159 23.78 -8.80 8.72
CA PHE C 159 24.48 -7.57 8.31
C PHE C 159 24.78 -6.79 9.60
N THR C 160 23.74 -6.47 10.37
CA THR C 160 23.85 -5.71 11.65
C THR C 160 24.97 -6.31 12.52
N SER C 161 25.14 -7.63 12.51
CA SER C 161 26.13 -8.34 13.36
C SER C 161 27.34 -8.81 12.54
N ASP C 162 27.41 -8.56 11.23
CA ASP C 162 28.60 -8.95 10.42
C ASP C 162 29.85 -8.38 11.06
N LYS C 163 31.03 -9.01 10.89
CA LYS C 163 32.31 -8.52 11.48
C LYS C 163 32.60 -7.09 10.96
N VAL C 164 32.45 -6.78 9.66
CA VAL C 164 32.63 -5.39 9.09
C VAL C 164 31.95 -4.38 10.04
N VAL C 165 30.67 -4.59 10.40
CA VAL C 165 29.88 -3.66 11.28
C VAL C 165 30.42 -3.75 12.72
N VAL C 166 30.62 -4.94 13.27
CA VAL C 166 30.97 -5.16 14.71
C VAL C 166 32.33 -4.53 15.00
N ASP C 167 33.32 -4.74 14.14
CA ASP C 167 34.64 -4.07 14.24
C ASP C 167 34.42 -2.56 14.42
N SER C 168 33.47 -1.98 13.71
CA SER C 168 33.22 -0.51 13.74
C SER C 168 32.57 -0.10 15.07
N PHE C 169 31.76 -0.95 15.69
CA PHE C 169 31.21 -0.73 17.05
C PHE C 169 32.32 -0.78 18.11
N PHE C 170 33.51 -1.31 17.78
CA PHE C 170 34.67 -1.34 18.73
C PHE C 170 35.38 0.01 18.73
N LYS C 171 35.04 0.93 17.82
CA LYS C 171 35.62 2.31 17.76
C LYS C 171 34.52 3.36 17.98
N LEU C 172 33.40 2.96 18.59
CA LEU C 172 32.24 3.84 18.80
C LEU C 172 32.64 4.92 19.81
N LYS C 173 33.61 4.65 20.68
CA LYS C 173 34.11 5.66 21.64
C LYS C 173 34.69 6.83 20.83
N CYS C 174 35.34 6.54 19.69
CA CYS C 174 36.03 7.53 18.82
C CYS C 174 35.05 8.63 18.39
N VAL C 175 33.78 8.28 18.12
CA VAL C 175 32.68 9.24 17.76
C VAL C 175 32.68 10.39 18.78
N VAL C 176 32.91 10.09 20.07
CA VAL C 176 32.80 11.02 21.25
C VAL C 176 34.12 11.76 21.49
N GLU C 177 35.26 11.10 21.36
CA GLU C 177 36.57 11.61 21.81
C GLU C 177 37.21 12.51 20.73
N GLU C 178 37.12 12.13 19.46
CA GLU C 178 37.72 12.91 18.34
C GLU C 178 36.62 13.83 17.76
N LYS C 179 36.89 14.44 16.59
CA LYS C 179 35.94 15.29 15.83
C LYS C 179 36.01 14.91 14.35
N ASP C 180 34.86 14.63 13.73
CA ASP C 180 34.70 14.27 12.29
C ASP C 180 35.27 12.86 12.03
N SER C 181 35.43 12.02 13.06
CA SER C 181 36.05 10.67 12.97
C SER C 181 34.94 9.64 12.70
N VAL C 182 35.10 8.81 11.66
CA VAL C 182 34.12 7.77 11.23
C VAL C 182 34.57 6.45 11.80
N PRO C 183 33.91 5.89 12.85
CA PRO C 183 34.33 4.65 13.49
C PRO C 183 34.74 3.57 12.48
N PHE C 184 33.91 3.32 11.46
CA PHE C 184 34.27 2.46 10.30
C PHE C 184 35.70 2.80 9.86
N GLU C 185 35.97 4.09 9.63
CA GLU C 185 37.25 4.61 9.06
C GLU C 185 38.43 4.34 10.02
N VAL C 186 38.29 4.77 11.29
CA VAL C 186 39.20 4.40 12.42
C VAL C 186 39.58 2.91 12.22
N ALA C 187 38.57 2.03 12.25
CA ALA C 187 38.71 0.56 12.35
C ALA C 187 39.24 -0.08 11.05
N HIS C 188 39.06 0.52 9.89
CA HIS C 188 39.27 -0.18 8.59
C HIS C 188 40.21 0.59 7.66
N GLY C 189 40.60 1.82 7.99
CA GLY C 189 41.60 2.61 7.24
C GLY C 189 40.95 3.48 6.17
N ALA C 190 39.92 2.96 5.49
CA ALA C 190 39.24 3.58 4.32
C ALA C 190 37.87 4.15 4.73
N LYS C 191 37.01 4.44 3.74
CA LYS C 191 35.58 4.82 3.92
C LYS C 191 34.71 3.69 3.36
N ILE C 192 33.43 3.61 3.76
CA ILE C 192 32.49 2.53 3.32
C ILE C 192 32.50 2.52 1.78
N PHE C 193 32.42 3.71 1.15
CA PHE C 193 32.47 3.95 -0.32
C PHE C 193 33.62 3.14 -0.90
N GLU C 194 34.86 3.61 -0.69
CA GLU C 194 36.11 2.94 -1.14
C GLU C 194 36.02 1.43 -0.86
N TYR C 195 35.78 1.05 0.41
CA TYR C 195 35.92 -0.33 0.96
C TYR C 195 35.16 -1.33 0.08
N ALA C 196 33.89 -1.06 -0.23
CA ALA C 196 33.02 -1.89 -1.08
C ALA C 196 33.79 -2.32 -2.35
N ALA C 197 34.41 -1.37 -3.05
CA ALA C 197 35.21 -1.59 -4.28
C ALA C 197 36.29 -2.65 -4.03
N THR C 198 37.05 -2.50 -2.95
CA THR C 198 38.18 -3.39 -2.59
C THR C 198 37.68 -4.74 -2.06
N GLU C 199 36.39 -4.86 -1.70
CA GLU C 199 35.86 -5.96 -0.84
C GLU C 199 34.39 -6.28 -1.16
N PRO C 200 34.09 -7.05 -2.23
CA PRO C 200 32.71 -7.35 -2.62
C PRO C 200 32.00 -8.37 -1.71
N ARG C 201 32.62 -8.78 -0.60
CA ARG C 201 31.97 -9.67 0.41
C ARG C 201 31.06 -8.80 1.26
N MET C 202 31.58 -7.70 1.83
CA MET C 202 30.80 -6.71 2.60
C MET C 202 29.58 -6.28 1.78
N ASN C 203 29.78 -6.03 0.48
CA ASN C 203 28.72 -5.55 -0.45
C ASN C 203 27.55 -6.54 -0.49
N GLN C 204 27.78 -7.82 -0.83
CA GLN C 204 26.72 -8.87 -0.82
C GLN C 204 25.92 -8.80 0.49
N VAL C 205 26.60 -8.66 1.63
CA VAL C 205 26.01 -8.78 2.99
C VAL C 205 25.06 -7.61 3.20
N PHE C 206 25.53 -6.38 2.97
CA PHE C 206 24.72 -5.13 3.10
C PHE C 206 23.56 -5.22 2.09
N ASN C 207 23.85 -5.45 0.82
CA ASN C 207 22.77 -5.40 -0.20
C ASN C 207 21.70 -6.44 0.15
N ASP C 208 22.03 -7.72 0.27
CA ASP C 208 21.00 -8.76 0.55
C ASP C 208 20.28 -8.44 1.88
N GLY C 209 20.97 -7.85 2.84
CA GLY C 209 20.36 -7.45 4.13
C GLY C 209 19.28 -6.40 3.90
N MET C 210 19.68 -5.26 3.31
CA MET C 210 18.81 -4.12 2.92
C MET C 210 17.66 -4.62 2.02
N ALA C 211 17.95 -5.53 1.10
CA ALA C 211 16.94 -6.10 0.17
C ALA C 211 15.79 -6.68 0.97
N VAL C 212 16.07 -7.70 1.78
CA VAL C 212 15.03 -8.48 2.48
C VAL C 212 14.32 -7.53 3.46
N PHE C 213 15.06 -6.53 3.95
CA PHE C 213 14.55 -5.59 4.99
C PHE C 213 13.46 -4.71 4.35
N SER C 214 13.69 -4.18 3.13
CA SER C 214 12.70 -3.33 2.42
C SER C 214 11.41 -4.15 2.15
N ILE C 215 11.51 -5.43 1.81
CA ILE C 215 10.32 -6.27 1.46
C ILE C 215 9.37 -6.33 2.67
N VAL C 216 9.86 -6.74 3.83
CA VAL C 216 9.04 -6.76 5.07
C VAL C 216 8.50 -5.35 5.35
N VAL C 217 9.28 -4.30 5.08
CA VAL C 217 8.86 -2.89 5.32
C VAL C 217 7.65 -2.57 4.41
N PHE C 218 7.70 -2.90 3.12
CA PHE C 218 6.62 -2.49 2.19
C PHE C 218 5.37 -3.34 2.43
N GLU C 219 5.52 -4.65 2.65
CA GLU C 219 4.37 -5.57 2.93
C GLU C 219 3.56 -5.02 4.11
N ALA C 220 4.25 -4.41 5.07
CA ALA C 220 3.58 -3.73 6.20
C ALA C 220 2.88 -2.50 5.62
N VAL C 221 3.61 -1.56 5.01
CA VAL C 221 3.00 -0.35 4.40
C VAL C 221 1.78 -0.76 3.56
N PHE C 222 1.95 -1.67 2.62
CA PHE C 222 0.88 -2.04 1.66
C PHE C 222 -0.35 -2.52 2.42
N ARG C 223 -0.19 -2.92 3.68
CA ARG C 223 -1.30 -3.47 4.53
C ARG C 223 -2.03 -2.35 5.27
N VAL C 224 -1.38 -1.22 5.54
CA VAL C 224 -1.90 -0.21 6.50
C VAL C 224 -2.20 1.10 5.76
N TYR C 225 -1.20 1.68 5.05
CA TYR C 225 -1.34 2.86 4.13
C TYR C 225 -2.39 2.59 3.04
N ASP C 226 -3.08 3.63 2.60
CA ASP C 226 -4.21 3.52 1.62
C ASP C 226 -3.97 4.50 0.46
N GLY C 227 -2.91 5.32 0.58
CA GLY C 227 -2.56 6.42 -0.34
C GLY C 227 -1.97 5.95 -1.68
N PHE C 228 -1.83 4.65 -1.91
CA PHE C 228 -1.32 4.13 -3.20
C PHE C 228 -2.56 3.86 -4.06
N LEU C 229 -3.51 3.09 -3.51
CA LEU C 229 -4.93 3.19 -3.95
C LEU C 229 -5.02 4.66 -4.37
N ASP C 230 -5.53 4.97 -5.57
CA ASP C 230 -5.82 6.39 -5.96
C ASP C 230 -4.52 7.22 -6.07
N MET C 231 -3.65 6.89 -7.04
CA MET C 231 -2.36 7.57 -7.38
C MET C 231 -1.99 7.08 -8.78
N LYS C 232 -1.25 7.84 -9.59
CA LYS C 232 -0.96 7.38 -10.98
C LYS C 232 0.49 7.68 -11.40
N GLU C 233 1.19 8.64 -10.78
CA GLU C 233 2.66 8.80 -10.87
C GLU C 233 3.28 8.70 -9.46
N LEU C 234 4.57 8.36 -9.33
CA LEU C 234 5.37 8.44 -8.07
C LEU C 234 6.83 8.64 -8.44
N LEU C 235 7.49 9.67 -7.88
CA LEU C 235 8.96 9.86 -8.00
C LEU C 235 9.65 9.37 -6.72
N ASP C 236 10.19 8.16 -6.76
CA ASP C 236 11.17 7.65 -5.78
C ASP C 236 12.44 8.50 -5.94
N VAL C 237 12.55 9.58 -5.16
CA VAL C 237 13.80 10.39 -5.02
C VAL C 237 14.81 9.51 -4.26
N GLY C 238 15.93 9.16 -4.91
CA GLY C 238 17.05 8.40 -4.33
C GLY C 238 16.75 6.91 -4.19
N GLY C 239 16.05 6.32 -5.16
CA GLY C 239 15.64 4.90 -5.11
C GLY C 239 16.72 3.94 -5.61
N GLY C 240 17.87 4.49 -6.01
CA GLY C 240 19.00 3.70 -6.54
C GLY C 240 18.56 2.72 -7.61
N ILE C 241 18.91 1.43 -7.47
CA ILE C 241 18.59 0.39 -8.48
C ILE C 241 17.07 0.42 -8.73
N GLY C 242 16.28 0.96 -7.80
CA GLY C 242 14.84 1.27 -7.95
C GLY C 242 13.91 0.16 -7.46
N THR C 243 14.34 -0.62 -6.46
CA THR C 243 13.57 -1.79 -5.93
C THR C 243 12.30 -1.27 -5.23
N SER C 244 12.42 -0.22 -4.40
CA SER C 244 11.26 0.45 -3.75
C SER C 244 10.14 0.74 -4.77
N VAL C 245 10.39 1.61 -5.77
CA VAL C 245 9.36 2.04 -6.77
C VAL C 245 8.79 0.82 -7.51
N SER C 246 9.61 -0.17 -7.86
CA SER C 246 9.19 -1.37 -8.63
C SER C 246 8.15 -2.20 -7.85
N LYS C 247 8.39 -2.34 -6.53
CA LYS C 247 7.56 -3.12 -5.58
C LYS C 247 6.15 -2.53 -5.58
N ILE C 248 6.05 -1.20 -5.61
CA ILE C 248 4.78 -0.42 -5.49
C ILE C 248 3.95 -0.63 -6.77
N VAL C 249 4.58 -0.29 -7.89
CA VAL C 249 4.07 -0.37 -9.28
C VAL C 249 3.59 -1.78 -9.59
N ALA C 250 4.18 -2.80 -8.99
CA ALA C 250 3.76 -4.20 -9.22
C ALA C 250 2.44 -4.47 -8.46
N LYS C 251 2.33 -3.91 -7.26
CA LYS C 251 1.17 -4.05 -6.36
C LYS C 251 0.05 -3.20 -6.96
N TYR C 252 0.41 -2.03 -7.49
CA TYR C 252 -0.52 -0.96 -7.98
C TYR C 252 -0.21 -0.60 -9.43
N PRO C 253 -0.74 -1.36 -10.43
CA PRO C 253 -0.44 -1.15 -11.85
C PRO C 253 -1.03 0.04 -12.65
N LEU C 254 -1.61 1.04 -11.99
CA LEU C 254 -2.00 2.29 -12.67
C LEU C 254 -0.97 3.38 -12.34
N ILE C 255 0.01 3.03 -11.49
CA ILE C 255 1.04 4.01 -11.06
C ILE C 255 2.19 3.90 -12.06
N ARG C 256 2.58 5.04 -12.58
CA ARG C 256 3.73 5.23 -13.48
C ARG C 256 4.88 5.67 -12.57
N GLY C 257 5.86 4.80 -12.38
CA GLY C 257 6.98 5.06 -11.45
C GLY C 257 8.17 5.68 -12.14
N VAL C 258 8.77 6.69 -11.51
CA VAL C 258 10.12 7.22 -11.88
C VAL C 258 11.05 6.98 -10.67
N ASN C 259 11.97 6.02 -10.82
CA ASN C 259 13.23 5.94 -10.06
C ASN C 259 14.08 7.16 -10.43
N PHE C 260 14.45 8.01 -9.49
CA PHE C 260 15.43 9.10 -9.75
C PHE C 260 16.59 9.03 -8.74
N ASP C 261 17.81 8.86 -9.26
CA ASP C 261 19.07 8.83 -8.45
C ASP C 261 20.24 9.31 -9.33
N LEU C 262 21.48 9.05 -8.92
CA LEU C 262 22.71 9.54 -9.56
C LEU C 262 23.10 8.64 -10.74
N PRO C 263 23.68 9.21 -11.82
CA PRO C 263 24.04 8.47 -13.03
C PRO C 263 24.70 7.09 -12.86
N HIS C 264 25.74 6.99 -12.03
CA HIS C 264 26.52 5.73 -11.82
C HIS C 264 25.67 4.66 -11.13
N VAL C 265 24.67 5.07 -10.33
CA VAL C 265 23.69 4.13 -9.70
C VAL C 265 22.65 3.72 -10.76
N ILE C 266 22.00 4.69 -11.42
CA ILE C 266 21.00 4.40 -12.48
C ILE C 266 21.65 3.52 -13.55
N SER C 267 22.93 3.75 -13.87
CA SER C 267 23.69 3.08 -14.98
C SER C 267 23.57 1.56 -14.84
N VAL C 268 23.59 1.05 -13.61
CA VAL C 268 23.63 -0.40 -13.24
C VAL C 268 22.21 -0.89 -12.89
N ALA C 269 21.20 -0.01 -12.97
CA ALA C 269 19.81 -0.33 -12.56
C ALA C 269 19.17 -1.22 -13.62
N PRO C 270 18.39 -2.24 -13.21
CA PRO C 270 17.62 -3.05 -14.16
C PRO C 270 16.38 -2.33 -14.72
N GLN C 271 15.87 -2.79 -15.85
CA GLN C 271 14.53 -2.42 -16.38
C GLN C 271 13.52 -3.16 -15.51
N TYR C 272 12.53 -2.44 -14.98
CA TYR C 272 11.27 -3.03 -14.43
C TYR C 272 10.09 -2.46 -15.18
N PRO C 273 9.05 -3.28 -15.47
CA PRO C 273 7.72 -2.78 -15.82
C PRO C 273 7.19 -1.65 -14.94
N GLY C 274 6.95 -0.47 -15.54
CA GLY C 274 6.23 0.64 -14.93
C GLY C 274 7.18 1.55 -14.21
N VAL C 275 8.47 1.31 -14.40
CA VAL C 275 9.51 2.22 -13.85
C VAL C 275 10.27 2.82 -15.03
N GLU C 276 10.64 4.09 -14.94
CA GLU C 276 11.51 4.79 -15.92
C GLU C 276 12.67 5.42 -15.14
N HIS C 277 13.91 5.08 -15.49
CA HIS C 277 15.12 5.57 -14.79
C HIS C 277 15.48 6.97 -15.28
N VAL C 278 15.75 7.89 -14.35
CA VAL C 278 16.03 9.33 -14.60
C VAL C 278 17.21 9.74 -13.70
N ALA C 279 18.33 10.14 -14.28
CA ALA C 279 19.59 10.40 -13.55
C ALA C 279 19.62 11.89 -13.22
N GLY C 280 20.54 12.27 -12.33
CA GLY C 280 20.68 13.64 -11.81
C GLY C 280 21.01 13.63 -10.32
N ASP C 281 21.07 14.82 -9.71
CA ASP C 281 21.62 15.08 -8.36
C ASP C 281 20.51 15.66 -7.49
N MET C 282 19.88 14.84 -6.66
CA MET C 282 18.68 15.24 -5.89
C MET C 282 18.99 16.49 -5.06
N PHE C 283 20.28 16.81 -4.86
CA PHE C 283 20.72 18.00 -4.07
C PHE C 283 20.72 19.28 -4.92
N GLU C 284 21.04 19.19 -6.22
CA GLU C 284 20.89 20.30 -7.19
C GLU C 284 19.39 20.52 -7.44
N GLU C 285 18.69 19.55 -8.03
CA GLU C 285 17.23 19.63 -8.35
C GLU C 285 16.65 18.24 -8.54
N VAL C 286 15.35 18.09 -8.25
CA VAL C 286 14.52 16.84 -8.40
C VAL C 286 13.60 17.03 -9.61
N PRO C 287 13.33 16.00 -10.42
CA PRO C 287 12.37 16.11 -11.52
C PRO C 287 10.97 16.46 -11.00
N LYS C 288 10.09 17.00 -11.86
CA LYS C 288 8.68 17.39 -11.54
C LYS C 288 7.81 16.15 -11.25
N GLY C 289 6.79 16.24 -10.39
CA GLY C 289 5.95 15.05 -10.13
C GLY C 289 4.84 15.30 -9.12
N GLN C 290 3.78 14.49 -9.19
CA GLN C 290 2.55 14.69 -8.38
C GLN C 290 2.82 14.14 -6.98
N ASN C 291 3.31 12.90 -6.92
CA ASN C 291 3.72 12.22 -5.66
C ASN C 291 5.24 11.96 -5.70
N MET C 292 5.90 12.13 -4.55
CA MET C 292 7.33 11.78 -4.36
C MET C 292 7.53 10.94 -3.08
N LEU C 293 8.59 10.13 -3.08
CA LEU C 293 8.91 9.13 -2.03
C LEU C 293 10.37 9.30 -1.62
N LEU C 294 10.62 9.27 -0.31
CA LEU C 294 11.99 9.17 0.27
C LEU C 294 12.01 8.04 1.31
N LYS C 295 12.27 6.79 0.89
CA LYS C 295 12.49 5.67 1.86
C LYS C 295 13.92 5.79 2.38
N TRP C 296 14.06 5.88 3.70
CA TRP C 296 15.39 5.96 4.34
C TRP C 296 16.29 6.88 3.52
N VAL C 297 15.91 8.14 3.27
CA VAL C 297 16.89 9.08 2.64
C VAL C 297 17.21 10.20 3.63
N LEU C 298 16.20 10.79 4.25
CA LEU C 298 16.42 11.88 5.23
C LEU C 298 17.41 11.40 6.31
N HIS C 299 17.22 10.20 6.88
CA HIS C 299 18.02 9.74 8.07
C HIS C 299 19.52 9.68 7.75
N ASP C 300 19.89 9.59 6.47
CA ASP C 300 21.31 9.50 6.02
C ASP C 300 21.94 10.89 5.96
N TRP C 301 21.29 11.94 6.48
CA TRP C 301 21.64 13.34 6.12
C TRP C 301 21.40 14.31 7.28
N GLY C 302 22.21 15.37 7.31
CA GLY C 302 22.15 16.46 8.31
C GLY C 302 20.96 17.38 8.09
N ASP C 303 20.38 17.89 9.19
CA ASP C 303 19.26 18.86 9.20
C ASP C 303 19.36 19.81 8.00
N GLU C 304 20.55 20.37 7.69
CA GLU C 304 20.74 21.32 6.55
C GLU C 304 20.36 20.59 5.25
N ARG C 305 21.24 19.77 4.68
CA ARG C 305 20.97 18.99 3.44
C ARG C 305 19.48 18.57 3.42
N CYS C 306 18.98 17.94 4.48
CA CYS C 306 17.57 17.46 4.55
C CYS C 306 16.62 18.56 4.10
N VAL C 307 16.81 19.79 4.57
CA VAL C 307 16.04 20.98 4.10
C VAL C 307 16.35 21.22 2.61
N LYS C 308 17.63 21.42 2.23
CA LYS C 308 18.01 21.66 0.81
C LYS C 308 17.24 20.67 -0.06
N LEU C 309 17.31 19.35 0.22
CA LEU C 309 16.68 18.29 -0.64
C LEU C 309 15.17 18.50 -0.64
N LEU C 310 14.59 18.69 0.53
CA LEU C 310 13.13 18.83 0.70
C LEU C 310 12.61 20.04 -0.07
N LYS C 311 13.46 21.06 -0.27
CA LYS C 311 13.13 22.29 -1.04
C LYS C 311 13.04 21.91 -2.53
N ASN C 312 14.15 21.47 -3.12
CA ASN C 312 14.19 20.86 -4.49
C ASN C 312 12.91 20.07 -4.74
N CYS C 313 12.44 19.31 -3.74
CA CYS C 313 11.21 18.49 -3.79
C CYS C 313 9.99 19.41 -3.94
N TRP C 314 9.89 20.41 -3.07
CA TRP C 314 8.72 21.35 -2.98
C TRP C 314 8.61 22.12 -4.29
N ASN C 315 9.74 22.61 -4.79
CA ASN C 315 9.87 23.25 -6.12
C ASN C 315 9.17 22.39 -7.17
N SER C 316 9.53 21.12 -7.26
CA SER C 316 9.21 20.24 -8.42
C SER C 316 7.86 19.51 -8.23
N LEU C 317 7.10 19.92 -7.19
CA LEU C 317 5.74 19.42 -6.87
C LEU C 317 4.73 20.56 -7.06
N PRO C 318 3.49 20.32 -7.53
CA PRO C 318 2.45 21.35 -7.56
C PRO C 318 1.89 21.67 -6.17
N VAL C 319 0.88 22.54 -6.13
CA VAL C 319 -0.11 22.60 -5.01
C VAL C 319 -1.01 21.35 -5.12
N GLY C 320 -1.31 20.68 -4.00
CA GLY C 320 -2.14 19.46 -3.95
C GLY C 320 -1.31 18.20 -3.72
N GLY C 321 -0.06 18.19 -4.21
CA GLY C 321 0.86 17.05 -4.15
C GLY C 321 1.57 16.94 -2.81
N LYS C 322 2.23 15.78 -2.56
CA LYS C 322 2.77 15.34 -1.25
C LYS C 322 4.09 14.57 -1.44
N VAL C 323 5.13 14.90 -0.64
CA VAL C 323 6.35 14.05 -0.40
C VAL C 323 5.94 12.89 0.55
N LEU C 324 6.49 11.68 0.36
CA LEU C 324 6.28 10.52 1.26
C LEU C 324 7.60 10.14 1.94
N ILE C 325 7.76 10.49 3.22
CA ILE C 325 8.93 10.07 4.04
C ILE C 325 8.57 8.72 4.69
N ILE C 326 9.30 7.63 4.39
CA ILE C 326 9.20 6.32 5.10
C ILE C 326 10.48 6.08 5.91
N GLU C 327 10.35 6.05 7.24
CA GLU C 327 11.47 6.08 8.21
C GLU C 327 10.94 5.50 9.53
N PHE C 328 11.73 4.72 10.25
CA PHE C 328 11.42 4.43 11.68
C PHE C 328 11.51 5.75 12.42
N VAL C 329 10.43 6.15 13.08
CA VAL C 329 10.37 7.45 13.80
C VAL C 329 10.78 7.19 15.26
N LEU C 330 11.72 7.98 15.77
CA LEU C 330 12.36 7.83 17.10
C LEU C 330 11.38 8.28 18.17
N PRO C 331 10.71 7.37 18.92
CA PRO C 331 9.65 7.78 19.85
C PRO C 331 10.19 8.73 20.93
N ASN C 332 9.35 9.72 21.29
CA ASN C 332 9.67 10.90 22.15
C ASN C 332 10.12 10.39 23.51
N GLU C 333 9.31 9.47 24.05
CA GLU C 333 9.48 8.77 25.35
C GLU C 333 10.03 7.35 25.11
N LEU C 334 11.37 7.23 24.96
CA LEU C 334 12.08 5.94 24.69
C LEU C 334 11.87 4.95 25.84
N GLY C 335 11.74 3.67 25.50
CA GLY C 335 11.40 2.59 26.44
C GLY C 335 12.01 1.28 25.99
N ASN C 336 11.67 0.18 26.65
CA ASN C 336 12.11 -1.17 26.24
C ASN C 336 11.00 -1.74 25.39
N ASN C 337 11.01 -1.39 24.11
CA ASN C 337 9.93 -1.61 23.13
C ASN C 337 10.48 -1.50 21.70
N ALA C 338 9.89 -2.31 20.81
CA ALA C 338 10.21 -2.38 19.37
C ALA C 338 10.25 -0.96 18.75
N GLU C 339 9.27 -0.11 19.09
CA GLU C 339 9.20 1.34 18.73
C GLU C 339 10.57 1.95 19.01
N SER C 340 11.05 1.84 20.25
CA SER C 340 12.34 2.43 20.69
C SER C 340 13.47 1.78 19.88
N PHE C 341 13.52 0.45 19.88
CA PHE C 341 14.70 -0.28 19.34
C PHE C 341 14.82 -0.07 17.82
N ASN C 342 13.69 -0.02 17.09
CA ASN C 342 13.65 0.07 15.61
C ASN C 342 14.34 1.34 15.13
N ALA C 343 14.38 2.38 15.95
CA ALA C 343 15.05 3.66 15.62
C ALA C 343 16.46 3.66 16.20
N LEU C 344 16.65 3.00 17.33
CA LEU C 344 17.95 3.07 18.05
C LEU C 344 19.00 2.27 17.28
N ILE C 345 18.64 1.06 16.82
CA ILE C 345 19.55 0.17 16.05
C ILE C 345 20.13 0.97 14.88
N PRO C 346 19.32 1.58 13.99
CA PRO C 346 19.85 2.40 12.90
C PRO C 346 20.63 3.64 13.36
N ASP C 347 20.16 4.31 14.42
CA ASP C 347 20.88 5.51 14.95
C ASP C 347 22.30 5.06 15.27
N LEU C 348 22.46 3.88 15.91
CA LEU C 348 23.78 3.34 16.31
C LEU C 348 24.57 2.96 15.04
N LEU C 349 23.98 2.17 14.15
CA LEU C 349 24.66 1.76 12.89
C LEU C 349 25.08 3.02 12.15
N LEU C 350 24.18 4.01 12.15
CA LEU C 350 24.38 5.32 11.51
C LEU C 350 25.60 5.93 12.20
N MET C 351 25.56 5.98 13.53
CA MET C 351 26.66 6.55 14.34
C MET C 351 27.99 5.96 13.87
N ALA C 352 28.04 4.65 13.60
CA ALA C 352 29.29 3.89 13.38
C ALA C 352 29.73 3.90 11.91
N LEU C 353 28.76 3.93 10.98
CA LEU C 353 29.01 3.83 9.52
C LEU C 353 28.81 5.19 8.85
N ASN C 354 28.10 6.12 9.51
CA ASN C 354 27.76 7.46 8.96
C ASN C 354 27.34 8.37 10.11
N PRO C 355 28.32 8.98 10.82
CA PRO C 355 28.02 9.91 11.91
C PRO C 355 27.14 11.10 11.45
N GLY C 356 27.19 11.43 10.16
CA GLY C 356 26.43 12.53 9.51
C GLY C 356 24.94 12.25 9.47
N GLY C 357 24.53 10.99 9.56
CA GLY C 357 23.12 10.57 9.63
C GLY C 357 22.56 10.70 11.03
N LYS C 358 21.23 10.67 11.16
CA LYS C 358 20.53 10.57 12.46
C LYS C 358 19.08 10.19 12.23
N GLU C 359 18.50 9.48 13.20
CA GLU C 359 17.04 9.25 13.27
C GLU C 359 16.47 10.50 13.96
N ARG C 360 15.13 10.62 14.03
CA ARG C 360 14.39 11.88 14.32
C ARG C 360 12.97 11.57 14.81
N THR C 361 12.36 12.52 15.55
CA THR C 361 11.01 12.46 16.18
C THR C 361 9.94 13.02 15.20
N ILE C 362 8.64 12.60 15.29
CA ILE C 362 7.56 13.19 14.43
C ILE C 362 7.86 14.68 14.43
N SER C 363 7.83 15.31 15.62
CA SER C 363 8.16 16.74 15.85
C SER C 363 9.31 17.18 14.93
N GLU C 364 10.45 16.49 14.98
CA GLU C 364 11.71 16.89 14.30
C GLU C 364 11.50 16.86 12.78
N TYR C 365 10.75 15.90 12.26
CA TYR C 365 10.44 15.78 10.82
C TYR C 365 9.56 16.97 10.43
N ASP C 366 8.47 17.17 11.17
CA ASP C 366 7.54 18.31 10.96
C ASP C 366 8.42 19.54 10.74
N ASP C 367 9.31 19.83 11.68
CA ASP C 367 10.23 20.99 11.55
C ASP C 367 10.82 20.92 10.13
N LEU C 368 11.48 19.82 9.78
CA LEU C 368 12.22 19.71 8.50
C LEU C 368 11.26 20.09 7.36
N GLY C 369 10.10 19.46 7.28
CA GLY C 369 9.08 19.74 6.25
C GLY C 369 8.68 21.23 6.16
N LYS C 370 8.08 21.74 7.24
CA LYS C 370 7.60 23.14 7.35
C LYS C 370 8.73 24.07 6.93
N ALA C 371 9.95 23.83 7.40
CA ALA C 371 11.16 24.61 7.05
C ALA C 371 11.48 24.54 5.55
N ALA C 372 10.73 23.77 4.75
CA ALA C 372 10.85 23.75 3.27
C ALA C 372 9.61 24.41 2.66
N GLY C 373 8.73 24.92 3.52
CA GLY C 373 7.50 25.63 3.13
C GLY C 373 6.35 24.66 2.87
N PHE C 374 6.39 23.47 3.49
CA PHE C 374 5.25 22.52 3.43
C PHE C 374 4.13 23.12 4.31
N ILE C 375 2.89 22.95 3.88
CA ILE C 375 1.67 23.30 4.67
C ILE C 375 1.54 22.21 5.74
N LYS C 376 0.83 21.13 5.43
CA LYS C 376 0.45 20.05 6.38
C LYS C 376 1.58 19.01 6.48
N THR C 377 1.71 18.39 7.66
CA THR C 377 2.45 17.12 7.93
C THR C 377 1.47 16.08 8.48
N ILE C 378 1.33 14.91 7.83
CA ILE C 378 0.47 13.80 8.33
C ILE C 378 1.33 12.58 8.65
N PRO C 379 1.74 12.40 9.93
CA PRO C 379 2.02 11.08 10.51
C PRO C 379 1.00 9.97 10.25
N ILE C 380 1.47 8.81 9.78
CA ILE C 380 0.64 7.59 9.58
C ILE C 380 1.38 6.41 10.21
N PRO C 381 1.22 6.20 11.54
CA PRO C 381 1.69 4.98 12.20
C PRO C 381 1.38 3.72 11.38
N ILE C 382 2.40 3.17 10.69
CA ILE C 382 2.33 1.89 9.92
C ILE C 382 2.53 0.74 10.91
N SER C 383 3.71 0.54 11.51
CA SER C 383 3.93 -0.58 12.47
C SER C 383 5.23 -0.48 13.28
N ASN C 384 5.15 -0.91 14.55
CA ASN C 384 6.27 -0.96 15.53
C ASN C 384 7.25 0.21 15.24
N GLY C 385 6.75 1.39 14.93
CA GLY C 385 7.61 2.57 14.76
C GLY C 385 7.72 2.98 13.31
N LEU C 386 7.51 2.03 12.40
CA LEU C 386 7.50 2.35 10.96
C LEU C 386 6.42 3.41 10.70
N HIS C 387 6.78 4.47 9.98
CA HIS C 387 5.88 5.60 9.68
C HIS C 387 5.93 5.92 8.19
N VAL C 388 4.75 6.22 7.64
CA VAL C 388 4.59 7.09 6.44
C VAL C 388 4.25 8.48 6.96
N ILE C 389 5.13 9.45 6.69
CA ILE C 389 4.94 10.89 6.97
C ILE C 389 4.71 11.55 5.62
N GLU C 390 3.47 12.01 5.38
CA GLU C 390 3.08 12.87 4.22
C GLU C 390 3.39 14.33 4.56
N PHE C 391 4.18 14.98 3.71
CA PHE C 391 4.36 16.45 3.65
C PHE C 391 3.66 16.98 2.39
N HIS C 392 2.68 17.90 2.51
CA HIS C 392 1.85 18.44 1.41
C HIS C 392 2.27 19.87 1.04
N LYS C 393 2.37 20.17 -0.26
CA LYS C 393 2.63 21.54 -0.79
C LYS C 393 1.36 22.37 -0.67
N CYS D 37 4.94 -8.14 13.32
CA CYS D 37 5.82 -9.21 13.88
C CYS D 37 7.24 -9.10 13.30
N TYR D 38 7.52 -9.45 12.05
CA TYR D 38 8.83 -9.12 11.41
C TYR D 38 9.38 -7.80 11.97
N LEU D 39 8.55 -6.75 11.98
CA LEU D 39 8.98 -5.39 12.42
C LEU D 39 8.95 -5.29 13.96
N SER D 40 8.41 -6.29 14.66
CA SER D 40 8.67 -6.47 16.13
C SER D 40 10.04 -7.13 16.35
N GLU D 41 10.42 -8.11 15.52
CA GLU D 41 11.66 -8.90 15.73
C GLU D 41 12.84 -8.18 15.09
N THR D 42 12.65 -7.29 14.11
CA THR D 42 13.75 -6.41 13.62
C THR D 42 14.39 -5.71 14.82
N ALA D 43 13.61 -5.56 15.90
CA ALA D 43 14.02 -4.88 17.14
C ALA D 43 14.47 -5.90 18.21
N ASN D 44 13.65 -6.89 18.57
CA ASN D 44 14.07 -7.96 19.52
C ASN D 44 15.43 -8.53 19.11
N LEU D 45 15.47 -9.22 17.97
CA LEU D 45 16.72 -9.84 17.46
C LEU D 45 17.70 -8.73 17.09
N GLY D 46 17.27 -7.62 16.52
CA GLY D 46 18.24 -6.60 16.07
C GLY D 46 19.06 -5.97 17.21
N LYS D 47 18.47 -5.85 18.40
CA LYS D 47 19.02 -4.99 19.50
C LYS D 47 20.22 -5.67 20.13
N LEU D 48 20.32 -7.01 19.93
CA LEU D 48 21.19 -7.95 20.68
C LEU D 48 22.66 -7.59 20.46
N ILE D 49 23.04 -7.22 19.24
CA ILE D 49 24.45 -6.82 18.94
C ILE D 49 24.70 -5.38 19.45
N CYS D 50 23.65 -4.59 19.65
CA CYS D 50 23.77 -3.12 19.85
C CYS D 50 23.98 -2.84 21.35
N ILE D 51 23.05 -3.29 22.20
CA ILE D 51 23.11 -3.14 23.69
C ILE D 51 24.56 -3.39 24.16
N PRO D 52 25.19 -4.57 23.92
CA PRO D 52 26.54 -4.80 24.40
C PRO D 52 27.61 -3.87 23.81
N MET D 53 27.66 -3.68 22.51
CA MET D 53 28.73 -2.84 21.89
C MET D 53 28.66 -1.40 22.44
N ALA D 54 27.48 -0.97 22.89
CA ALA D 54 27.25 0.36 23.49
C ALA D 54 27.82 0.36 24.90
N LEU D 55 27.29 -0.53 25.74
CA LEU D 55 27.79 -0.76 27.11
C LEU D 55 29.31 -0.79 27.05
N ARG D 56 29.87 -1.54 26.11
CA ARG D 56 31.33 -1.64 25.90
C ARG D 56 31.94 -0.24 25.80
N ALA D 57 31.39 0.63 24.94
CA ALA D 57 31.93 1.97 24.64
C ALA D 57 31.69 2.89 25.85
N ALA D 58 30.51 2.87 26.43
CA ALA D 58 30.22 3.62 27.67
C ALA D 58 31.28 3.27 28.72
N MET D 59 31.54 1.96 28.92
CA MET D 59 32.53 1.43 29.90
C MET D 59 33.93 1.99 29.56
N GLU D 60 34.34 1.88 28.30
CA GLU D 60 35.65 2.43 27.85
C GLU D 60 35.75 3.94 28.11
N LEU D 61 34.63 4.66 28.33
CA LEU D 61 34.63 6.13 28.58
C LEU D 61 34.34 6.42 30.08
N ASN D 62 34.74 5.50 30.97
CA ASN D 62 34.66 5.59 32.46
C ASN D 62 33.32 6.20 32.88
N VAL D 63 32.35 6.28 31.96
CA VAL D 63 31.06 6.96 32.17
C VAL D 63 30.61 6.61 33.60
N PHE D 64 30.23 5.36 33.84
CA PHE D 64 29.44 4.92 35.03
C PHE D 64 30.00 5.52 36.31
N GLN D 65 31.34 5.59 36.37
CA GLN D 65 32.11 6.26 37.44
C GLN D 65 31.51 7.66 37.63
N LEU D 66 31.46 8.44 36.54
CA LEU D 66 31.17 9.90 36.54
C LEU D 66 29.71 10.13 36.95
N ILE D 67 28.73 9.33 36.49
CA ILE D 67 27.33 9.52 36.96
C ILE D 67 27.32 9.29 38.49
N SER D 68 28.24 8.47 39.01
CA SER D 68 28.40 8.27 40.47
C SER D 68 28.88 9.59 41.10
N LYS D 69 30.04 10.06 40.62
CA LYS D 69 30.80 11.24 41.12
C LYS D 69 29.89 12.46 41.33
N PHE D 70 28.81 12.62 40.57
CA PHE D 70 27.91 13.80 40.63
C PHE D 70 26.99 13.71 41.86
N GLY D 71 26.76 12.52 42.45
CA GLY D 71 25.79 12.38 43.54
C GLY D 71 25.20 10.98 43.67
N THR D 72 24.26 10.83 44.59
CA THR D 72 23.80 9.52 45.12
C THR D 72 22.54 9.11 44.37
N ASP D 73 21.68 10.05 43.99
CA ASP D 73 20.63 9.78 42.97
C ASP D 73 20.79 10.78 41.81
N ALA D 74 22.06 11.20 41.56
CA ALA D 74 22.45 12.11 40.45
C ALA D 74 21.84 11.59 39.13
N LYS D 75 21.36 12.51 38.30
CA LYS D 75 20.95 12.29 36.90
C LYS D 75 21.71 13.31 36.04
N VAL D 76 23.03 13.14 35.85
CA VAL D 76 23.87 14.01 34.98
C VAL D 76 23.27 13.98 33.56
N SER D 77 23.60 15.02 32.78
CA SER D 77 23.30 15.19 31.33
C SER D 77 24.45 14.63 30.49
N ALA D 78 24.25 14.58 29.18
CA ALA D 78 25.24 14.15 28.19
C ALA D 78 26.47 15.06 28.29
N SER D 79 26.25 16.39 28.36
CA SER D 79 27.34 17.41 28.42
C SER D 79 27.83 17.52 29.87
N GLU D 80 26.95 17.29 30.86
CA GLU D 80 27.39 17.18 32.28
C GLU D 80 28.50 16.11 32.37
N ILE D 81 28.34 14.98 31.66
CA ILE D 81 29.25 13.79 31.69
C ILE D 81 30.46 14.02 30.77
N ALA D 82 30.28 14.71 29.64
CA ALA D 82 31.35 15.01 28.65
C ALA D 82 32.25 16.16 29.14
N SER D 83 31.70 17.06 29.98
CA SER D 83 32.46 18.15 30.67
C SER D 83 33.68 17.54 31.34
N LYS D 84 33.50 16.33 31.90
CA LYS D 84 34.48 15.61 32.74
C LYS D 84 35.44 14.80 31.86
N MET D 85 35.04 14.39 30.65
CA MET D 85 35.86 13.53 29.75
C MET D 85 36.98 14.32 29.08
N PRO D 86 38.23 14.30 29.61
CA PRO D 86 39.27 15.19 29.11
C PRO D 86 39.63 15.00 27.61
N ASN D 87 39.44 13.79 27.07
CA ASN D 87 39.86 13.47 25.67
C ASN D 87 38.89 14.15 24.69
N ALA D 88 37.64 14.37 25.14
CA ALA D 88 36.56 15.06 24.40
C ALA D 88 36.48 16.52 24.83
N LYS D 89 37.42 17.34 24.35
CA LYS D 89 37.52 18.79 24.66
C LYS D 89 37.79 19.54 23.35
N ASN D 90 38.18 18.79 22.31
CA ASN D 90 38.46 19.32 20.95
C ASN D 90 37.35 18.86 19.98
N ASN D 91 36.29 18.23 20.50
CA ASN D 91 35.10 17.76 19.72
C ASN D 91 33.85 18.46 20.26
N PRO D 92 33.35 19.52 19.58
CA PRO D 92 32.19 20.26 20.08
C PRO D 92 30.92 19.38 20.14
N GLU D 93 30.92 18.26 19.39
CA GLU D 93 29.80 17.28 19.28
C GLU D 93 29.67 16.47 20.58
N ALA D 94 30.75 15.73 20.94
CA ALA D 94 30.91 14.94 22.19
C ALA D 94 29.56 14.73 22.88
N ALA D 95 29.02 15.75 23.54
CA ALA D 95 27.73 15.69 24.27
C ALA D 95 26.68 14.97 23.43
N MET D 96 26.60 15.26 22.12
CA MET D 96 25.53 14.76 21.21
C MET D 96 25.70 13.25 20.96
N TYR D 97 26.82 12.86 20.35
CA TYR D 97 27.15 11.44 20.10
C TYR D 97 26.93 10.64 21.40
N LEU D 98 27.59 11.02 22.49
CA LEU D 98 27.49 10.26 23.77
C LEU D 98 26.00 10.09 24.14
N ASP D 99 25.18 11.13 23.96
CA ASP D 99 23.71 11.06 24.21
C ASP D 99 23.13 9.93 23.34
N ARG D 100 23.68 9.78 22.13
CA ARG D 100 23.19 8.78 21.16
C ARG D 100 23.54 7.39 21.69
N ILE D 101 24.76 7.19 22.20
CA ILE D 101 25.14 5.92 22.91
C ILE D 101 24.24 5.72 24.15
N LEU D 102 24.15 6.69 25.04
CA LEU D 102 23.49 6.49 26.36
C LEU D 102 21.98 6.16 26.19
N ARG D 103 21.24 6.89 25.33
CA ARG D 103 19.80 6.63 24.97
C ARG D 103 19.50 5.12 25.00
N LEU D 104 20.36 4.37 24.32
CA LEU D 104 20.20 2.93 24.00
C LEU D 104 20.34 2.14 25.31
N LEU D 105 21.38 2.51 26.09
CA LEU D 105 21.65 1.99 27.46
C LEU D 105 20.46 2.40 28.36
N GLY D 106 19.96 3.62 28.15
CA GLY D 106 18.63 4.09 28.60
C GLY D 106 17.53 3.10 28.29
N ALA D 107 17.29 2.82 26.99
CA ALA D 107 16.19 1.96 26.48
C ALA D 107 16.25 0.57 27.14
N SER D 108 17.49 0.07 27.30
CA SER D 108 17.85 -1.30 27.77
C SER D 108 17.63 -1.42 29.29
N SER D 109 17.74 -0.31 30.04
CA SER D 109 17.55 -0.25 31.50
C SER D 109 18.86 -0.65 32.19
N ILE D 110 19.98 -0.38 31.53
CA ILE D 110 21.34 -0.41 32.14
C ILE D 110 21.52 0.98 32.78
N LEU D 111 20.78 1.99 32.30
CA LEU D 111 20.64 3.30 32.99
C LEU D 111 19.15 3.62 33.27
N SER D 112 18.91 4.58 34.17
CA SER D 112 17.62 5.31 34.28
C SER D 112 17.72 6.57 33.39
N VAL D 113 16.59 6.90 32.75
CA VAL D 113 16.43 8.03 31.80
C VAL D 113 15.33 8.94 32.36
N SER D 114 15.61 10.25 32.38
CA SER D 114 14.63 11.33 32.70
C SER D 114 14.80 12.48 31.70
N THR D 115 13.69 13.16 31.37
CA THR D 115 13.64 14.41 30.54
C THR D 115 13.26 15.63 31.40
N THR D 116 14.00 16.74 31.20
CA THR D 116 13.86 18.05 31.88
C THR D 116 14.02 19.16 30.83
N LYS D 117 12.95 19.94 30.57
CA LYS D 117 12.88 21.05 29.57
C LYS D 117 13.83 22.19 29.98
N LYS D 118 14.95 22.38 29.26
CA LYS D 118 16.06 23.31 29.62
C LYS D 118 16.36 24.17 28.39
N HIS D 130 15.28 20.48 24.97
CA HIS D 130 14.66 19.21 25.41
C HIS D 130 15.78 18.18 25.67
N GLU D 131 16.08 17.89 26.94
CA GLU D 131 17.38 17.26 27.36
C GLU D 131 17.15 15.95 28.12
N LYS D 132 17.97 14.93 27.78
CA LYS D 132 17.95 13.57 28.40
C LYS D 132 19.01 13.49 29.51
N LEU D 133 18.58 13.17 30.73
CA LEU D 133 19.44 13.05 31.95
C LEU D 133 19.45 11.60 32.43
N TYR D 134 20.66 11.06 32.63
CA TYR D 134 20.95 9.62 32.84
C TYR D 134 21.35 9.39 34.31
N GLY D 135 20.87 8.31 34.93
CA GLY D 135 21.26 7.92 36.31
C GLY D 135 21.56 6.43 36.46
N LEU D 136 22.51 6.07 37.34
CA LEU D 136 22.91 4.66 37.66
C LEU D 136 21.68 3.94 38.23
N THR D 137 21.55 2.63 37.94
CA THR D 137 20.30 1.83 38.06
C THR D 137 20.63 0.45 38.59
N ASN D 138 21.13 0.34 39.83
CA ASN D 138 21.42 -0.93 40.55
C ASN D 138 22.53 -1.69 39.80
N SER D 139 22.15 -2.50 38.81
CA SER D 139 23.08 -3.12 37.82
C SER D 139 24.17 -2.12 37.44
N SER D 140 23.82 -0.94 36.92
CA SER D 140 24.80 0.10 36.46
C SER D 140 25.87 0.33 37.54
N CYS D 141 25.50 0.22 38.84
CA CYS D 141 26.37 0.46 40.03
C CYS D 141 27.54 -0.54 40.09
N CYS D 142 27.34 -1.81 39.72
CA CYS D 142 28.44 -2.81 39.67
C CYS D 142 29.48 -2.42 38.60
N LEU D 143 29.28 -1.29 37.91
CA LEU D 143 30.27 -0.83 36.91
C LEU D 143 31.02 0.40 37.47
N VAL D 144 30.62 0.88 38.66
CA VAL D 144 31.26 2.03 39.38
C VAL D 144 32.27 1.46 40.37
N PRO D 145 33.59 1.60 40.14
CA PRO D 145 34.59 1.04 41.05
C PRO D 145 34.29 1.38 42.53
N ARG D 146 34.89 0.59 43.43
CA ARG D 146 34.77 0.75 44.91
C ARG D 146 35.90 1.69 45.37
N GLN D 147 35.68 2.47 46.44
CA GLN D 147 36.71 3.40 47.01
C GLN D 147 37.87 2.55 47.53
N GLU D 148 37.53 1.56 48.36
CA GLU D 148 38.42 0.50 48.91
C GLU D 148 39.42 0.04 47.83
N ASP D 149 39.00 -0.85 46.92
CA ASP D 149 39.89 -1.70 46.07
C ASP D 149 39.89 -1.22 44.61
N GLY D 150 38.97 -0.33 44.21
CA GLY D 150 38.77 0.03 42.79
C GLY D 150 38.24 -1.15 42.01
N VAL D 151 37.40 -1.98 42.66
CA VAL D 151 36.86 -3.28 42.15
C VAL D 151 35.44 -3.05 41.63
N SER D 152 35.09 -3.76 40.56
CA SER D 152 33.96 -3.51 39.65
C SER D 152 33.82 -4.71 38.69
N LEU D 153 32.63 -4.92 38.13
CA LEU D 153 32.45 -5.86 36.99
C LEU D 153 33.15 -5.29 35.74
N VAL D 154 33.34 -3.98 35.64
CA VAL D 154 33.99 -3.31 34.46
C VAL D 154 35.10 -4.18 33.86
N GLU D 155 36.06 -4.67 34.65
CA GLU D 155 37.30 -5.34 34.12
C GLU D 155 36.94 -6.69 33.47
N GLU D 156 35.97 -7.41 34.04
CA GLU D 156 35.44 -8.74 33.57
C GLU D 156 34.76 -8.54 32.22
N LEU D 157 33.74 -7.68 32.18
CA LEU D 157 32.85 -7.48 31.00
C LEU D 157 33.70 -6.95 29.82
N LEU D 158 34.70 -6.11 30.10
CA LEU D 158 35.58 -5.58 29.03
C LEU D 158 36.40 -6.75 28.48
N PHE D 159 36.40 -7.88 29.19
CA PHE D 159 37.18 -9.11 28.83
C PHE D 159 36.27 -10.01 28.00
N THR D 160 35.10 -10.41 28.54
CA THR D 160 34.13 -11.29 27.83
C THR D 160 33.74 -10.63 26.49
N SER D 161 33.60 -9.28 26.46
CA SER D 161 33.23 -8.45 25.27
C SER D 161 34.46 -8.09 24.40
N ASP D 162 35.69 -8.39 24.84
CA ASP D 162 36.93 -7.91 24.18
C ASP D 162 36.99 -8.41 22.74
N LYS D 163 37.63 -7.65 21.84
CA LYS D 163 37.69 -8.03 20.40
C LYS D 163 38.23 -9.45 20.22
N VAL D 164 39.27 -9.89 20.92
CA VAL D 164 39.85 -11.25 20.61
C VAL D 164 38.83 -12.31 21.05
N VAL D 165 38.07 -12.07 22.12
CA VAL D 165 37.01 -13.03 22.54
C VAL D 165 35.96 -13.07 21.44
N VAL D 166 35.59 -11.91 20.91
CA VAL D 166 34.48 -11.79 19.92
C VAL D 166 35.00 -12.35 18.60
N ASP D 167 36.15 -11.88 18.12
CA ASP D 167 36.82 -12.41 16.90
C ASP D 167 36.72 -13.95 16.90
N SER D 168 36.84 -14.57 18.09
CA SER D 168 36.80 -16.05 18.26
C SER D 168 35.36 -16.50 18.10
N PHE D 169 34.49 -15.88 18.90
CA PHE D 169 33.02 -16.10 18.87
C PHE D 169 32.58 -16.19 17.42
N PHE D 170 33.07 -15.27 16.58
CA PHE D 170 32.70 -15.14 15.14
C PHE D 170 32.99 -16.44 14.36
N LYS D 171 33.94 -17.27 14.80
CA LYS D 171 34.24 -18.60 14.19
C LYS D 171 33.64 -19.71 15.05
N LEU D 172 32.62 -19.42 15.84
CA LEU D 172 31.96 -20.39 16.75
C LEU D 172 31.36 -21.55 15.93
N LYS D 173 30.84 -21.29 14.72
CA LYS D 173 30.27 -22.36 13.87
C LYS D 173 31.33 -23.47 13.65
N CYS D 174 32.61 -23.09 13.62
CA CYS D 174 33.74 -23.99 13.27
C CYS D 174 33.81 -25.20 14.20
N VAL D 175 33.36 -25.13 15.46
CA VAL D 175 33.41 -26.31 16.37
C VAL D 175 32.32 -27.31 16.00
N VAL D 176 31.20 -26.85 15.40
CA VAL D 176 30.04 -27.74 15.04
C VAL D 176 30.36 -28.43 13.71
N GLU D 177 31.10 -27.74 12.83
CA GLU D 177 31.56 -28.25 11.51
C GLU D 177 32.92 -28.95 11.70
N GLU D 178 34.07 -28.32 11.42
CA GLU D 178 35.46 -28.89 11.47
C GLU D 178 35.76 -29.54 12.85
N LYS D 179 35.81 -30.88 12.95
CA LYS D 179 36.16 -31.63 14.20
C LYS D 179 37.56 -31.22 14.67
N ASP D 180 37.78 -31.19 15.99
CA ASP D 180 39.02 -30.74 16.68
C ASP D 180 39.42 -29.33 16.21
N SER D 181 38.47 -28.40 16.02
CA SER D 181 38.74 -27.00 15.60
C SER D 181 38.58 -26.08 16.83
N VAL D 182 39.49 -25.12 17.04
CA VAL D 182 39.44 -24.15 18.20
C VAL D 182 39.15 -22.77 17.62
N PRO D 183 37.94 -22.22 17.86
CA PRO D 183 37.50 -20.99 17.22
C PRO D 183 38.64 -19.96 17.20
N PHE D 184 39.19 -19.70 18.38
CA PHE D 184 40.30 -18.74 18.61
C PHE D 184 41.38 -18.93 17.55
N GLU D 185 41.76 -20.19 17.29
CA GLU D 185 42.91 -20.56 16.42
C GLU D 185 42.53 -20.25 14.96
N VAL D 186 41.28 -20.52 14.59
CA VAL D 186 40.74 -20.17 13.23
C VAL D 186 40.76 -18.64 13.12
N ALA D 187 40.40 -17.96 14.21
CA ALA D 187 40.35 -16.49 14.29
C ALA D 187 41.76 -15.95 14.16
N HIS D 188 42.64 -16.36 15.05
CA HIS D 188 43.85 -15.57 15.39
C HIS D 188 45.11 -16.16 14.76
N GLY D 189 45.16 -17.47 14.48
CA GLY D 189 46.37 -18.17 14.01
C GLY D 189 47.10 -18.87 15.16
N ALA D 190 47.58 -18.07 16.13
CA ALA D 190 48.22 -18.56 17.38
C ALA D 190 47.25 -19.42 18.21
N LYS D 191 47.79 -20.41 18.95
CA LYS D 191 47.15 -20.96 20.17
C LYS D 191 47.12 -19.82 21.21
N ILE D 192 46.12 -19.81 22.10
CA ILE D 192 45.80 -18.66 23.01
C ILE D 192 47.05 -18.31 23.81
N PHE D 193 47.71 -19.32 24.38
CA PHE D 193 48.89 -19.17 25.27
C PHE D 193 50.05 -18.48 24.51
N GLU D 194 50.34 -18.93 23.28
CA GLU D 194 51.31 -18.24 22.35
C GLU D 194 50.91 -16.76 22.26
N TYR D 195 49.63 -16.51 21.92
CA TYR D 195 49.04 -15.17 21.72
C TYR D 195 49.14 -14.39 23.05
N ALA D 196 48.70 -15.00 24.16
CA ALA D 196 48.65 -14.36 25.50
C ALA D 196 50.00 -13.70 25.84
N ALA D 197 51.08 -14.38 25.49
CA ALA D 197 52.47 -13.94 25.73
C ALA D 197 52.88 -12.87 24.70
N THR D 198 52.62 -13.09 23.41
CA THR D 198 53.06 -12.19 22.30
C THR D 198 52.41 -10.81 22.46
N GLU D 199 51.26 -10.69 23.15
CA GLU D 199 50.44 -9.45 23.18
C GLU D 199 50.07 -9.06 24.60
N PRO D 200 50.89 -8.21 25.25
CA PRO D 200 50.57 -7.67 26.58
C PRO D 200 49.11 -7.24 26.82
N ARG D 201 48.50 -6.54 25.86
CA ARG D 201 47.14 -5.93 25.98
C ARG D 201 46.12 -7.00 26.37
N MET D 202 46.05 -8.11 25.64
CA MET D 202 44.98 -9.15 25.82
C MET D 202 45.25 -9.90 27.13
N ASN D 203 46.52 -9.92 27.56
CA ASN D 203 46.98 -10.41 28.89
C ASN D 203 46.40 -9.51 29.99
N GLN D 204 46.72 -8.21 29.99
CA GLN D 204 46.12 -7.23 30.94
C GLN D 204 44.60 -7.42 30.96
N VAL D 205 43.97 -7.61 29.80
CA VAL D 205 42.49 -7.76 29.70
C VAL D 205 42.08 -9.05 30.39
N PHE D 206 42.69 -10.20 30.02
CA PHE D 206 42.31 -11.53 30.54
C PHE D 206 42.57 -11.54 32.05
N ASN D 207 43.82 -11.26 32.45
CA ASN D 207 44.29 -11.37 33.86
C ASN D 207 43.38 -10.48 34.73
N ASP D 208 43.39 -9.17 34.49
CA ASP D 208 42.55 -8.22 35.28
C ASP D 208 41.15 -8.84 35.38
N GLY D 209 40.52 -9.14 34.25
CA GLY D 209 39.12 -9.64 34.22
C GLY D 209 38.94 -10.84 35.13
N MET D 210 39.79 -11.85 34.91
CA MET D 210 39.76 -13.15 35.64
C MET D 210 40.05 -12.86 37.13
N ALA D 211 40.95 -11.91 37.42
CA ALA D 211 41.26 -11.45 38.79
C ALA D 211 39.95 -10.99 39.48
N VAL D 212 39.40 -9.84 39.07
CA VAL D 212 38.17 -9.21 39.65
C VAL D 212 37.09 -10.29 39.86
N PHE D 213 36.89 -11.18 38.90
CA PHE D 213 35.83 -12.21 39.00
C PHE D 213 36.14 -13.04 40.25
N SER D 214 37.42 -13.38 40.43
CA SER D 214 37.90 -14.17 41.59
C SER D 214 37.66 -13.37 42.89
N ILE D 215 38.02 -12.07 42.91
CA ILE D 215 37.78 -11.19 44.09
C ILE D 215 36.29 -11.32 44.44
N VAL D 216 35.39 -11.26 43.45
CA VAL D 216 33.90 -11.28 43.64
C VAL D 216 33.46 -12.71 44.04
N VAL D 217 34.01 -13.77 43.41
CA VAL D 217 33.60 -15.19 43.63
C VAL D 217 33.89 -15.54 45.11
N PHE D 218 34.92 -14.91 45.71
CA PHE D 218 35.42 -15.29 47.05
C PHE D 218 34.71 -14.52 48.17
N GLU D 219 34.52 -13.19 48.06
CA GLU D 219 33.67 -12.39 49.02
C GLU D 219 32.35 -13.14 49.26
N ALA D 220 31.79 -13.71 48.18
CA ALA D 220 30.55 -14.50 48.11
C ALA D 220 30.71 -15.76 48.96
N VAL D 221 31.83 -16.49 48.76
CA VAL D 221 32.09 -17.82 49.39
C VAL D 221 32.18 -17.60 50.90
N PHE D 222 32.89 -16.55 51.31
CA PHE D 222 33.21 -16.26 52.73
C PHE D 222 31.94 -15.89 53.49
N ARG D 223 31.00 -15.24 52.81
CA ARG D 223 29.77 -14.73 53.44
C ARG D 223 28.81 -15.91 53.67
N VAL D 224 29.13 -17.11 53.15
CA VAL D 224 28.13 -18.22 53.15
C VAL D 224 28.77 -19.52 53.62
N TYR D 225 29.96 -19.87 53.13
CA TYR D 225 30.62 -21.17 53.43
C TYR D 225 31.26 -21.11 54.83
N ASP D 226 30.90 -22.01 55.74
CA ASP D 226 31.47 -22.03 57.12
C ASP D 226 32.78 -22.85 57.17
N GLY D 227 32.84 -23.94 56.40
CA GLY D 227 33.80 -25.07 56.51
C GLY D 227 35.28 -24.70 56.71
N PHE D 228 35.70 -23.51 56.31
CA PHE D 228 37.13 -23.14 56.36
C PHE D 228 37.62 -23.18 57.81
N LEU D 229 36.91 -22.55 58.75
CA LEU D 229 37.11 -22.72 60.23
C LEU D 229 36.92 -24.21 60.55
N ASP D 230 37.85 -24.80 61.30
CA ASP D 230 37.84 -26.26 61.61
C ASP D 230 38.71 -27.01 60.59
N MET D 231 39.49 -26.32 59.76
CA MET D 231 40.46 -26.91 58.79
C MET D 231 41.88 -26.62 59.29
N LYS D 232 42.77 -27.62 59.24
CA LYS D 232 44.18 -27.51 59.69
C LYS D 232 45.12 -27.34 58.48
N GLU D 233 44.73 -27.84 57.28
CA GLU D 233 45.52 -27.73 56.02
C GLU D 233 44.57 -27.50 54.81
N LEU D 234 45.04 -26.81 53.76
CA LEU D 234 44.36 -26.79 52.41
C LEU D 234 45.43 -26.78 51.30
N LEU D 235 45.34 -27.77 50.40
CA LEU D 235 46.07 -27.77 49.09
C LEU D 235 45.11 -27.24 48.00
N ASP D 236 45.55 -26.20 47.31
CA ASP D 236 44.97 -25.66 46.04
C ASP D 236 45.50 -26.51 44.87
N VAL D 237 44.85 -27.65 44.56
CA VAL D 237 45.21 -28.54 43.40
C VAL D 237 44.94 -27.74 42.12
N GLY D 238 45.89 -26.92 41.68
CA GLY D 238 45.80 -26.17 40.42
C GLY D 238 45.69 -24.68 40.65
N GLY D 239 46.11 -24.22 41.82
CA GLY D 239 45.83 -22.86 42.33
C GLY D 239 46.75 -21.78 41.79
N GLY D 240 47.41 -21.97 40.65
CA GLY D 240 48.04 -20.84 39.92
C GLY D 240 49.15 -20.16 40.74
N ILE D 241 49.20 -18.81 40.78
CA ILE D 241 50.20 -18.07 41.62
C ILE D 241 49.69 -18.04 43.07
N GLY D 242 48.65 -18.82 43.38
CA GLY D 242 48.22 -19.13 44.76
C GLY D 242 47.43 -18.01 45.43
N THR D 243 46.87 -17.08 44.63
CA THR D 243 45.95 -16.01 45.12
C THR D 243 44.81 -16.65 45.92
N SER D 244 44.20 -17.73 45.40
CA SER D 244 43.04 -18.39 46.07
C SER D 244 43.38 -18.68 47.53
N VAL D 245 44.41 -19.51 47.79
CA VAL D 245 44.66 -20.16 49.12
C VAL D 245 45.19 -19.11 50.08
N SER D 246 46.06 -18.20 49.60
CA SER D 246 46.55 -17.00 50.34
C SER D 246 45.39 -16.24 51.00
N LYS D 247 44.34 -15.94 50.22
CA LYS D 247 43.13 -15.25 50.72
C LYS D 247 42.48 -16.14 51.78
N ILE D 248 42.39 -17.44 51.54
CA ILE D 248 41.72 -18.35 52.51
C ILE D 248 42.56 -18.33 53.80
N VAL D 249 43.88 -18.46 53.66
CA VAL D 249 44.81 -18.50 54.82
C VAL D 249 44.64 -17.17 55.57
N ALA D 250 44.76 -16.05 54.86
CA ALA D 250 44.68 -14.68 55.42
C ALA D 250 43.47 -14.54 56.36
N LYS D 251 42.29 -15.06 55.99
CA LYS D 251 41.02 -14.87 56.74
C LYS D 251 40.85 -15.97 57.79
N TYR D 252 41.66 -17.03 57.75
CA TYR D 252 41.57 -18.19 58.69
C TYR D 252 42.98 -18.65 59.07
N PRO D 253 43.79 -17.82 59.78
CA PRO D 253 45.25 -18.02 59.82
C PRO D 253 45.72 -19.41 60.31
N LEU D 254 44.91 -20.11 61.15
CA LEU D 254 45.16 -21.49 61.63
C LEU D 254 45.64 -22.39 60.47
N ILE D 255 44.97 -22.32 59.31
CA ILE D 255 45.14 -23.23 58.14
C ILE D 255 46.60 -23.14 57.61
N ARG D 256 47.18 -24.33 57.37
CA ARG D 256 48.42 -24.56 56.60
C ARG D 256 48.05 -24.50 55.11
N GLY D 257 48.64 -23.52 54.41
CA GLY D 257 48.40 -23.30 52.97
C GLY D 257 49.50 -23.90 52.10
N VAL D 258 49.12 -24.86 51.25
CA VAL D 258 49.94 -25.37 50.11
C VAL D 258 49.24 -24.94 48.80
N ASN D 259 49.96 -24.25 47.93
CA ASN D 259 49.61 -24.01 46.49
C ASN D 259 50.36 -25.06 45.65
N PHE D 260 49.68 -25.80 44.77
CA PHE D 260 50.33 -26.77 43.84
C PHE D 260 49.99 -26.38 42.41
N ASP D 261 50.95 -26.46 41.48
CA ASP D 261 50.73 -26.21 40.03
C ASP D 261 52.06 -26.34 39.24
N LEU D 262 51.97 -26.30 37.91
CA LEU D 262 53.09 -26.56 36.96
C LEU D 262 54.32 -25.72 37.32
N PRO D 263 55.55 -26.27 37.09
CA PRO D 263 56.78 -25.54 37.34
C PRO D 263 56.75 -24.08 36.91
N HIS D 264 56.32 -23.79 35.68
CA HIS D 264 56.35 -22.41 35.09
C HIS D 264 55.35 -21.51 35.83
N VAL D 265 54.18 -22.06 36.17
CA VAL D 265 53.17 -21.39 37.05
C VAL D 265 53.89 -21.07 38.38
N ILE D 266 54.35 -22.10 39.12
CA ILE D 266 54.76 -22.03 40.57
C ILE D 266 56.07 -21.23 40.70
N SER D 267 56.85 -21.09 39.63
CA SER D 267 58.14 -20.35 39.56
C SER D 267 57.94 -18.86 39.84
N VAL D 268 57.08 -18.20 39.04
CA VAL D 268 56.86 -16.72 39.04
C VAL D 268 55.92 -16.35 40.20
N ALA D 269 55.36 -17.35 40.89
CA ALA D 269 54.57 -17.18 42.12
C ALA D 269 55.38 -16.35 43.12
N PRO D 270 54.79 -15.30 43.75
CA PRO D 270 55.43 -14.60 44.86
C PRO D 270 55.10 -15.31 46.19
N GLN D 271 55.68 -14.81 47.29
CA GLN D 271 55.56 -15.46 48.62
C GLN D 271 54.34 -14.90 49.32
N TYR D 272 53.75 -15.70 50.21
CA TYR D 272 52.50 -15.43 50.96
C TYR D 272 52.64 -15.97 52.37
N PRO D 273 52.37 -15.19 53.45
CA PRO D 273 52.42 -15.74 54.80
C PRO D 273 51.45 -16.93 54.95
N GLY D 274 51.96 -18.15 55.20
CA GLY D 274 51.13 -19.33 55.55
C GLY D 274 50.84 -20.24 54.36
N VAL D 275 51.16 -19.77 53.16
CA VAL D 275 51.05 -20.52 51.89
C VAL D 275 52.46 -21.01 51.57
N GLU D 276 52.61 -22.27 51.14
CA GLU D 276 53.88 -22.89 50.68
C GLU D 276 53.62 -23.58 49.34
N HIS D 277 54.44 -23.30 48.31
CA HIS D 277 54.27 -23.85 46.94
C HIS D 277 54.91 -25.26 46.81
N VAL D 278 54.11 -26.31 46.63
CA VAL D 278 54.54 -27.60 46.02
C VAL D 278 54.40 -27.46 44.49
N ALA D 279 55.51 -27.43 43.71
CA ALA D 279 55.48 -27.44 42.22
C ALA D 279 55.30 -28.88 41.69
N GLY D 280 54.71 -29.05 40.50
CA GLY D 280 54.57 -30.37 39.84
C GLY D 280 53.36 -30.47 38.91
N ASP D 281 53.04 -31.70 38.48
CA ASP D 281 52.04 -32.06 37.42
C ASP D 281 50.83 -32.77 38.07
N MET D 282 49.75 -32.02 38.34
CA MET D 282 48.50 -32.48 39.02
C MET D 282 47.90 -33.70 38.31
N PHE D 283 48.38 -34.03 37.12
CA PHE D 283 47.85 -35.19 36.39
C PHE D 283 48.62 -36.43 36.84
N GLU D 284 49.97 -36.35 36.95
CA GLU D 284 50.85 -37.39 37.56
C GLU D 284 50.38 -37.64 39.00
N GLU D 285 51.02 -37.03 40.00
CA GLU D 285 50.66 -37.27 41.43
C GLU D 285 50.40 -35.93 42.12
N VAL D 286 49.58 -35.94 43.17
CA VAL D 286 49.27 -34.70 43.95
C VAL D 286 49.74 -34.88 45.39
N PRO D 287 50.39 -33.82 45.95
CA PRO D 287 50.77 -33.81 47.37
C PRO D 287 49.64 -34.34 48.26
N LYS D 288 49.99 -34.80 49.47
CA LYS D 288 48.99 -35.28 50.48
C LYS D 288 48.54 -34.01 51.21
N GLY D 289 47.28 -33.98 51.66
CA GLY D 289 46.65 -32.86 52.39
C GLY D 289 45.32 -33.31 52.97
N GLN D 290 44.90 -32.71 54.10
CA GLN D 290 43.70 -33.12 54.88
C GLN D 290 42.44 -32.62 54.15
N ASN D 291 42.62 -31.62 53.28
CA ASN D 291 41.58 -31.01 52.42
C ASN D 291 42.21 -30.51 51.10
N MET D 292 41.57 -30.77 49.96
CA MET D 292 41.96 -30.11 48.69
C MET D 292 40.90 -29.05 48.26
N LEU D 293 41.24 -28.26 47.23
CA LEU D 293 40.41 -27.21 46.57
C LEU D 293 40.68 -27.22 45.08
N LEU D 294 39.59 -27.26 44.30
CA LEU D 294 39.62 -27.11 42.82
C LEU D 294 38.68 -25.98 42.40
N LYS D 295 39.18 -24.73 42.39
CA LYS D 295 38.43 -23.53 41.93
C LYS D 295 38.66 -23.41 40.43
N TRP D 296 37.60 -23.68 39.64
CA TRP D 296 37.63 -23.60 38.16
C TRP D 296 38.81 -24.41 37.62
N VAL D 297 38.85 -25.69 38.02
CA VAL D 297 39.76 -26.69 37.43
C VAL D 297 38.95 -27.59 36.50
N LEU D 298 38.00 -28.33 37.07
CA LEU D 298 37.25 -29.41 36.38
C LEU D 298 36.72 -28.91 35.04
N HIS D 299 36.18 -27.70 35.01
CA HIS D 299 35.50 -27.08 33.85
C HIS D 299 36.49 -26.84 32.71
N ASP D 300 37.77 -27.22 32.86
CA ASP D 300 38.77 -27.11 31.77
C ASP D 300 39.00 -28.47 31.10
N TRP D 301 38.43 -29.55 31.66
CA TRP D 301 38.84 -30.95 31.35
C TRP D 301 37.61 -31.85 31.16
N GLY D 302 37.70 -32.79 30.22
CA GLY D 302 36.64 -33.78 29.95
C GLY D 302 36.56 -34.84 31.02
N ASP D 303 35.43 -35.55 31.11
CA ASP D 303 35.14 -36.53 32.19
C ASP D 303 36.37 -37.43 32.38
N GLU D 304 37.11 -37.67 31.29
CA GLU D 304 38.35 -38.51 31.28
C GLU D 304 39.35 -37.87 32.28
N ARG D 305 40.22 -36.94 31.83
CA ARG D 305 41.20 -36.19 32.68
C ARG D 305 40.58 -35.86 34.04
N CYS D 306 39.30 -35.49 34.12
CA CYS D 306 38.67 -35.12 35.42
C CYS D 306 38.75 -36.34 36.35
N VAL D 307 38.06 -37.44 36.04
CA VAL D 307 38.02 -38.70 36.86
C VAL D 307 39.43 -38.98 37.41
N LYS D 308 40.48 -38.85 36.58
CA LYS D 308 41.91 -39.01 36.99
C LYS D 308 42.24 -37.96 38.06
N LEU D 309 42.31 -36.66 37.69
CA LEU D 309 42.65 -35.53 38.63
C LEU D 309 41.96 -35.81 39.97
N LEU D 310 40.68 -36.17 39.94
CA LEU D 310 39.87 -36.34 41.17
C LEU D 310 40.36 -37.60 41.92
N LYS D 311 40.81 -38.65 41.21
CA LYS D 311 41.36 -39.93 41.78
C LYS D 311 42.67 -39.65 42.55
N ASN D 312 43.67 -39.09 41.89
CA ASN D 312 44.89 -38.58 42.58
C ASN D 312 44.46 -37.88 43.89
N CYS D 313 43.44 -37.04 43.85
CA CYS D 313 43.06 -36.24 45.04
C CYS D 313 42.69 -37.24 46.14
N TRP D 314 41.92 -38.27 45.82
CA TRP D 314 41.44 -39.33 46.77
C TRP D 314 42.62 -40.08 47.39
N ASN D 315 43.66 -40.33 46.61
CA ASN D 315 44.90 -40.99 47.09
C ASN D 315 45.54 -40.06 48.12
N SER D 316 46.00 -38.87 47.69
CA SER D 316 46.84 -37.95 48.51
C SER D 316 46.01 -37.33 49.66
N LEU D 317 44.75 -37.73 49.84
CA LEU D 317 43.82 -37.16 50.86
C LEU D 317 43.56 -38.23 51.93
N PRO D 318 43.66 -37.88 53.23
CA PRO D 318 43.33 -38.82 54.31
C PRO D 318 41.85 -39.16 54.42
N VAL D 319 41.54 -40.30 55.05
CA VAL D 319 40.15 -40.73 55.42
C VAL D 319 39.60 -39.71 56.41
N GLY D 320 38.40 -39.19 56.12
CA GLY D 320 37.80 -38.02 56.82
C GLY D 320 37.86 -36.77 55.94
N GLY D 321 38.91 -36.64 55.12
CA GLY D 321 39.23 -35.44 54.31
C GLY D 321 38.17 -35.15 53.26
N LYS D 322 38.41 -34.15 52.40
CA LYS D 322 37.48 -33.84 51.29
C LYS D 322 38.10 -32.85 50.29
N VAL D 323 37.81 -33.05 48.99
CA VAL D 323 38.14 -32.07 47.93
C VAL D 323 36.91 -31.14 47.79
N LEU D 324 37.17 -29.85 47.54
CA LEU D 324 36.19 -28.75 47.36
C LEU D 324 36.21 -28.28 45.91
N ILE D 325 35.05 -28.41 45.23
CA ILE D 325 34.75 -27.86 43.88
C ILE D 325 34.03 -26.53 44.09
N ILE D 326 34.71 -25.42 43.82
CA ILE D 326 34.05 -24.10 43.64
C ILE D 326 33.95 -23.95 42.11
N GLU D 327 32.74 -24.14 41.58
CA GLU D 327 32.35 -24.05 40.15
C GLU D 327 30.98 -23.37 40.05
N PHE D 328 30.66 -22.80 38.88
CA PHE D 328 29.27 -22.40 38.51
C PHE D 328 28.47 -23.64 38.07
N VAL D 329 27.49 -24.06 38.86
CA VAL D 329 26.67 -25.29 38.62
C VAL D 329 25.56 -24.94 37.59
N LEU D 330 25.48 -25.73 36.52
CA LEU D 330 24.48 -25.60 35.42
C LEU D 330 23.12 -25.98 35.98
N PRO D 331 22.11 -25.07 35.97
CA PRO D 331 20.75 -25.42 36.39
C PRO D 331 20.29 -26.71 35.73
N ASN D 332 19.50 -27.50 36.47
CA ASN D 332 18.83 -28.74 35.99
C ASN D 332 17.89 -28.34 34.84
N GLU D 333 16.94 -27.45 35.14
CA GLU D 333 16.07 -26.74 34.15
C GLU D 333 16.62 -25.32 33.92
N LEU D 334 17.12 -25.05 32.70
CA LEU D 334 17.69 -23.73 32.29
C LEU D 334 16.56 -22.71 32.02
N GLY D 335 16.86 -21.41 32.15
CA GLY D 335 15.87 -20.35 31.88
C GLY D 335 16.51 -18.96 31.80
N ASN D 336 15.71 -17.90 31.80
CA ASN D 336 16.25 -16.52 31.79
C ASN D 336 16.34 -16.01 33.23
N ASN D 337 17.48 -16.25 33.85
CA ASN D 337 17.77 -16.17 35.31
C ASN D 337 19.30 -16.10 35.41
N ALA D 338 19.89 -15.69 36.53
CA ALA D 338 21.36 -15.58 36.66
C ALA D 338 21.96 -16.99 36.80
N GLU D 339 21.28 -17.87 37.54
CA GLU D 339 21.66 -19.30 37.78
C GLU D 339 22.13 -19.92 36.45
N SER D 340 21.30 -19.82 35.41
CA SER D 340 21.53 -20.38 34.05
C SER D 340 22.68 -19.66 33.34
N PHE D 341 22.68 -18.33 33.33
CA PHE D 341 23.54 -17.55 32.40
C PHE D 341 24.97 -17.48 32.96
N ASN D 342 25.12 -17.75 34.27
CA ASN D 342 26.41 -17.77 35.02
C ASN D 342 27.20 -19.07 34.70
N ALA D 343 26.50 -20.15 34.30
CA ALA D 343 27.05 -21.38 33.70
C ALA D 343 27.28 -21.19 32.20
N LEU D 344 26.35 -20.53 31.50
CA LEU D 344 26.36 -20.47 30.01
C LEU D 344 27.39 -19.44 29.50
N ILE D 345 27.41 -18.19 30.01
CA ILE D 345 28.45 -17.18 29.61
C ILE D 345 29.80 -17.93 29.52
N PRO D 346 30.23 -18.70 30.55
CA PRO D 346 31.52 -19.41 30.49
C PRO D 346 31.63 -20.61 29.53
N ASP D 347 30.70 -21.56 29.59
CA ASP D 347 30.64 -22.73 28.67
C ASP D 347 30.81 -22.23 27.22
N LEU D 348 30.06 -21.22 26.81
CA LEU D 348 30.27 -20.59 25.47
C LEU D 348 31.71 -20.11 25.38
N LEU D 349 32.15 -19.35 26.37
CA LEU D 349 33.53 -18.79 26.42
C LEU D 349 34.54 -19.93 26.34
N LEU D 350 34.24 -21.05 26.99
CA LEU D 350 35.12 -22.24 26.95
C LEU D 350 35.17 -22.71 25.49
N MET D 351 34.01 -23.03 24.91
CA MET D 351 33.81 -23.45 23.50
C MET D 351 34.71 -22.65 22.55
N ALA D 352 34.90 -21.37 22.76
CA ALA D 352 35.55 -20.47 21.78
C ALA D 352 37.06 -20.44 22.00
N LEU D 353 37.50 -20.57 23.27
CA LEU D 353 38.91 -20.41 23.73
C LEU D 353 39.50 -21.74 24.24
N ASN D 354 38.66 -22.76 24.41
CA ASN D 354 39.04 -24.11 24.92
C ASN D 354 37.87 -25.04 24.64
N PRO D 355 37.68 -25.47 23.38
CA PRO D 355 36.64 -26.46 23.08
C PRO D 355 36.64 -27.64 24.07
N GLY D 356 37.82 -27.91 24.65
CA GLY D 356 38.08 -29.00 25.60
C GLY D 356 37.24 -28.94 26.87
N GLY D 357 36.89 -27.73 27.34
CA GLY D 357 36.14 -27.51 28.59
C GLY D 357 34.64 -27.68 28.40
N LYS D 358 33.91 -27.96 29.48
CA LYS D 358 32.42 -27.86 29.56
C LYS D 358 32.02 -27.42 30.98
N GLU D 359 30.84 -26.82 31.16
CA GLU D 359 30.20 -26.67 32.51
C GLU D 359 29.29 -27.90 32.72
N ARG D 360 28.88 -28.17 33.98
CA ARG D 360 28.31 -29.49 34.42
C ARG D 360 27.20 -29.25 35.44
N THR D 361 26.30 -30.21 35.65
CA THR D 361 25.18 -30.13 36.64
C THR D 361 25.55 -30.85 37.96
N ILE D 362 24.81 -30.57 39.06
CA ILE D 362 25.04 -31.20 40.40
C ILE D 362 25.35 -32.68 40.15
N SER D 363 24.49 -33.36 39.35
CA SER D 363 24.62 -34.79 38.95
C SER D 363 26.00 -35.06 38.32
N GLU D 364 26.20 -34.64 37.09
CA GLU D 364 27.51 -34.72 36.37
C GLU D 364 28.70 -34.50 37.33
N TYR D 365 28.63 -33.56 38.29
CA TYR D 365 29.73 -33.35 39.27
C TYR D 365 29.76 -34.61 40.14
N ASP D 366 28.73 -34.82 40.96
CA ASP D 366 28.51 -36.11 41.66
C ASP D 366 29.08 -37.25 40.81
N ASP D 367 28.48 -37.60 39.68
CA ASP D 367 28.97 -38.66 38.76
C ASP D 367 30.52 -38.73 38.81
N LEU D 368 31.21 -37.63 38.49
CA LEU D 368 32.69 -37.60 38.52
C LEU D 368 33.17 -38.09 39.89
N GLY D 369 32.69 -37.48 40.97
CA GLY D 369 33.06 -37.88 42.35
C GLY D 369 33.16 -39.39 42.46
N LYS D 370 32.00 -40.04 42.56
CA LYS D 370 31.81 -41.52 42.53
C LYS D 370 32.86 -42.19 41.62
N ALA D 371 33.01 -41.81 40.35
CA ALA D 371 34.06 -42.40 39.47
C ALA D 371 35.39 -42.46 40.23
N ALA D 372 35.92 -41.34 40.72
CA ALA D 372 37.23 -41.27 41.45
C ALA D 372 37.08 -42.00 42.79
N GLY D 373 35.84 -42.14 43.29
CA GLY D 373 35.44 -43.10 44.32
C GLY D 373 35.18 -42.44 45.65
N PHE D 374 34.58 -41.25 45.65
CA PHE D 374 34.23 -40.48 46.88
C PHE D 374 32.89 -40.98 47.41
N ILE D 375 32.77 -41.13 48.73
CA ILE D 375 31.60 -41.74 49.44
C ILE D 375 30.36 -40.87 49.19
N LYS D 376 30.33 -39.66 49.78
CA LYS D 376 29.24 -38.65 49.71
C LYS D 376 29.68 -37.45 48.85
N THR D 377 28.72 -36.79 48.17
CA THR D 377 28.86 -35.47 47.50
C THR D 377 27.90 -34.50 48.20
N ILE D 378 28.33 -33.28 48.52
CA ILE D 378 27.50 -32.27 49.26
C ILE D 378 27.48 -30.96 48.45
N PRO D 379 26.37 -30.65 47.75
CA PRO D 379 26.24 -29.36 47.06
C PRO D 379 25.84 -28.24 48.04
N ILE D 380 26.69 -27.23 48.23
CA ILE D 380 26.41 -26.02 49.06
C ILE D 380 26.31 -24.82 48.10
N PRO D 381 25.07 -24.35 47.82
CA PRO D 381 24.88 -23.22 46.92
C PRO D 381 25.34 -21.94 47.64
N ILE D 382 26.21 -21.12 47.01
CA ILE D 382 26.74 -19.86 47.59
C ILE D 382 25.94 -18.65 47.10
N SER D 383 25.80 -18.40 45.80
CA SER D 383 25.08 -17.22 45.23
C SER D 383 24.97 -17.30 43.69
N ASN D 384 23.73 -17.20 43.16
CA ASN D 384 23.40 -17.19 41.70
C ASN D 384 23.98 -18.40 40.95
N GLY D 385 23.88 -19.60 41.52
CA GLY D 385 24.38 -20.84 40.90
C GLY D 385 25.81 -21.18 41.32
N LEU D 386 26.62 -20.18 41.67
CA LEU D 386 27.94 -20.44 42.29
C LEU D 386 27.73 -21.44 43.43
N HIS D 387 28.42 -22.58 43.39
CA HIS D 387 28.34 -23.70 44.36
C HIS D 387 29.71 -23.96 44.99
N VAL D 388 29.76 -24.41 46.23
CA VAL D 388 30.95 -25.15 46.76
C VAL D 388 30.44 -26.59 46.92
N ILE D 389 30.92 -27.49 46.04
CA ILE D 389 30.55 -28.94 46.02
C ILE D 389 31.67 -29.67 46.79
N GLU D 390 31.35 -30.23 47.98
CA GLU D 390 32.26 -31.03 48.86
C GLU D 390 32.25 -32.52 48.48
N PHE D 391 33.37 -33.05 47.97
CA PHE D 391 33.59 -34.51 47.78
C PHE D 391 34.38 -35.06 48.99
N HIS D 392 33.69 -35.80 49.88
CA HIS D 392 34.25 -36.56 51.04
C HIS D 392 34.83 -37.93 50.58
N LYS D 393 35.93 -38.39 51.20
CA LYS D 393 36.62 -39.67 50.88
C LYS D 393 36.08 -40.82 51.75
#